data_9UZA
#
_entry.id   9UZA
#
_cell.length_a   98.767
_cell.length_b   99.779
_cell.length_c   180.419
_cell.angle_alpha   90.00
_cell.angle_beta   90.00
_cell.angle_gamma   90.00
#
_symmetry.space_group_name_H-M   'P 21 21 21'
#
loop_
_entity.id
_entity.type
_entity.pdbx_description
1 polymer 'RNA-directed RNA polymerase L'
2 polymer 'mAb G5 Fab heavy chain'
3 polymer 'mAb G5 Fab light chain'
#
loop_
_entity_poly.entity_id
_entity_poly.type
_entity_poly.pdbx_seq_one_letter_code
_entity_poly.pdbx_strand_id
1 'polypeptide(L)'
;GPLGSEPIAIICDGIEGNMKQLFSVLPPDCARECEVLFDDIRNSPTHSTAWKHALRLKGTAYEGLFANCYGWQYIPEDIK
PSLTMLIQTLFPDKFEDFLDRTQLHPEFRDLTPDFSLTQKVHFKRNQIPSVENVQISIDATLPESVEAVPVTERKMFPLP
ETPLNEVHSIERIMENFTRLMHGGKPLATKKDEDLTEQDSQQNAIEHESSSISAFKDYGERGIVEGNHMRFSEEDQLETR
QLLLVEVGFQTDIDGKIRTDHKKWKDILKLLELLGIKCSFVACADCSSTPPDRWWITEDRVRILKNSVSFLFNKLSRNS
;
A,B
2 'polypeptide(L)'
;EVMLVESGAELVRPGALVDLSCKASGFNIKDYYIHWVKQRPEQGLEWIGWIDPKNVNTIYDPKFQGKATITADTSSNTAY
LRLSSLTSEDTAVYYCVRDVNYLDYWGQGTTLTVSSASTKGPSVFPLAPSSKSTSGGTAALGCLVKDYFPEPVTVSWNSG
ALTSGVHTFPAVLQSSGLYSLSSVVTVPSSSLGTQTYICNVNHKPSNTKVDKKVEPKSCDKTHHHHHH
;
H,C
3 'polypeptide(L)'
;DIKMTQSPLSLPVSLGDQASISCRSSQSLVHSNGHTYLHWYLQKPGQSPKLLIYKVSNRFSGVPDRFSGSGSGTDFTLKI
SRVEAEDLGIYFCSQSTHVPFTFGSGTKLEIKRTVAAPSVFIFPPSDEQLKSGTASVVCLLNNFYPREAKVQWKVDNALQ
SGNSQESVTEQDSKDSTYSLSSTLTLSKADYEKHKVYACEVTHQGLSSPVTKSFNRGEC
;
L,D
#
# COMPACT_ATOMS: atom_id res chain seq x y z
N GLU A 6 9.82 -45.91 10.91
CA GLU A 6 9.72 -45.42 12.28
C GLU A 6 8.77 -44.21 12.33
N PRO A 7 7.82 -44.26 13.27
CA PRO A 7 6.84 -43.17 13.41
C PRO A 7 7.46 -41.85 13.85
N ILE A 8 7.17 -40.78 13.11
CA ILE A 8 7.82 -39.49 13.37
C ILE A 8 7.52 -39.01 14.80
N ALA A 9 6.33 -39.28 15.31
CA ALA A 9 6.08 -38.94 16.71
C ALA A 9 7.00 -39.72 17.64
N ILE A 10 7.36 -40.96 17.28
CA ILE A 10 8.26 -41.78 18.10
C ILE A 10 9.70 -41.28 18.00
N ILE A 11 10.16 -40.94 16.79
CA ILE A 11 11.47 -40.29 16.66
C ILE A 11 11.51 -39.00 17.47
N CYS A 12 10.42 -38.20 17.42
CA CYS A 12 10.36 -36.96 18.20
C CYS A 12 10.21 -37.20 19.68
N ASP A 13 9.56 -38.29 20.09
CA ASP A 13 9.59 -38.63 21.51
C ASP A 13 11.00 -38.98 21.94
N GLY A 14 11.75 -39.63 21.05
CA GLY A 14 13.08 -40.11 21.40
C GLY A 14 14.12 -39.01 21.50
N ILE A 15 13.99 -37.96 20.71
CA ILE A 15 14.99 -36.91 20.73
C ILE A 15 14.48 -35.67 21.38
N GLU A 16 13.34 -35.76 22.09
CA GLU A 16 12.73 -34.62 22.74
C GLU A 16 13.69 -33.98 23.74
N GLY A 17 14.46 -34.81 24.45
CA GLY A 17 15.42 -34.28 25.40
C GLY A 17 16.50 -33.45 24.74
N ASN A 18 17.12 -33.97 23.68
CA ASN A 18 18.12 -33.19 22.97
C ASN A 18 17.56 -31.85 22.51
N MET A 19 16.33 -31.86 21.97
CA MET A 19 15.70 -30.64 21.47
C MET A 19 15.54 -29.63 22.58
N LYS A 20 14.99 -30.07 23.71
CA LYS A 20 14.81 -29.18 24.85
C LYS A 20 16.13 -28.58 25.29
N GLN A 21 17.24 -29.32 25.14
CA GLN A 21 18.55 -28.72 25.44
C GLN A 21 18.92 -27.68 24.40
N LEU A 22 18.60 -27.93 23.13
CA LEU A 22 18.85 -26.95 22.07
C LEU A 22 18.11 -25.65 22.33
N PHE A 23 16.85 -25.74 22.78
CA PHE A 23 16.03 -24.58 23.00
C PHE A 23 16.54 -23.73 24.17
N SER A 24 17.15 -24.35 25.17
CA SER A 24 17.52 -23.56 26.34
C SER A 24 18.73 -22.67 26.07
N VAL A 25 19.54 -23.00 25.07
CA VAL A 25 20.70 -22.18 24.69
C VAL A 25 20.37 -21.18 23.59
N LEU A 26 19.05 -21.13 23.09
CA LEU A 26 18.66 -20.23 22.00
C LEU A 26 18.10 -18.91 22.52
N PRO A 27 18.30 -17.82 21.76
CA PRO A 27 17.67 -16.54 22.10
C PRO A 27 16.18 -16.74 22.26
N PRO A 28 15.51 -16.02 23.18
CA PRO A 28 14.11 -16.36 23.48
C PRO A 28 13.18 -16.38 22.26
N ASP A 29 13.26 -15.37 21.37
CA ASP A 29 12.46 -15.38 20.13
C ASP A 29 12.78 -16.61 19.27
N CYS A 30 14.05 -17.00 19.19
CA CYS A 30 14.38 -18.17 18.39
C CYS A 30 13.88 -19.44 19.04
N ALA A 31 14.00 -19.52 20.36
CA ALA A 31 13.64 -20.73 21.06
C ALA A 31 12.16 -21.04 20.85
N ARG A 32 11.33 -20.01 21.00
CA ARG A 32 9.91 -20.19 20.78
C ARG A 32 9.65 -20.65 19.36
N GLU A 33 10.29 -19.99 18.41
CA GLU A 33 10.07 -20.27 16.99
C GLU A 33 10.40 -21.73 16.65
N CYS A 34 11.44 -22.29 17.26
CA CYS A 34 11.82 -23.70 17.07
C CYS A 34 10.99 -24.67 17.89
N GLU A 35 10.39 -24.20 18.98
CA GLU A 35 9.44 -25.06 19.67
C GLU A 35 8.30 -25.42 18.74
N VAL A 36 7.72 -24.43 18.07
CA VAL A 36 6.64 -24.73 17.13
C VAL A 36 7.13 -25.68 16.05
N LEU A 37 8.30 -25.41 15.48
CA LEU A 37 8.82 -26.23 14.38
C LEU A 37 9.01 -27.69 14.80
N PHE A 38 9.31 -27.94 16.08
CA PHE A 38 9.38 -29.30 16.61
C PHE A 38 8.00 -29.91 16.85
N ASP A 39 7.04 -29.16 17.44
CA ASP A 39 5.66 -29.65 17.55
C ASP A 39 5.07 -29.96 16.19
N ASP A 40 5.41 -29.13 15.19
CA ASP A 40 4.97 -29.36 13.82
C ASP A 40 5.58 -30.64 13.25
N ILE A 41 6.87 -30.87 13.50
CA ILE A 41 7.51 -32.08 13.00
C ILE A 41 6.90 -33.30 13.67
N ARG A 42 6.64 -33.23 14.98
CA ARG A 42 6.02 -34.35 15.67
C ARG A 42 4.66 -34.73 15.06
N ASN A 43 3.84 -33.73 14.69
CA ASN A 43 2.45 -33.95 14.29
C ASN A 43 2.29 -34.08 12.79
N SER A 44 3.39 -34.07 12.05
CA SER A 44 3.38 -34.04 10.58
C SER A 44 2.65 -35.26 10.04
N PRO A 45 2.07 -35.13 8.86
CA PRO A 45 1.44 -36.29 8.22
C PRO A 45 2.44 -37.18 7.48
N THR A 46 3.37 -36.56 6.74
CA THR A 46 4.25 -37.26 5.82
C THR A 46 5.69 -36.96 6.20
N HIS A 47 6.55 -37.87 5.76
CA HIS A 47 7.98 -37.61 5.79
C HIS A 47 8.34 -36.44 4.88
N SER A 48 7.52 -36.17 3.87
CA SER A 48 7.77 -35.02 3.01
C SER A 48 7.51 -33.73 3.79
N THR A 49 6.41 -33.69 4.57
CA THR A 49 6.11 -32.54 5.42
C THR A 49 7.09 -32.43 6.59
N ALA A 50 7.40 -33.53 7.25
CA ALA A 50 8.30 -33.47 8.39
C ALA A 50 9.64 -32.90 7.96
N TRP A 51 10.15 -33.43 6.84
CA TRP A 51 11.43 -33.03 6.31
C TRP A 51 11.53 -31.53 6.07
N LYS A 52 10.46 -30.91 5.55
CA LYS A 52 10.54 -29.49 5.22
C LYS A 52 10.60 -28.64 6.50
N HIS A 53 9.91 -29.09 7.56
CA HIS A 53 10.00 -28.39 8.85
C HIS A 53 11.39 -28.47 9.45
N ALA A 54 11.99 -29.67 9.38
CA ALA A 54 13.37 -29.82 9.83
C ALA A 54 14.28 -28.85 9.09
N LEU A 55 14.15 -28.75 7.76
CA LEU A 55 14.97 -27.81 7.00
C LEU A 55 14.86 -26.40 7.53
N ARG A 56 13.67 -26.00 7.96
CA ARG A 56 13.55 -24.69 8.59
C ARG A 56 14.06 -24.71 10.02
N LEU A 57 13.78 -25.79 10.77
CA LEU A 57 14.20 -25.87 12.17
C LEU A 57 15.70 -25.91 12.31
N LYS A 58 16.39 -26.54 11.35
CA LYS A 58 17.86 -26.53 11.30
C LYS A 58 18.43 -25.14 11.18
N GLY A 59 18.04 -24.42 10.13
CA GLY A 59 18.57 -23.08 9.92
C GLY A 59 18.11 -22.12 11.00
N THR A 60 16.87 -22.26 11.46
CA THR A 60 16.41 -21.38 12.53
C THR A 60 17.24 -21.60 13.77
N ALA A 61 17.51 -22.86 14.09
CA ALA A 61 18.38 -23.15 15.22
C ALA A 61 19.76 -22.57 14.99
N TYR A 62 20.29 -22.73 13.78
CA TYR A 62 21.64 -22.28 13.50
C TYR A 62 21.78 -20.77 13.69
N GLU A 63 20.85 -19.97 13.14
CA GLU A 63 20.94 -18.52 13.32
C GLU A 63 20.80 -18.13 14.77
N GLY A 64 19.91 -18.82 15.50
CA GLY A 64 19.77 -18.51 16.89
C GLY A 64 21.09 -18.74 17.60
N LEU A 65 21.75 -19.85 17.25
CA LEU A 65 23.05 -20.13 17.82
C LEU A 65 24.07 -19.08 17.38
N PHE A 66 24.13 -18.76 16.09
CA PHE A 66 25.12 -17.82 15.57
C PHE A 66 24.90 -16.43 16.16
N ALA A 67 23.63 -16.01 16.27
CA ALA A 67 23.33 -14.74 16.92
C ALA A 67 23.78 -14.71 18.38
N ASN A 68 23.64 -15.84 19.07
CA ASN A 68 23.96 -15.90 20.48
C ASN A 68 25.45 -15.78 20.71
N CYS A 69 26.27 -16.42 19.84
CA CYS A 69 27.73 -16.58 19.97
C CYS A 69 28.51 -15.31 19.76
N TYR A 70 27.90 -14.27 19.16
CA TYR A 70 28.57 -13.00 18.92
C TYR A 70 27.91 -11.79 19.55
N GLY A 71 26.94 -11.99 20.44
CA GLY A 71 26.29 -10.90 21.12
C GLY A 71 25.14 -10.24 20.37
N TRP A 72 24.71 -10.82 19.25
CA TRP A 72 23.68 -10.23 18.41
C TRP A 72 22.32 -10.80 18.78
N GLN A 73 21.27 -10.13 18.31
CA GLN A 73 19.92 -10.59 18.57
C GLN A 73 19.31 -11.21 17.34
N TYR A 74 18.73 -12.38 17.54
CA TYR A 74 18.00 -13.10 16.53
C TYR A 74 16.80 -12.27 16.08
N ILE A 75 16.74 -11.94 14.80
CA ILE A 75 15.63 -11.16 14.24
C ILE A 75 14.71 -12.14 13.53
N PRO A 76 13.50 -12.42 14.04
CA PRO A 76 12.66 -13.47 13.46
C PRO A 76 12.46 -13.18 11.99
N GLU A 77 12.28 -14.25 11.21
CA GLU A 77 12.38 -14.07 9.75
C GLU A 77 11.46 -12.96 9.28
N ASP A 78 10.24 -12.97 9.76
CA ASP A 78 9.23 -12.05 9.27
C ASP A 78 9.52 -10.58 9.62
N ILE A 79 10.25 -10.28 10.69
CA ILE A 79 10.50 -8.88 11.04
C ILE A 79 11.94 -8.47 10.71
N LYS A 80 12.66 -9.29 9.94
CA LYS A 80 14.01 -8.95 9.52
C LYS A 80 13.94 -7.74 8.62
N PRO A 81 14.75 -6.71 8.86
CA PRO A 81 14.69 -5.52 8.03
C PRO A 81 15.23 -5.78 6.64
N SER A 82 14.64 -5.09 5.68
CA SER A 82 15.11 -5.11 4.31
C SER A 82 16.12 -3.98 4.15
N LEU A 83 16.60 -3.80 2.94
CA LEU A 83 17.48 -2.67 2.69
C LEU A 83 16.72 -1.35 2.76
N THR A 84 15.54 -1.27 2.12
CA THR A 84 14.78 -0.01 2.11
C THR A 84 14.48 0.48 3.52
N MET A 85 14.17 -0.43 4.44
CA MET A 85 13.97 -0.03 5.82
C MET A 85 15.26 0.45 6.46
N LEU A 86 16.37 -0.24 6.20
CA LEU A 86 17.63 0.13 6.84
C LEU A 86 18.05 1.53 6.41
N ILE A 87 18.05 1.79 5.11
CA ILE A 87 18.41 3.11 4.61
C ILE A 87 17.45 4.15 5.18
N GLN A 88 16.15 3.89 5.05
CA GLN A 88 15.15 4.84 5.52
C GLN A 88 15.24 5.08 7.01
N THR A 89 15.43 4.03 7.80
CA THR A 89 15.46 4.24 9.23
C THR A 89 16.74 4.96 9.64
N LEU A 90 17.88 4.42 9.17
CA LEU A 90 19.20 4.85 9.60
C LEU A 90 19.65 6.15 8.93
N PHE A 91 19.30 6.33 7.64
CA PHE A 91 19.73 7.47 6.82
C PHE A 91 18.56 8.13 6.09
N PRO A 92 17.73 8.93 6.77
CA PRO A 92 16.56 9.50 6.07
C PRO A 92 16.88 10.42 4.91
N ASP A 93 17.81 11.37 5.07
CA ASP A 93 18.14 12.34 4.03
C ASP A 93 18.62 11.66 2.75
N LYS A 94 19.41 10.61 2.88
CA LYS A 94 19.85 9.89 1.69
C LYS A 94 18.76 9.00 1.12
N PHE A 95 17.62 8.81 1.82
CA PHE A 95 16.63 7.83 1.37
C PHE A 95 16.06 8.20 0.00
N GLU A 96 15.84 9.49 -0.23
CA GLU A 96 15.31 9.87 -1.53
C GLU A 96 16.36 9.62 -2.62
N ASP A 97 17.65 9.82 -2.27
CA ASP A 97 18.76 9.56 -3.17
C ASP A 97 18.91 8.05 -3.45
N PHE A 98 18.77 7.24 -2.39
CA PHE A 98 18.79 5.78 -2.53
C PHE A 98 17.68 5.31 -3.46
N LEU A 99 16.46 5.81 -3.25
CA LEU A 99 15.35 5.36 -4.07
C LEU A 99 15.69 5.53 -5.54
N ASP A 100 16.46 6.59 -5.88
CA ASP A 100 16.77 6.86 -7.28
C ASP A 100 17.70 5.82 -7.87
N ARG A 101 18.83 5.55 -7.21
CA ARG A 101 19.84 4.69 -7.82
C ARG A 101 19.29 3.33 -8.19
N THR A 102 18.37 2.82 -7.38
CA THR A 102 17.84 1.48 -7.60
C THR A 102 16.61 1.50 -8.48
N GLN A 103 16.31 2.62 -9.14
CA GLN A 103 15.07 2.67 -9.92
C GLN A 103 15.09 1.63 -11.04
N LEU A 104 16.29 1.38 -11.59
CA LEU A 104 16.48 0.30 -12.56
C LEU A 104 16.67 -1.07 -11.92
N HIS A 105 17.12 -1.13 -10.66
CA HIS A 105 17.18 -2.39 -9.91
C HIS A 105 16.34 -2.28 -8.64
N PRO A 106 15.01 -2.29 -8.75
CA PRO A 106 14.20 -2.27 -7.52
C PRO A 106 14.41 -3.52 -6.68
N GLU A 107 14.98 -4.58 -7.27
CA GLU A 107 15.26 -5.80 -6.52
C GLU A 107 16.25 -5.58 -5.40
N PHE A 108 17.16 -4.61 -5.52
CA PHE A 108 18.08 -4.33 -4.43
C PHE A 108 17.32 -3.84 -3.21
N ARG A 109 16.18 -3.19 -3.44
CA ARG A 109 15.48 -2.46 -2.40
C ARG A 109 15.06 -3.36 -1.25
N ASP A 110 14.85 -4.64 -1.55
CA ASP A 110 14.19 -5.57 -0.64
C ASP A 110 15.12 -6.60 -0.03
N LEU A 111 16.39 -6.56 -0.34
CA LEU A 111 17.30 -7.54 0.23
C LEU A 111 17.31 -7.43 1.74
N THR A 112 17.25 -8.59 2.37
CA THR A 112 17.16 -8.75 3.81
C THR A 112 18.34 -9.61 4.25
N PRO A 113 19.46 -8.99 4.62
CA PRO A 113 20.48 -9.76 5.30
C PRO A 113 19.90 -10.30 6.60
N ASP A 114 20.34 -11.52 6.90
CA ASP A 114 19.91 -12.21 8.11
C ASP A 114 20.17 -11.35 9.33
N PHE A 115 21.33 -10.73 9.37
CA PHE A 115 21.69 -9.79 10.41
C PHE A 115 21.99 -8.46 9.73
N SER A 116 21.39 -7.39 10.23
CA SER A 116 21.70 -6.06 9.75
C SER A 116 22.07 -5.26 10.99
N LEU A 117 23.40 -5.07 11.20
CA LEU A 117 24.02 -4.54 12.42
C LEU A 117 24.46 -3.08 12.29
N THR A 118 24.50 -2.37 13.42
CA THR A 118 25.13 -1.05 13.34
C THR A 118 25.78 -0.63 14.66
N GLN A 119 26.86 0.14 14.54
CA GLN A 119 27.62 0.51 15.72
C GLN A 119 26.82 1.46 16.61
N LYS A 120 26.67 1.09 17.89
CA LYS A 120 26.03 1.99 18.86
C LYS A 120 26.73 3.32 18.79
N VAL A 121 25.96 4.39 18.64
CA VAL A 121 26.50 5.74 18.52
C VAL A 121 26.02 6.55 19.70
N HIS A 122 26.89 7.41 20.23
CA HIS A 122 26.48 8.54 21.06
C HIS A 122 27.26 9.73 20.51
N PHE A 123 26.64 10.91 20.49
CA PHE A 123 27.35 12.09 19.96
C PHE A 123 28.13 12.83 21.05
N VAL A 151 13.43 -1.16 31.88
CA VAL A 151 13.33 -0.07 32.85
C VAL A 151 11.84 0.39 32.90
N THR A 152 11.53 1.65 32.58
CA THR A 152 10.15 2.09 32.44
C THR A 152 9.90 2.70 31.07
N GLU A 153 10.41 2.09 30.03
CA GLU A 153 10.14 2.64 28.71
C GLU A 153 8.81 2.16 28.12
N ARG A 154 8.48 2.80 26.98
CA ARG A 154 7.46 2.35 26.04
C ARG A 154 7.80 0.93 25.58
N LYS A 155 6.83 0.04 25.75
CA LYS A 155 7.03 -1.37 25.51
C LYS A 155 6.11 -1.90 24.41
N MET A 156 4.98 -1.23 24.19
CA MET A 156 3.99 -1.62 23.23
C MET A 156 3.98 -0.59 22.12
N PHE A 157 3.89 -1.06 20.88
CA PHE A 157 3.91 -0.22 19.68
C PHE A 157 2.84 -0.66 18.68
N PRO A 158 2.08 0.29 18.13
CA PRO A 158 0.96 -0.11 17.26
C PRO A 158 1.36 -0.72 15.92
N LEU A 159 2.41 -0.23 15.29
CA LEU A 159 3.20 -0.60 14.12
C LEU A 159 4.55 -1.19 14.50
N PRO A 160 5.12 -2.14 13.74
CA PRO A 160 6.45 -2.64 14.09
C PRO A 160 7.49 -1.53 13.96
N GLU A 161 8.44 -1.53 14.87
CA GLU A 161 9.61 -0.66 14.76
C GLU A 161 10.77 -1.44 14.15
N THR A 162 11.23 -0.98 12.98
CA THR A 162 12.32 -1.63 12.27
C THR A 162 13.49 -1.86 13.23
N PRO A 163 13.86 -3.11 13.50
CA PRO A 163 14.74 -3.39 14.64
C PRO A 163 16.17 -2.97 14.35
N LEU A 164 16.84 -2.46 15.37
CA LEU A 164 18.22 -1.96 15.23
C LEU A 164 19.16 -2.88 15.99
N ASN A 165 19.93 -3.70 15.26
CA ASN A 165 20.78 -4.69 15.90
C ASN A 165 22.10 -4.00 16.22
N GLU A 166 22.30 -3.60 17.47
CA GLU A 166 23.41 -2.72 17.78
C GLU A 166 24.56 -3.51 18.40
N VAL A 167 25.76 -3.28 17.87
CA VAL A 167 26.97 -3.97 18.26
C VAL A 167 27.96 -2.90 18.67
N HIS A 168 28.92 -3.29 19.51
CA HIS A 168 29.77 -2.23 20.04
C HIS A 168 30.75 -1.72 18.99
N SER A 169 31.35 -2.60 18.19
CA SER A 169 32.17 -2.06 17.11
C SER A 169 32.11 -2.99 15.92
N ILE A 170 31.74 -2.44 14.77
CA ILE A 170 31.78 -3.22 13.54
C ILE A 170 33.22 -3.58 13.21
N GLU A 171 34.15 -2.66 13.43
CA GLU A 171 35.53 -2.96 13.09
C GLU A 171 36.06 -4.19 13.85
N ARG A 172 35.88 -4.21 15.18
CA ARG A 172 36.37 -5.29 16.04
C ARG A 172 35.69 -6.63 15.72
N ILE A 173 34.42 -6.57 15.33
CA ILE A 173 33.70 -7.74 14.81
C ILE A 173 34.25 -8.14 13.44
N MET A 174 34.65 -7.15 12.63
CA MET A 174 35.27 -7.41 11.35
C MET A 174 36.66 -8.03 11.49
N GLU A 175 37.46 -7.51 12.43
CA GLU A 175 38.82 -8.02 12.65
C GLU A 175 38.78 -9.50 12.96
N ASN A 176 37.98 -9.86 13.97
CA ASN A 176 37.89 -11.25 14.39
C ASN A 176 37.48 -12.16 13.25
N PHE A 177 36.72 -11.65 12.27
CA PHE A 177 36.35 -12.49 11.13
C PHE A 177 37.46 -12.65 10.12
N THR A 178 38.30 -11.63 9.95
CA THR A 178 39.40 -11.87 9.03
C THR A 178 40.46 -12.78 9.68
N ARG A 179 40.80 -12.55 10.97
CA ARG A 179 41.76 -13.41 11.66
C ARG A 179 41.39 -14.88 11.51
N LEU A 180 40.13 -15.21 11.77
CA LEU A 180 39.78 -16.61 11.74
C LEU A 180 39.85 -17.15 10.33
N MET A 181 40.08 -16.30 9.34
CA MET A 181 40.29 -16.79 7.99
C MET A 181 41.75 -17.02 7.65
N HIS A 182 42.69 -16.65 8.56
CA HIS A 182 44.13 -16.77 8.33
C HIS A 182 44.91 -17.34 9.53
N GLY A 183 44.25 -18.11 10.42
CA GLY A 183 44.88 -18.87 11.49
C GLY A 183 45.11 -18.17 12.82
N GLY A 184 45.19 -16.83 12.86
CA GLY A 184 45.39 -16.14 14.14
C GLY A 184 46.44 -15.04 14.24
N ASP A 217 38.06 -25.16 5.29
CA ASP A 217 38.33 -24.27 6.41
C ASP A 217 37.72 -22.85 6.29
N TYR A 218 38.04 -22.02 7.30
CA TYR A 218 37.42 -20.69 7.48
C TYR A 218 37.67 -19.76 6.29
N GLY A 219 38.91 -19.71 5.81
CA GLY A 219 39.21 -18.91 4.63
C GLY A 219 38.45 -19.41 3.41
N GLU A 220 38.12 -20.69 3.40
CA GLU A 220 37.35 -21.29 2.33
C GLU A 220 35.85 -21.20 2.56
N ARG A 221 35.41 -21.03 3.82
CA ARG A 221 34.00 -21.06 4.20
C ARG A 221 33.40 -19.67 4.43
N GLY A 222 34.04 -18.60 3.98
CA GLY A 222 33.47 -17.28 4.17
C GLY A 222 34.00 -16.23 3.22
N ILE A 223 33.36 -15.06 3.26
CA ILE A 223 33.88 -13.83 2.67
C ILE A 223 33.55 -12.65 3.53
N VAL A 224 34.51 -11.77 3.67
CA VAL A 224 34.34 -10.48 4.28
C VAL A 224 34.65 -9.45 3.20
N GLU A 225 33.74 -8.50 3.00
CA GLU A 225 33.82 -7.51 1.92
C GLU A 225 33.45 -6.17 2.55
N GLY A 226 34.20 -5.13 2.26
CA GLY A 226 33.90 -3.81 2.78
C GLY A 226 33.89 -2.80 1.66
N ASN A 227 32.96 -1.84 1.74
CA ASN A 227 32.91 -0.78 0.73
C ASN A 227 33.97 0.27 1.04
N HIS A 228 34.62 0.77 -0.01
CA HIS A 228 35.89 1.47 0.13
C HIS A 228 35.74 2.83 0.76
N MET A 229 34.53 3.29 1.03
CA MET A 229 34.35 4.60 1.60
C MET A 229 35.13 4.76 2.89
N ARG A 230 35.65 5.97 3.07
CA ARG A 230 36.45 6.36 4.24
C ARG A 230 35.55 6.89 5.35
N PHE A 231 35.84 6.45 6.57
CA PHE A 231 35.27 7.02 7.77
C PHE A 231 36.41 7.33 8.73
N SER A 232 36.39 8.53 9.26
CA SER A 232 37.39 8.95 10.23
C SER A 232 37.05 8.34 11.59
N GLU A 233 37.94 8.56 12.56
CA GLU A 233 37.66 8.04 13.90
C GLU A 233 36.49 8.76 14.56
N GLU A 234 36.35 10.06 14.32
CA GLU A 234 35.14 10.74 14.76
C GLU A 234 33.93 10.37 13.90
N ASP A 235 34.12 10.23 12.58
CA ASP A 235 33.02 9.83 11.70
C ASP A 235 32.49 8.44 12.05
N GLN A 236 33.34 7.53 12.58
CA GLN A 236 32.82 6.25 13.06
C GLN A 236 32.03 6.37 14.37
N LEU A 237 32.38 7.33 15.20
CA LEU A 237 31.64 7.59 16.44
C LEU A 237 30.57 8.68 16.28
N GLU A 238 30.51 9.33 15.11
CA GLU A 238 29.55 10.36 14.71
C GLU A 238 28.38 9.79 13.91
N THR A 239 28.64 8.84 13.03
CA THR A 239 27.74 8.42 11.96
C THR A 239 27.46 6.93 12.06
N ARG A 240 26.37 6.52 11.42
CA ARG A 240 25.93 5.13 11.37
C ARG A 240 26.72 4.31 10.35
N GLN A 241 27.01 3.06 10.72
CA GLN A 241 27.57 2.09 9.78
C GLN A 241 26.67 0.86 9.67
N LEU A 242 26.92 0.09 8.63
CA LEU A 242 26.10 -1.06 8.34
C LEU A 242 26.96 -2.29 8.17
N LEU A 243 26.76 -3.26 9.05
CA LEU A 243 27.30 -4.60 8.92
C LEU A 243 26.16 -5.51 8.55
N LEU A 244 26.25 -6.09 7.36
CA LEU A 244 25.26 -7.01 6.82
C LEU A 244 25.87 -8.40 6.79
N VAL A 245 25.18 -9.37 7.38
CA VAL A 245 25.72 -10.70 7.59
C VAL A 245 24.75 -11.72 7.01
N GLU A 246 25.29 -12.71 6.31
CA GLU A 246 24.55 -13.91 5.92
C GLU A 246 25.17 -15.12 6.56
N VAL A 247 24.33 -15.98 7.12
CA VAL A 247 24.78 -17.20 7.76
C VAL A 247 23.96 -18.40 7.24
N GLY A 248 24.62 -19.56 7.18
CA GLY A 248 23.99 -20.77 6.69
C GLY A 248 24.56 -21.99 7.37
N PHE A 249 23.79 -23.09 7.32
CA PHE A 249 24.23 -24.42 7.74
C PHE A 249 23.96 -25.42 6.61
N GLN A 250 24.10 -24.96 5.38
CA GLN A 250 23.82 -25.75 4.19
C GLN A 250 24.95 -26.73 3.92
N THR A 251 24.66 -27.71 3.06
CA THR A 251 25.67 -28.68 2.65
C THR A 251 26.67 -28.06 1.67
N ASP A 252 26.18 -27.38 0.63
CA ASP A 252 27.01 -26.66 -0.35
C ASP A 252 27.50 -25.35 0.27
N ILE A 253 28.74 -25.33 0.77
CA ILE A 253 29.23 -24.14 1.48
C ILE A 253 29.49 -23.01 0.49
N ASP A 254 30.34 -23.26 -0.50
CA ASP A 254 30.65 -22.26 -1.52
C ASP A 254 29.41 -21.72 -2.21
N GLY A 255 28.24 -22.31 -1.96
CA GLY A 255 27.01 -21.77 -2.48
C GLY A 255 26.59 -20.50 -1.78
N LYS A 256 26.51 -20.53 -0.44
CA LYS A 256 26.20 -19.33 0.34
C LYS A 256 27.09 -18.16 -0.06
N ILE A 257 28.39 -18.41 -0.14
CA ILE A 257 29.31 -17.29 -0.29
C ILE A 257 29.25 -16.68 -1.69
N ARG A 258 29.17 -17.52 -2.74
CA ARG A 258 29.20 -17.02 -4.11
C ARG A 258 27.83 -16.48 -4.59
N THR A 259 26.72 -17.14 -4.22
CA THR A 259 25.39 -16.65 -4.59
C THR A 259 25.21 -15.20 -4.13
N ASP A 260 25.56 -14.92 -2.86
CA ASP A 260 25.49 -13.59 -2.27
C ASP A 260 26.46 -12.60 -2.92
N HIS A 261 27.66 -13.04 -3.29
CA HIS A 261 28.69 -12.14 -3.81
C HIS A 261 28.23 -11.47 -5.09
N LYS A 262 27.47 -12.19 -5.92
CA LYS A 262 26.98 -11.63 -7.18
C LYS A 262 26.15 -10.40 -6.92
N LYS A 263 25.11 -10.57 -6.10
CA LYS A 263 24.21 -9.49 -5.73
C LYS A 263 24.92 -8.41 -4.90
N TRP A 264 25.78 -8.84 -3.97
CA TRP A 264 26.28 -8.04 -2.85
C TRP A 264 27.49 -7.18 -3.16
N LYS A 265 28.31 -7.58 -4.13
CA LYS A 265 29.40 -6.68 -4.51
C LYS A 265 28.84 -5.37 -5.04
N ASP A 266 27.75 -5.46 -5.82
CA ASP A 266 27.10 -4.29 -6.40
C ASP A 266 26.50 -3.37 -5.33
N ILE A 267 25.99 -3.95 -4.25
CA ILE A 267 25.29 -3.20 -3.20
C ILE A 267 26.27 -2.38 -2.36
N LEU A 268 27.43 -2.94 -2.04
CA LEU A 268 28.40 -2.19 -1.27
C LEU A 268 28.83 -0.95 -2.03
N LYS A 269 29.01 -1.11 -3.35
CA LYS A 269 29.32 0.01 -4.24
C LYS A 269 28.24 1.09 -4.11
N LEU A 270 26.98 0.67 -4.23
CA LEU A 270 25.87 1.60 -4.23
C LEU A 270 25.71 2.31 -2.86
N LEU A 271 25.92 1.56 -1.77
CA LEU A 271 25.95 2.21 -0.46
C LEU A 271 27.14 3.15 -0.34
N GLU A 272 28.20 2.87 -1.09
CA GLU A 272 29.32 3.81 -1.11
C GLU A 272 28.96 5.08 -1.86
N LEU A 273 28.35 4.93 -3.06
CA LEU A 273 27.98 6.07 -3.89
C LEU A 273 27.13 7.06 -3.11
N LEU A 274 26.32 6.54 -2.22
CA LEU A 274 25.34 7.30 -1.45
C LEU A 274 25.93 7.83 -0.16
N GLY A 275 27.20 7.56 0.09
CA GLY A 275 27.82 8.08 1.29
C GLY A 275 27.55 7.26 2.51
N ILE A 276 27.28 5.97 2.33
CA ILE A 276 26.99 5.06 3.43
C ILE A 276 28.15 4.09 3.52
N LYS A 277 28.82 4.08 4.67
CA LYS A 277 29.78 3.03 4.97
C LYS A 277 29.02 1.78 5.36
N CYS A 278 29.26 0.72 4.61
CA CYS A 278 28.57 -0.53 4.84
C CYS A 278 29.58 -1.66 4.67
N SER A 279 29.52 -2.60 5.59
CA SER A 279 30.47 -3.69 5.68
C SER A 279 29.69 -5.01 5.58
N PHE A 280 30.30 -6.04 5.00
CA PHE A 280 29.57 -7.27 4.68
C PHE A 280 30.34 -8.53 5.11
N VAL A 281 29.58 -9.54 5.53
CA VAL A 281 30.12 -10.86 5.85
C VAL A 281 29.16 -11.94 5.38
N ALA A 282 29.68 -12.96 4.72
CA ALA A 282 28.92 -14.17 4.41
C ALA A 282 29.72 -15.35 4.90
N CYS A 283 29.06 -16.30 5.56
CA CYS A 283 29.77 -17.50 5.96
C CYS A 283 28.82 -18.68 6.08
N ALA A 284 29.41 -19.88 6.15
CA ALA A 284 28.69 -21.15 6.19
C ALA A 284 29.49 -22.20 6.97
N ASP A 285 28.78 -23.15 7.56
CA ASP A 285 29.34 -24.37 8.13
C ASP A 285 28.70 -25.55 7.44
N CYS A 286 29.39 -26.68 7.44
CA CYS A 286 28.77 -27.87 6.91
C CYS A 286 28.98 -29.00 7.89
N SER A 287 28.20 -30.08 7.71
CA SER A 287 28.19 -31.16 8.69
C SER A 287 29.59 -31.71 8.92
N SER A 288 30.41 -31.78 7.87
CA SER A 288 31.70 -32.48 7.90
C SER A 288 32.85 -31.64 8.47
N THR A 289 32.62 -30.38 8.79
CA THR A 289 33.68 -29.58 9.38
C THR A 289 34.01 -30.13 10.78
N PRO A 290 35.26 -30.02 11.18
CA PRO A 290 35.63 -30.33 12.59
C PRO A 290 34.86 -29.50 13.60
N PRO A 291 34.30 -30.12 14.66
CA PRO A 291 33.61 -29.33 15.71
C PRO A 291 34.44 -28.20 16.31
N ASP A 292 35.76 -28.27 16.34
CA ASP A 292 36.51 -27.13 16.85
C ASP A 292 36.64 -26.04 15.82
N ARG A 293 36.07 -26.21 14.64
CA ARG A 293 36.33 -25.30 13.53
C ARG A 293 35.06 -24.77 12.89
N TRP A 294 33.95 -24.71 13.62
CA TRP A 294 32.76 -24.03 13.15
C TRP A 294 32.83 -22.55 13.45
N TRP A 295 31.97 -21.78 12.77
CA TRP A 295 31.90 -20.37 13.10
C TRP A 295 31.28 -20.16 14.48
N ILE A 296 30.61 -21.19 15.02
CA ILE A 296 30.06 -21.16 16.37
C ILE A 296 30.90 -22.06 17.28
N THR A 297 30.94 -21.76 18.58
CA THR A 297 31.83 -22.48 19.49
C THR A 297 31.47 -23.96 19.55
N GLU A 298 32.46 -24.78 19.89
CA GLU A 298 32.35 -26.24 19.79
C GLU A 298 31.25 -26.81 20.69
N ASP A 299 31.03 -26.25 21.88
CA ASP A 299 29.95 -26.74 22.74
C ASP A 299 28.60 -26.45 22.11
N ARG A 300 28.48 -25.36 21.33
CA ARG A 300 27.25 -25.12 20.58
C ARG A 300 27.07 -26.17 19.48
N VAL A 301 28.12 -26.41 18.68
CA VAL A 301 28.03 -27.36 17.57
C VAL A 301 27.67 -28.74 18.10
N ARG A 302 28.09 -29.05 19.34
CA ARG A 302 27.73 -30.32 19.97
C ARG A 302 26.22 -30.49 20.05
N ILE A 303 25.52 -29.44 20.47
CA ILE A 303 24.09 -29.57 20.72
C ILE A 303 23.32 -29.63 19.41
N LEU A 304 23.73 -28.82 18.44
CA LEU A 304 23.05 -28.77 17.16
C LEU A 304 23.16 -30.11 16.44
N LYS A 305 24.32 -30.76 16.50
CA LYS A 305 24.40 -32.07 15.88
C LYS A 305 23.57 -33.12 16.64
N ASN A 306 23.58 -33.07 17.98
CA ASN A 306 22.80 -34.04 18.77
C ASN A 306 21.31 -33.83 18.70
N SER A 307 20.87 -32.69 18.21
CA SER A 307 19.45 -32.35 18.15
C SER A 307 18.94 -32.35 16.72
N VAL A 308 19.35 -31.38 15.93
CA VAL A 308 18.71 -31.09 14.66
C VAL A 308 19.27 -31.95 13.54
N SER A 309 20.61 -32.08 13.45
CA SER A 309 21.17 -32.98 12.46
C SER A 309 20.87 -34.44 12.77
N PHE A 310 20.82 -34.81 14.06
CA PHE A 310 20.28 -36.12 14.38
C PHE A 310 18.86 -36.27 13.89
N LEU A 311 18.09 -35.18 13.90
CA LEU A 311 16.70 -35.24 13.50
C LEU A 311 16.52 -35.40 11.98
N PHE A 312 17.37 -34.77 11.16
CA PHE A 312 17.37 -35.08 9.73
C PHE A 312 17.73 -36.53 9.46
N ASN A 313 18.80 -36.97 10.13
CA ASN A 313 19.41 -38.27 9.85
C ASN A 313 18.37 -39.37 10.00
N LYS A 314 17.48 -39.27 11.00
CA LYS A 314 16.37 -40.20 11.13
C LYS A 314 15.31 -39.99 10.05
N LEU A 315 15.22 -38.76 9.49
CA LEU A 315 14.23 -38.43 8.46
C LEU A 315 14.68 -38.76 7.04
N SER A 316 15.99 -38.98 6.83
CA SER A 316 16.46 -39.54 5.56
C SER A 316 16.40 -41.07 5.55
N ARG A 317 16.48 -41.71 6.72
CA ARG A 317 16.44 -43.18 6.81
C ARG A 317 15.04 -43.74 6.56
N ASN A 318 13.99 -42.98 6.92
CA ASN A 318 12.60 -43.39 6.76
C ASN A 318 11.97 -42.89 5.46
N SER A 319 12.58 -41.92 4.76
CA SER A 319 12.08 -41.41 3.47
C SER A 319 12.69 -42.13 2.28
N GLU B 1 -8.14 12.30 5.10
CA GLU B 1 -7.69 13.19 6.17
C GLU B 1 -7.98 12.62 7.54
N VAL B 2 -6.95 12.69 8.37
CA VAL B 2 -7.02 12.25 9.77
C VAL B 2 -7.58 13.40 10.58
N MET B 3 -8.58 13.08 11.41
CA MET B 3 -9.26 14.03 12.30
C MET B 3 -9.78 13.34 13.57
N LEU B 4 -9.50 13.98 14.69
CA LEU B 4 -9.88 13.53 16.02
C LEU B 4 -10.78 14.58 16.61
N VAL B 5 -12.04 14.22 16.89
CA VAL B 5 -13.07 15.20 17.18
C VAL B 5 -13.55 14.96 18.61
N GLU B 6 -13.21 15.87 19.53
CA GLU B 6 -13.57 15.75 20.95
C GLU B 6 -14.84 16.54 21.28
N SER B 7 -15.78 15.88 21.95
CA SER B 7 -17.01 16.50 22.42
C SER B 7 -17.30 16.05 23.83
N GLY B 8 -17.77 16.95 24.67
CA GLY B 8 -18.18 16.58 26.01
C GLY B 8 -18.74 17.75 26.76
N ALA B 9 -19.29 17.45 27.93
CA ALA B 9 -19.81 18.49 28.79
C ALA B 9 -18.74 19.56 29.08
N GLU B 10 -19.03 20.83 28.73
CA GLU B 10 -18.10 21.93 29.05
C GLU B 10 -18.15 22.36 30.53
N LEU B 11 -19.19 22.05 31.28
CA LEU B 11 -19.19 22.40 32.69
C LEU B 11 -19.76 21.25 33.50
N VAL B 12 -19.18 21.00 34.69
CA VAL B 12 -19.69 20.00 35.64
C VAL B 12 -19.40 20.50 37.07
N ARG B 13 -20.32 20.25 38.00
CA ARG B 13 -20.01 20.64 39.37
C ARG B 13 -18.96 19.72 39.96
N PRO B 14 -18.22 20.21 40.95
CA PRO B 14 -17.15 19.42 41.58
C PRO B 14 -17.63 18.11 42.19
N GLY B 15 -16.67 17.20 42.35
CA GLY B 15 -16.97 15.88 42.87
C GLY B 15 -17.70 14.98 41.90
N ALA B 16 -18.28 15.54 40.84
CA ALA B 16 -19.07 14.81 39.87
C ALA B 16 -18.16 14.02 38.93
N LEU B 17 -18.76 13.61 37.82
CA LEU B 17 -18.12 12.80 36.80
C LEU B 17 -18.26 13.48 35.45
N VAL B 18 -17.37 13.17 34.52
CA VAL B 18 -17.53 13.59 33.13
C VAL B 18 -17.02 12.49 32.22
N ASP B 19 -17.77 12.21 31.16
CA ASP B 19 -17.29 11.41 30.03
C ASP B 19 -16.99 12.33 28.86
N LEU B 20 -15.74 12.37 28.42
CA LEU B 20 -15.34 12.99 27.16
C LEU B 20 -15.16 11.91 26.10
N SER B 21 -15.55 12.24 24.87
CA SER B 21 -15.45 11.31 23.76
C SER B 21 -14.42 11.80 22.75
N CYS B 22 -13.94 10.87 21.93
CA CYS B 22 -12.95 11.20 20.89
C CYS B 22 -13.39 10.46 19.63
N LYS B 23 -14.06 11.15 18.69
CA LYS B 23 -14.50 10.50 17.47
C LYS B 23 -13.42 10.58 16.41
N ALA B 24 -13.04 9.39 15.94
CA ALA B 24 -12.02 9.22 14.94
C ALA B 24 -12.69 9.11 13.59
N SER B 25 -12.29 10.00 12.68
CA SER B 25 -12.63 9.89 11.26
C SER B 25 -11.35 10.04 10.42
N GLY B 26 -11.28 9.27 9.32
CA GLY B 26 -10.08 9.14 8.49
C GLY B 26 -9.17 7.94 8.77
N PHE B 27 -9.50 7.11 9.76
CA PHE B 27 -8.73 5.91 10.13
C PHE B 27 -9.55 5.10 11.10
N ASN B 28 -9.16 3.85 11.27
CA ASN B 28 -9.73 3.01 12.31
C ASN B 28 -8.79 3.07 13.50
N ILE B 29 -9.36 3.25 14.70
CA ILE B 29 -8.51 3.26 15.89
C ILE B 29 -8.10 1.88 16.38
N LYS B 30 -8.68 0.79 15.86
CA LYS B 30 -8.07 -0.50 16.12
C LYS B 30 -6.65 -0.51 15.61
N ASP B 31 -6.35 0.30 14.62
CA ASP B 31 -5.05 0.34 13.98
C ASP B 31 -4.06 1.26 14.65
N TYR B 32 -4.31 1.74 15.88
CA TYR B 32 -3.39 2.63 16.58
C TYR B 32 -3.71 2.59 18.06
N TYR B 33 -2.88 3.27 18.85
CA TYR B 33 -3.24 3.60 20.22
C TYR B 33 -3.79 5.03 20.17
N ILE B 34 -4.66 5.38 21.10
CA ILE B 34 -5.25 6.71 21.20
C ILE B 34 -4.95 7.26 22.56
N HIS B 35 -4.52 8.51 22.64
CA HIS B 35 -4.08 9.04 23.92
C HIS B 35 -4.95 10.22 24.34
N TRP B 36 -4.97 10.49 25.63
CA TRP B 36 -5.55 11.73 26.15
C TRP B 36 -4.46 12.59 26.76
N VAL B 37 -4.49 13.90 26.44
CA VAL B 37 -3.51 14.87 26.95
C VAL B 37 -4.28 16.07 27.50
N LYS B 38 -3.92 16.50 28.69
CA LYS B 38 -4.59 17.59 29.40
C LYS B 38 -3.73 18.82 29.27
N GLN B 39 -4.36 19.97 29.00
CA GLN B 39 -3.58 21.19 28.85
C GLN B 39 -4.20 22.34 29.65
N ARG B 40 -3.38 22.94 30.50
CA ARG B 40 -3.71 24.06 31.36
C ARG B 40 -2.77 25.20 31.04
N PRO B 41 -3.14 26.43 31.39
CA PRO B 41 -2.27 27.57 31.05
C PRO B 41 -0.93 27.58 31.77
N GLU B 42 -0.93 27.38 33.08
CA GLU B 42 0.34 27.39 33.80
C GLU B 42 0.93 26.00 33.88
N GLN B 43 0.08 25.04 34.27
CA GLN B 43 0.50 23.67 34.51
C GLN B 43 1.10 23.05 33.25
N GLY B 44 0.65 23.46 32.07
CA GLY B 44 1.23 22.96 30.83
C GLY B 44 0.55 21.71 30.29
N LEU B 45 1.20 21.14 29.28
CA LEU B 45 0.75 19.90 28.69
C LEU B 45 0.99 18.72 29.62
N GLU B 46 -0.03 17.88 29.79
CA GLU B 46 0.11 16.73 30.68
C GLU B 46 -0.50 15.53 29.97
N TRP B 47 0.33 14.53 29.67
CA TRP B 47 -0.15 13.26 29.11
C TRP B 47 -0.91 12.50 30.19
N ILE B 48 -1.96 11.80 29.78
CA ILE B 48 -2.80 11.05 30.71
C ILE B 48 -2.63 9.56 30.48
N GLY B 49 -3.14 9.04 29.36
CA GLY B 49 -2.94 7.62 29.10
C GLY B 49 -3.15 7.24 27.65
N TRP B 50 -2.90 5.99 27.34
CA TRP B 50 -3.20 5.53 26.01
C TRP B 50 -4.07 4.31 26.09
N ILE B 51 -4.91 4.15 25.09
CA ILE B 51 -5.72 2.96 24.96
C ILE B 51 -5.39 2.27 23.64
N ASP B 52 -5.34 0.95 23.71
CA ASP B 52 -5.20 0.10 22.55
C ASP B 52 -6.58 -0.45 22.21
N PRO B 53 -7.24 0.01 21.18
CA PRO B 53 -8.57 -0.51 20.89
C PRO B 53 -8.56 -1.96 20.36
N LYS B 54 -7.44 -2.44 19.83
CA LYS B 54 -7.41 -3.77 19.22
C LYS B 54 -7.75 -4.84 20.25
N ASN B 55 -7.02 -4.86 21.37
CA ASN B 55 -7.26 -5.82 22.43
C ASN B 55 -7.47 -5.13 23.77
N VAL B 56 -7.82 -3.85 23.75
CA VAL B 56 -8.36 -3.18 24.92
C VAL B 56 -7.37 -3.23 26.09
N ASN B 57 -6.20 -2.66 25.90
CA ASN B 57 -5.22 -2.47 26.97
C ASN B 57 -5.09 -0.98 27.23
N THR B 58 -4.92 -0.60 28.50
CA THR B 58 -4.76 0.80 28.88
C THR B 58 -3.52 0.97 29.74
N ILE B 59 -2.75 2.03 29.42
CA ILE B 59 -1.55 2.41 30.17
C ILE B 59 -1.61 3.92 30.47
N TYR B 60 -1.68 4.28 31.76
CA TYR B 60 -1.86 5.65 32.26
C TYR B 60 -0.58 6.13 32.92
N ASP B 61 -0.56 7.44 33.19
CA ASP B 61 0.38 8.03 34.17
C ASP B 61 -0.09 7.65 35.57
N PRO B 62 0.79 7.15 36.43
CA PRO B 62 0.31 6.72 37.75
C PRO B 62 -0.38 7.83 38.54
N LYS B 63 0.00 9.09 38.36
CA LYS B 63 -0.67 10.17 39.09
C LYS B 63 -2.14 10.28 38.72
N PHE B 64 -2.52 9.81 37.52
CA PHE B 64 -3.90 9.87 37.06
C PHE B 64 -4.70 8.60 37.35
N GLN B 65 -4.09 7.52 37.85
CA GLN B 65 -4.86 6.32 38.17
C GLN B 65 -5.89 6.56 39.27
N GLY B 66 -7.12 6.20 39.00
CA GLY B 66 -8.23 6.55 39.82
C GLY B 66 -8.90 7.84 39.41
N LYS B 67 -8.21 8.69 38.66
CA LYS B 67 -8.82 9.92 38.20
C LYS B 67 -9.37 9.75 36.80
N ALA B 68 -8.66 8.97 35.99
CA ALA B 68 -8.86 8.77 34.56
C ALA B 68 -9.37 7.36 34.32
N THR B 69 -10.06 7.18 33.20
CA THR B 69 -10.48 5.84 32.78
C THR B 69 -10.67 5.93 31.26
N ILE B 70 -9.72 5.44 30.48
CA ILE B 70 -9.84 5.53 29.05
C ILE B 70 -10.56 4.28 28.55
N THR B 71 -11.65 4.47 27.83
CA THR B 71 -12.42 3.33 27.35
C THR B 71 -12.58 3.53 25.85
N ALA B 72 -12.92 2.45 25.13
CA ALA B 72 -13.09 2.59 23.69
C ALA B 72 -14.22 1.72 23.16
N ASP B 73 -14.85 2.23 22.11
CA ASP B 73 -15.85 1.56 21.29
C ASP B 73 -15.36 1.59 19.85
N THR B 74 -14.68 0.53 19.39
CA THR B 74 -14.20 0.51 18.01
C THR B 74 -15.32 0.36 16.99
N SER B 75 -16.46 -0.21 17.38
CA SER B 75 -17.57 -0.27 16.43
C SER B 75 -18.05 1.12 16.07
N SER B 76 -17.97 2.07 16.99
CA SER B 76 -18.26 3.45 16.63
C SER B 76 -17.01 4.26 16.37
N ASN B 77 -15.83 3.64 16.37
CA ASN B 77 -14.60 4.38 16.09
C ASN B 77 -14.45 5.54 17.07
N THR B 78 -14.53 5.24 18.38
CA THR B 78 -14.43 6.28 19.41
C THR B 78 -13.71 5.77 20.67
N ALA B 79 -12.91 6.65 21.27
CA ALA B 79 -12.40 6.48 22.62
C ALA B 79 -13.07 7.49 23.52
N TYR B 80 -13.18 7.11 24.80
CA TYR B 80 -13.81 7.94 25.82
C TYR B 80 -12.76 8.17 26.88
N LEU B 81 -12.87 9.32 27.55
CA LEU B 81 -12.11 9.58 28.77
C LEU B 81 -13.12 9.95 29.83
N ARG B 82 -13.16 9.19 30.90
CA ARG B 82 -13.96 9.53 32.06
C ARG B 82 -13.03 10.16 33.05
N LEU B 83 -13.40 11.32 33.54
CA LEU B 83 -12.74 11.92 34.69
C LEU B 83 -13.76 11.91 35.80
N SER B 84 -13.42 11.28 36.90
CA SER B 84 -14.31 11.14 38.04
C SER B 84 -13.81 12.01 39.17
N SER B 85 -14.67 12.27 40.16
CA SER B 85 -14.24 12.97 41.37
C SER B 85 -13.63 14.30 40.99
N LEU B 86 -14.40 15.08 40.24
CA LEU B 86 -13.84 16.28 39.65
C LEU B 86 -13.48 17.30 40.73
N THR B 87 -12.39 18.04 40.47
CA THR B 87 -11.94 19.16 41.26
C THR B 87 -11.60 20.29 40.30
N SER B 88 -11.26 21.44 40.87
CA SER B 88 -10.80 22.54 40.05
C SER B 88 -9.48 22.19 39.37
N GLU B 89 -8.65 21.34 39.99
CA GLU B 89 -7.42 20.88 39.36
C GLU B 89 -7.68 20.13 38.06
N ASP B 90 -8.94 19.86 37.71
CA ASP B 90 -9.25 19.15 36.49
C ASP B 90 -9.76 20.07 35.43
N THR B 91 -9.94 21.35 35.78
CA THR B 91 -10.34 22.38 34.83
C THR B 91 -9.17 22.65 33.88
N ALA B 92 -9.38 22.34 32.59
CA ALA B 92 -8.31 22.30 31.58
C ALA B 92 -8.93 22.00 30.22
N VAL B 93 -8.10 22.06 29.19
CA VAL B 93 -8.42 21.55 27.87
C VAL B 93 -8.09 20.06 27.83
N TYR B 94 -8.87 19.24 27.13
CA TYR B 94 -8.49 17.82 26.95
C TYR B 94 -8.36 17.46 25.47
N TYR B 95 -7.25 16.84 25.09
CA TYR B 95 -7.08 16.37 23.72
C TYR B 95 -6.97 14.86 23.67
N CYS B 96 -7.60 14.29 22.66
CA CYS B 96 -7.15 12.96 22.27
C CYS B 96 -6.17 13.05 21.09
N VAL B 97 -5.25 12.08 21.05
CA VAL B 97 -4.11 12.12 20.15
C VAL B 97 -3.89 10.74 19.56
N ARG B 98 -3.56 10.69 18.28
CA ARG B 98 -3.28 9.42 17.63
C ARG B 98 -1.82 9.02 17.78
N ASP B 99 -1.64 7.74 17.98
CA ASP B 99 -0.36 7.06 18.11
C ASP B 99 0.01 6.24 16.89
N VAL B 100 1.07 6.64 16.20
CA VAL B 100 1.59 5.84 15.05
C VAL B 100 2.98 5.37 15.48
N ASN B 101 3.17 5.09 16.77
CA ASN B 101 4.49 4.73 17.37
C ASN B 101 5.08 6.06 17.85
N TYR B 102 4.40 7.16 17.55
CA TYR B 102 4.80 8.50 18.03
C TYR B 102 3.53 9.32 18.00
N LEU B 103 3.32 10.24 18.92
CA LEU B 103 2.09 11.01 18.82
C LEU B 103 2.18 11.94 17.59
N ASP B 104 1.24 11.80 16.66
CA ASP B 104 1.27 12.64 15.47
C ASP B 104 0.05 13.55 15.35
N TYR B 105 -1.18 13.04 15.42
CA TYR B 105 -2.33 13.92 15.22
C TYR B 105 -3.09 14.16 16.51
N TRP B 106 -3.49 15.41 16.72
CA TRP B 106 -4.20 15.86 17.91
C TRP B 106 -5.58 16.37 17.53
N GLY B 107 -6.53 16.32 18.48
CA GLY B 107 -7.86 16.88 18.23
C GLY B 107 -7.91 18.37 18.50
N GLN B 108 -9.05 19.00 18.18
CA GLN B 108 -9.21 20.44 18.43
C GLN B 108 -9.26 20.75 19.92
N GLY B 109 -9.80 19.82 20.71
CA GLY B 109 -9.86 19.86 22.15
C GLY B 109 -11.24 20.21 22.67
N THR B 110 -11.56 19.65 23.82
CA THR B 110 -12.78 19.99 24.55
C THR B 110 -12.41 20.70 25.85
N THR B 111 -13.16 21.75 26.17
CA THR B 111 -12.90 22.52 27.39
C THR B 111 -13.80 22.02 28.50
N LEU B 112 -13.23 21.85 29.67
CA LEU B 112 -13.99 21.39 30.82
C LEU B 112 -13.72 22.32 32.00
N THR B 113 -14.79 22.79 32.62
CA THR B 113 -14.66 23.64 33.84
C THR B 113 -15.41 22.96 34.98
N VAL B 114 -14.69 22.70 36.08
CA VAL B 114 -15.31 22.05 37.26
C VAL B 114 -15.59 23.15 38.28
N SER B 115 -16.78 23.76 38.20
CA SER B 115 -17.14 24.85 39.11
C SER B 115 -18.52 24.61 39.71
N SER B 116 -19.01 25.55 40.51
CA SER B 116 -20.31 25.35 41.20
C SER B 116 -21.37 26.26 40.59
N ALA B 117 -22.17 25.75 39.65
CA ALA B 117 -23.32 26.51 39.09
C ALA B 117 -22.87 27.54 38.08
N SER B 118 -23.76 27.88 37.14
CA SER B 118 -23.43 28.88 36.09
C SER B 118 -24.44 28.80 34.95
N THR B 119 -24.04 28.11 33.87
CA THR B 119 -24.92 27.98 32.69
C THR B 119 -25.45 29.38 32.35
N LYS B 120 -24.62 30.41 32.50
CA LYS B 120 -25.06 31.80 32.20
C LYS B 120 -24.89 32.08 30.71
N GLY B 121 -25.90 32.65 30.08
CA GLY B 121 -25.85 32.97 28.65
C GLY B 121 -25.33 34.37 28.41
N PRO B 122 -24.49 34.60 27.39
CA PRO B 122 -23.89 35.92 27.14
C PRO B 122 -24.88 36.89 26.52
N SER B 123 -24.62 38.17 26.75
CA SER B 123 -25.41 39.23 26.16
C SER B 123 -24.53 39.97 25.17
N VAL B 124 -25.09 40.24 23.98
CA VAL B 124 -24.35 40.78 22.84
C VAL B 124 -24.79 42.21 22.58
N PHE B 125 -23.94 43.18 22.82
CA PHE B 125 -24.31 44.57 22.57
C PHE B 125 -23.38 45.08 21.49
N PRO B 126 -23.87 45.30 20.28
CA PRO B 126 -22.97 45.67 19.18
C PRO B 126 -22.17 46.94 19.47
N LEU B 127 -20.91 46.91 19.03
CA LEU B 127 -20.06 48.10 18.95
C LEU B 127 -20.02 48.51 17.49
N ALA B 128 -20.55 49.71 17.18
CA ALA B 128 -20.73 50.22 15.82
C ALA B 128 -19.78 51.40 15.58
N PRO B 129 -19.54 51.82 14.32
CA PRO B 129 -18.61 52.93 14.06
C PRO B 129 -19.06 54.23 14.74
N SER B 130 -18.14 55.20 14.81
CA SER B 130 -18.42 56.60 15.22
C SER B 130 -19.28 56.77 16.52
N GLY B 137 -10.53 55.59 5.97
CA GLY B 137 -11.22 54.91 4.88
C GLY B 137 -11.65 53.51 5.29
N THR B 138 -11.19 53.15 6.50
CA THR B 138 -11.35 51.84 7.12
C THR B 138 -12.05 51.97 8.47
N ALA B 139 -13.00 51.07 8.75
CA ALA B 139 -13.88 51.24 9.90
C ALA B 139 -13.88 50.03 10.84
N ALA B 140 -14.04 50.32 12.15
CA ALA B 140 -13.97 49.31 13.22
C ALA B 140 -15.33 49.08 13.87
N LEU B 141 -15.78 47.83 13.86
CA LEU B 141 -17.05 47.43 14.47
C LEU B 141 -16.87 46.14 15.28
N GLY B 142 -17.89 45.72 16.01
CA GLY B 142 -17.65 44.61 16.91
C GLY B 142 -18.90 44.04 17.56
N CYS B 143 -18.66 43.25 18.61
CA CYS B 143 -19.75 42.63 19.35
C CYS B 143 -19.28 42.43 20.78
N LEU B 144 -19.80 43.21 21.69
CA LEU B 144 -19.42 42.99 23.07
C LEU B 144 -20.30 41.88 23.62
N VAL B 145 -19.66 40.77 24.00
CA VAL B 145 -20.33 39.56 24.49
C VAL B 145 -20.08 39.46 25.99
N LYS B 146 -21.13 39.73 26.78
CA LYS B 146 -21.01 40.02 28.20
C LYS B 146 -21.73 38.99 29.06
N ASP B 147 -21.15 38.70 30.24
CA ASP B 147 -21.82 38.04 31.37
C ASP B 147 -22.40 36.65 31.05
N TYR B 148 -21.47 35.68 30.91
CA TYR B 148 -21.71 34.23 30.76
C TYR B 148 -20.72 33.51 31.69
N PHE B 149 -20.99 32.21 32.07
CA PHE B 149 -19.95 31.78 33.03
C PHE B 149 -18.95 30.77 32.51
N PRO B 150 -19.33 29.55 32.10
CA PRO B 150 -18.28 28.62 31.64
C PRO B 150 -17.53 29.20 30.44
N GLU B 151 -16.20 29.29 30.52
CA GLU B 151 -15.49 30.20 29.62
C GLU B 151 -15.67 30.00 28.11
N PRO B 152 -15.86 28.80 27.56
CA PRO B 152 -15.87 28.67 26.09
C PRO B 152 -17.01 29.40 25.41
N VAL B 153 -16.68 30.36 24.54
CA VAL B 153 -17.63 31.04 23.65
C VAL B 153 -17.02 31.02 22.27
N THR B 154 -17.87 31.02 21.24
CA THR B 154 -17.43 31.05 19.85
C THR B 154 -18.02 32.24 19.12
N VAL B 155 -17.17 33.15 18.70
CA VAL B 155 -17.62 34.27 17.90
C VAL B 155 -17.11 34.10 16.48
N SER B 156 -17.99 34.34 15.55
CA SER B 156 -17.71 34.33 14.14
C SER B 156 -18.28 35.62 13.57
N TRP B 157 -18.07 35.84 12.30
CA TRP B 157 -18.64 36.99 11.62
C TRP B 157 -19.18 36.57 10.28
N ASN B 158 -20.37 37.08 9.95
CA ASN B 158 -21.08 36.74 8.73
C ASN B 158 -21.02 35.23 8.49
N SER B 159 -21.13 34.45 9.56
CA SER B 159 -21.15 32.97 9.55
C SER B 159 -19.90 32.31 8.95
N GLY B 160 -18.71 32.79 9.33
CA GLY B 160 -17.46 32.20 8.86
C GLY B 160 -16.93 32.79 7.56
N ALA B 161 -17.71 33.65 6.89
CA ALA B 161 -17.30 34.25 5.62
C ALA B 161 -16.41 35.49 5.78
N LEU B 162 -16.50 36.23 6.89
CA LEU B 162 -15.59 37.35 7.17
C LEU B 162 -14.68 36.94 8.32
N THR B 163 -13.38 36.86 8.02
CA THR B 163 -12.35 36.45 8.98
C THR B 163 -11.17 37.41 8.95
N SER B 164 -10.90 37.97 7.77
CA SER B 164 -9.78 38.90 7.65
C SER B 164 -10.08 40.15 8.43
N GLY B 165 -9.06 40.65 9.13
CA GLY B 165 -9.17 41.83 9.97
C GLY B 165 -9.80 41.59 11.32
N VAL B 166 -10.15 40.34 11.64
CA VAL B 166 -10.96 40.02 12.81
C VAL B 166 -10.08 39.76 14.00
N HIS B 167 -10.45 40.34 15.13
CA HIS B 167 -9.75 40.10 16.38
C HIS B 167 -10.83 39.80 17.38
N THR B 168 -10.76 38.63 17.95
CA THR B 168 -11.64 38.21 19.01
C THR B 168 -10.72 38.06 20.21
N PHE B 169 -10.92 38.90 21.21
CA PHE B 169 -9.97 39.00 22.30
C PHE B 169 -10.21 37.91 23.32
N PRO B 170 -9.18 37.57 24.08
CA PRO B 170 -9.38 36.66 25.20
C PRO B 170 -10.38 37.25 26.18
N ALA B 171 -11.23 36.37 26.72
CA ALA B 171 -12.22 36.78 27.71
C ALA B 171 -11.52 37.38 28.92
N VAL B 172 -12.22 38.23 29.63
CA VAL B 172 -11.77 38.68 30.92
C VAL B 172 -12.74 38.19 31.99
N LEU B 173 -12.18 37.87 33.15
CA LEU B 173 -12.96 37.40 34.29
C LEU B 173 -13.35 38.60 35.16
N GLN B 174 -14.60 39.03 35.05
CA GLN B 174 -14.99 40.23 35.77
C GLN B 174 -15.04 39.98 37.27
N SER B 175 -15.15 41.08 38.01
CA SER B 175 -15.28 40.99 39.46
C SER B 175 -16.60 40.37 39.85
N SER B 176 -17.65 40.50 39.02
CA SER B 176 -18.86 39.74 39.35
C SER B 176 -18.65 38.25 39.12
N GLY B 177 -17.47 37.86 38.57
CA GLY B 177 -17.11 36.48 38.30
C GLY B 177 -17.60 35.88 36.99
N LEU B 178 -18.46 36.57 36.24
CA LEU B 178 -18.80 36.15 34.89
C LEU B 178 -17.75 36.69 33.93
N TYR B 179 -17.61 36.02 32.81
CA TYR B 179 -16.66 36.47 31.80
C TYR B 179 -17.36 37.42 30.85
N SER B 180 -16.56 38.25 30.18
CA SER B 180 -17.05 39.06 29.07
C SER B 180 -15.93 39.17 28.05
N LEU B 181 -16.27 39.11 26.77
CA LEU B 181 -15.22 39.20 25.77
C LEU B 181 -15.62 40.17 24.69
N SER B 182 -14.61 40.63 23.98
CA SER B 182 -14.75 41.56 22.89
C SER B 182 -14.40 40.92 21.57
N SER B 183 -15.10 41.32 20.49
CA SER B 183 -14.83 40.80 19.14
C SER B 183 -14.95 41.90 18.11
N VAL B 184 -13.85 42.36 17.57
CA VAL B 184 -13.96 43.45 16.62
C VAL B 184 -13.37 43.05 15.28
N VAL B 185 -13.87 43.67 14.23
CA VAL B 185 -13.38 43.50 12.87
C VAL B 185 -13.33 44.88 12.23
N THR B 186 -12.26 45.14 11.52
CA THR B 186 -12.07 46.39 10.80
C THR B 186 -12.35 46.12 9.33
N VAL B 187 -13.23 46.94 8.74
CA VAL B 187 -13.62 46.82 7.34
C VAL B 187 -13.47 48.18 6.68
N PRO B 188 -13.42 48.23 5.35
CA PRO B 188 -13.35 49.53 4.66
C PRO B 188 -14.63 50.35 4.82
N SER B 189 -14.50 51.68 5.04
CA SER B 189 -15.69 52.49 5.34
C SER B 189 -16.72 52.41 4.21
N SER B 190 -16.22 52.27 2.97
CA SER B 190 -17.07 52.20 1.80
C SER B 190 -17.94 50.93 1.76
N SER B 191 -17.41 49.79 2.25
CA SER B 191 -18.29 48.63 2.34
C SER B 191 -19.26 48.80 3.51
N LEU B 192 -18.87 49.60 4.50
CA LEU B 192 -19.70 49.78 5.68
C LEU B 192 -21.06 50.34 5.27
N GLY B 193 -22.13 49.64 5.66
CA GLY B 193 -23.49 50.00 5.28
C GLY B 193 -23.87 49.56 3.88
N THR B 194 -22.89 49.07 3.10
CA THR B 194 -23.10 48.47 1.79
C THR B 194 -23.06 46.96 1.92
N GLN B 195 -22.46 46.48 3.01
CA GLN B 195 -22.32 45.09 3.42
C GLN B 195 -23.02 44.92 4.78
N THR B 196 -23.55 43.72 5.01
CA THR B 196 -24.15 43.39 6.30
C THR B 196 -23.16 42.63 7.19
N TYR B 197 -23.10 42.97 8.48
CA TYR B 197 -22.09 42.41 9.37
C TYR B 197 -22.78 41.78 10.57
N ILE B 198 -22.79 40.45 10.61
CA ILE B 198 -23.46 39.65 11.62
C ILE B 198 -22.38 38.93 12.39
N CYS B 199 -22.34 39.13 13.69
CA CYS B 199 -21.47 38.33 14.52
C CYS B 199 -22.29 37.21 15.13
N ASN B 200 -21.80 36.00 15.02
CA ASN B 200 -22.51 34.82 15.46
C ASN B 200 -21.81 34.30 16.71
N VAL B 201 -22.48 34.37 17.83
CA VAL B 201 -21.88 33.85 19.03
C VAL B 201 -22.57 32.54 19.38
N ASN B 202 -21.79 31.64 19.96
CA ASN B 202 -22.28 30.40 20.53
C ASN B 202 -21.64 30.18 21.89
N HIS B 203 -22.48 30.07 22.93
CA HIS B 203 -22.04 29.69 24.27
C HIS B 203 -22.71 28.35 24.53
N LYS B 204 -21.99 27.28 24.19
CA LYS B 204 -22.54 25.93 24.30
C LYS B 204 -23.01 25.61 25.73
N PRO B 205 -22.30 26.01 26.81
CA PRO B 205 -22.75 25.61 28.18
C PRO B 205 -24.12 26.11 28.58
N SER B 206 -24.66 27.17 27.96
CA SER B 206 -26.01 27.66 28.22
C SER B 206 -26.94 27.41 27.05
N ASN B 207 -26.43 26.76 25.99
CA ASN B 207 -27.16 26.49 24.75
C ASN B 207 -27.77 27.79 24.23
N THR B 208 -27.03 28.87 24.45
CA THR B 208 -27.38 30.19 23.98
C THR B 208 -26.79 30.30 22.58
N LYS B 209 -27.61 30.65 21.60
CA LYS B 209 -27.08 30.98 20.30
C LYS B 209 -27.64 32.36 19.98
N VAL B 210 -26.76 33.27 19.56
CA VAL B 210 -27.15 34.65 19.25
C VAL B 210 -26.52 35.03 17.91
N ASP B 211 -27.32 35.61 17.00
CA ASP B 211 -26.84 36.26 15.78
C ASP B 211 -27.24 37.74 15.83
N LYS B 212 -26.38 38.59 16.36
CA LYS B 212 -26.69 40.02 16.42
C LYS B 212 -26.15 40.71 15.17
N LYS B 213 -27.02 41.48 14.51
CA LYS B 213 -26.55 42.32 13.43
C LYS B 213 -25.88 43.56 14.00
N VAL B 214 -24.77 43.95 13.40
CA VAL B 214 -24.12 45.19 13.78
C VAL B 214 -24.27 46.13 12.59
N GLU B 215 -24.75 47.34 12.86
CA GLU B 215 -24.82 48.37 11.85
C GLU B 215 -24.59 49.70 12.55
N PRO B 216 -24.19 50.75 11.80
CA PRO B 216 -23.94 52.11 12.30
C PRO B 216 -24.85 52.60 13.40
N ASP C 1 9.89 9.98 35.70
CA ASP C 1 9.35 11.21 35.10
C ASP C 1 10.39 12.11 34.45
N ILE C 2 10.74 11.78 33.20
CA ILE C 2 11.74 12.53 32.45
C ILE C 2 11.31 13.98 32.39
N LYS C 3 12.19 14.88 32.84
CA LYS C 3 11.87 16.31 32.82
C LYS C 3 12.39 16.92 31.54
N MET C 4 11.53 17.67 30.86
CA MET C 4 11.88 18.27 29.58
C MET C 4 12.13 19.75 29.80
N THR C 5 13.32 20.19 29.43
CA THR C 5 13.69 21.57 29.68
C THR C 5 14.08 22.25 28.38
N GLN C 6 13.32 23.29 28.06
CA GLN C 6 13.34 24.01 26.80
C GLN C 6 13.85 25.42 27.06
N SER C 7 14.85 25.83 26.28
CA SER C 7 15.39 27.16 26.41
C SER C 7 15.60 27.74 25.02
N PRO C 8 15.34 29.05 24.84
CA PRO C 8 14.85 30.01 25.85
C PRO C 8 13.33 29.94 26.05
N LEU C 9 12.72 30.61 27.03
CA LEU C 9 11.26 30.51 27.18
C LEU C 9 10.53 31.29 26.10
N SER C 10 11.09 32.40 25.68
CA SER C 10 10.56 33.26 24.63
C SER C 10 11.72 33.56 23.68
N LEU C 11 11.46 33.54 22.38
CA LEU C 11 12.51 33.76 21.36
C LEU C 11 12.11 34.83 20.38
N PRO C 12 12.55 36.07 20.61
CA PRO C 12 12.34 37.14 19.61
C PRO C 12 13.24 36.93 18.40
N VAL C 13 12.62 36.74 17.23
CA VAL C 13 13.37 36.68 15.98
C VAL C 13 12.68 37.61 15.01
N SER C 14 13.45 38.08 14.04
CA SER C 14 12.95 38.91 12.95
C SER C 14 12.67 38.00 11.75
N LEU C 15 11.70 38.39 10.92
CA LEU C 15 11.38 37.58 9.74
C LEU C 15 12.65 37.41 8.91
N GLY C 16 12.89 36.17 8.46
CA GLY C 16 14.06 35.79 7.71
C GLY C 16 15.19 35.22 8.54
N ASP C 17 15.34 35.68 9.80
CA ASP C 17 16.32 35.16 10.75
C ASP C 17 16.30 33.64 10.96
N GLN C 18 17.33 33.13 11.64
CA GLN C 18 17.33 31.75 12.10
C GLN C 18 17.00 31.69 13.58
N ALA C 19 16.22 30.68 13.94
CA ALA C 19 15.82 30.45 15.31
C ALA C 19 16.39 29.09 15.75
N SER C 20 16.88 29.03 16.98
CA SER C 20 17.43 27.83 17.55
C SER C 20 16.68 27.58 18.85
N ILE C 21 16.11 26.38 18.99
CA ILE C 21 15.40 25.97 20.20
C ILE C 21 16.04 24.70 20.74
N SER C 22 16.45 24.73 22.02
CA SER C 22 17.18 23.65 22.64
C SER C 22 16.29 22.97 23.64
N CYS C 23 16.33 21.65 23.64
CA CYS C 23 15.57 20.84 24.58
C CYS C 23 16.51 19.86 25.25
N ARG C 24 16.50 19.83 26.59
CA ARG C 24 17.33 18.96 27.39
C ARG C 24 16.45 18.14 28.35
N SER C 25 16.82 16.87 28.56
CA SER C 25 16.04 15.90 29.32
C SER C 25 16.84 15.32 30.48
N SER C 26 16.06 14.85 31.47
CA SER C 26 16.59 14.26 32.70
C SER C 26 17.36 12.94 32.44
N GLN C 27 16.89 12.09 31.55
CA GLN C 27 17.62 10.87 31.24
C GLN C 27 17.72 10.69 29.75
N SER C 28 18.54 9.74 29.32
CA SER C 28 18.73 9.52 27.89
C SER C 28 17.42 9.19 27.20
N LEU C 29 17.25 9.74 26.01
CA LEU C 29 16.04 9.48 25.27
C LEU C 29 16.22 8.32 24.29
N VAL C 30 17.35 7.62 24.37
CA VAL C 30 17.59 6.45 23.52
C VAL C 30 16.86 5.23 24.09
N HIS C 31 16.03 4.61 23.24
CA HIS C 31 15.34 3.37 23.57
C HIS C 31 16.28 2.19 23.35
N SER C 32 16.08 1.15 24.16
CA SER C 32 16.85 -0.06 24.00
C SER C 32 16.72 -0.67 22.61
N ASN C 33 15.66 -0.35 21.87
CA ASN C 33 15.50 -0.92 20.55
C ASN C 33 16.41 -0.24 19.51
N GLY C 34 17.14 0.80 19.92
CA GLY C 34 18.00 1.54 19.04
C GLY C 34 17.47 2.86 18.52
N HIS C 35 16.24 3.23 18.85
CA HIS C 35 15.58 4.48 18.45
C HIS C 35 15.59 5.55 19.55
N THR C 36 15.33 6.80 19.14
CA THR C 36 15.17 7.91 20.08
C THR C 36 13.85 8.62 19.86
N TYR C 37 13.01 8.62 20.88
CA TYR C 37 11.67 9.11 20.72
C TYR C 37 11.58 10.48 21.37
N LEU C 38 12.17 11.47 20.66
CA LEU C 38 11.88 12.89 20.89
C LEU C 38 11.51 13.65 19.61
N HIS C 39 10.40 14.42 19.73
CA HIS C 39 9.66 15.08 18.66
C HIS C 39 9.38 16.53 19.04
N TRP C 40 9.13 17.34 18.00
CA TRP C 40 8.84 18.77 18.11
C TRP C 40 7.43 19.09 17.65
N TYR C 41 6.69 19.81 18.49
CA TYR C 41 5.33 20.24 18.16
C TYR C 41 5.29 21.76 18.23
N LEU C 42 4.42 22.33 17.40
CA LEU C 42 4.14 23.76 17.40
C LEU C 42 2.65 23.95 17.53
N GLN C 43 2.24 24.66 18.59
CA GLN C 43 0.85 25.01 18.87
C GLN C 43 0.71 26.50 18.62
N LYS C 44 0.08 26.86 17.49
CA LYS C 44 -0.18 28.24 17.14
C LYS C 44 -1.28 28.77 18.06
N PRO C 45 -1.44 30.07 18.16
CA PRO C 45 -2.47 30.62 19.07
C PRO C 45 -3.85 30.01 18.83
N GLY C 46 -4.45 29.48 19.90
CA GLY C 46 -5.80 28.94 19.83
C GLY C 46 -5.98 27.73 18.92
N GLN C 47 -4.91 27.05 18.55
CA GLN C 47 -5.02 25.83 17.79
C GLN C 47 -4.46 24.66 18.58
N SER C 48 -4.71 23.45 18.07
CA SER C 48 -4.14 22.27 18.67
C SER C 48 -2.68 22.12 18.22
N PRO C 49 -1.88 21.39 18.99
CA PRO C 49 -0.49 21.18 18.62
C PRO C 49 -0.36 20.40 17.34
N LYS C 50 0.63 20.77 16.56
CA LYS C 50 0.95 20.06 15.34
C LYS C 50 2.38 19.50 15.38
N LEU C 51 2.55 18.27 14.89
CA LEU C 51 3.86 17.64 14.85
C LEU C 51 4.70 18.26 13.72
N LEU C 52 5.88 18.73 14.10
CA LEU C 52 6.85 19.22 13.13
C LEU C 52 7.82 18.11 12.81
N ILE C 53 8.59 17.69 13.81
CA ILE C 53 9.69 16.75 13.62
C ILE C 53 9.48 15.58 14.57
N TYR C 54 9.53 14.35 14.04
CA TYR C 54 9.39 13.18 14.88
C TYR C 54 10.68 12.37 14.94
N LYS C 55 10.89 11.75 16.09
CA LYS C 55 12.07 10.93 16.32
C LYS C 55 13.34 11.73 15.95
N VAL C 56 13.55 12.75 16.79
CA VAL C 56 14.72 13.63 16.77
C VAL C 56 14.84 14.45 15.49
N SER C 57 14.72 13.82 14.29
CA SER C 57 15.09 14.57 13.09
C SER C 57 14.25 14.36 11.83
N ASN C 58 13.16 13.60 11.88
CA ASN C 58 12.35 13.28 10.69
C ASN C 58 11.18 14.24 10.60
N ARG C 59 10.98 14.77 9.41
CA ARG C 59 9.93 15.74 9.16
C ARG C 59 8.58 15.07 9.07
N PHE C 60 7.60 15.61 9.78
CA PHE C 60 6.28 15.06 9.58
C PHE C 60 5.75 15.56 8.25
N SER C 61 4.92 14.74 7.61
CA SER C 61 4.37 15.08 6.31
C SER C 61 3.80 16.50 6.32
N GLY C 62 4.06 17.24 5.24
CA GLY C 62 3.54 18.59 5.10
C GLY C 62 4.36 19.68 5.77
N VAL C 63 5.51 19.35 6.35
CA VAL C 63 6.41 20.29 7.03
C VAL C 63 7.48 20.84 6.09
N PRO C 64 7.70 22.16 6.09
CA PRO C 64 8.61 22.77 5.09
C PRO C 64 10.05 22.33 5.31
N ASP C 65 10.91 22.68 4.34
CA ASP C 65 12.29 22.24 4.50
C ASP C 65 13.09 23.09 5.46
N ARG C 66 12.57 24.22 5.94
CA ARG C 66 13.34 25.08 6.86
C ARG C 66 13.34 24.59 8.30
N PHE C 67 12.55 23.56 8.61
CA PHE C 67 12.52 22.94 9.92
C PHE C 67 13.42 21.72 9.94
N SER C 68 14.36 21.72 10.87
CA SER C 68 15.36 20.68 11.02
C SER C 68 15.55 20.39 12.51
N GLY C 69 15.61 19.10 12.82
CA GLY C 69 15.72 18.64 14.18
C GLY C 69 17.05 17.92 14.38
N SER C 70 17.77 18.35 15.41
CA SER C 70 19.10 17.83 15.70
C SER C 70 19.22 17.56 17.20
N GLY C 71 20.27 16.84 17.54
CA GLY C 71 20.51 16.45 18.90
C GLY C 71 20.72 14.96 19.01
N SER C 72 21.00 14.52 20.23
CA SER C 72 21.21 13.11 20.53
C SER C 72 21.29 12.98 22.04
N GLY C 73 21.07 11.78 22.56
CA GLY C 73 21.27 11.64 23.98
C GLY C 73 20.30 12.45 24.80
N THR C 74 20.76 13.53 25.43
CA THR C 74 19.81 14.42 26.10
C THR C 74 19.84 15.87 25.63
N ASP C 75 20.73 16.26 24.69
CA ASP C 75 20.71 17.62 24.15
C ASP C 75 20.33 17.57 22.67
N PHE C 76 19.22 18.25 22.34
CA PHE C 76 18.57 18.34 21.03
C PHE C 76 18.22 19.77 20.64
N THR C 77 18.36 20.02 19.35
CA THR C 77 18.20 21.35 18.82
C THR C 77 17.24 21.29 17.66
N LEU C 78 16.21 22.14 17.72
CA LEU C 78 15.34 22.43 16.60
C LEU C 78 15.73 23.77 16.01
N LYS C 79 15.90 23.81 14.70
CA LYS C 79 16.29 25.04 14.02
C LYS C 79 15.35 25.31 12.86
N ILE C 80 14.95 26.59 12.75
CA ILE C 80 14.08 27.19 11.74
C ILE C 80 15.00 28.05 10.87
N SER C 81 15.26 27.64 9.61
CA SER C 81 16.31 28.36 8.86
C SER C 81 15.85 29.75 8.44
N ARG C 82 14.62 29.91 7.94
CA ARG C 82 14.11 31.22 7.54
C ARG C 82 12.70 31.48 8.10
N VAL C 83 12.70 32.17 9.25
CA VAL C 83 11.50 32.50 10.02
C VAL C 83 10.47 33.17 9.11
N GLU C 84 9.22 32.73 9.21
CA GLU C 84 8.14 33.39 8.51
C GLU C 84 7.05 33.83 9.49
N ALA C 85 6.12 34.63 8.99
CA ALA C 85 5.17 35.22 9.90
C ALA C 85 4.27 34.14 10.47
N GLU C 86 3.85 33.18 9.64
CA GLU C 86 2.96 32.13 10.13
C GLU C 86 3.59 31.21 11.16
N ASP C 87 4.92 31.27 11.34
CA ASP C 87 5.63 30.32 12.21
C ASP C 87 5.52 30.69 13.65
N LEU C 88 4.66 31.66 13.96
CA LEU C 88 4.40 32.05 15.34
C LEU C 88 3.84 30.90 16.16
N GLY C 89 4.25 30.84 17.40
CA GLY C 89 3.57 29.96 18.31
C GLY C 89 4.52 29.45 19.36
N ILE C 90 3.95 28.62 20.22
CA ILE C 90 4.71 27.97 21.27
C ILE C 90 5.10 26.61 20.73
N TYR C 91 6.41 26.33 20.74
CA TYR C 91 7.02 25.08 20.31
C TYR C 91 7.25 24.18 21.52
N PHE C 92 6.73 22.96 21.44
CA PHE C 92 6.91 21.97 22.50
C PHE C 92 7.75 20.83 21.96
N CYS C 93 8.68 20.36 22.78
CA CYS C 93 9.36 19.08 22.59
C CYS C 93 8.71 18.02 23.49
N SER C 94 8.83 16.77 23.05
CA SER C 94 8.22 15.65 23.73
C SER C 94 9.06 14.40 23.55
N GLN C 95 9.29 13.70 24.66
CA GLN C 95 9.88 12.36 24.68
C GLN C 95 8.74 11.36 24.84
N SER C 96 8.71 10.35 23.97
CA SER C 96 7.75 9.25 24.05
C SER C 96 8.51 7.95 24.22
N THR C 97 9.68 8.04 24.83
CA THR C 97 10.50 6.88 25.13
C THR C 97 10.08 6.23 26.43
N HIS C 98 9.86 7.03 27.47
CA HIS C 98 9.50 6.49 28.78
C HIS C 98 8.11 6.98 29.12
N VAL C 99 7.38 6.12 29.83
CA VAL C 99 6.06 6.45 30.37
C VAL C 99 6.29 7.04 31.75
N PRO C 100 5.63 8.16 32.11
CA PRO C 100 4.63 8.90 31.33
C PRO C 100 5.30 9.79 30.33
N PHE C 101 4.73 9.97 29.15
CA PHE C 101 5.28 10.94 28.21
C PHE C 101 5.40 12.30 28.89
N THR C 102 6.40 13.07 28.49
CA THR C 102 6.50 14.42 28.99
C THR C 102 6.80 15.45 27.90
N PHE C 103 6.27 16.63 28.12
CA PHE C 103 6.44 17.72 27.18
C PHE C 103 7.14 18.84 27.92
N GLY C 104 8.00 19.56 27.22
CA GLY C 104 8.62 20.76 27.75
C GLY C 104 7.58 21.84 28.03
N SER C 105 8.05 22.93 28.68
CA SER C 105 7.18 24.07 29.01
C SER C 105 6.92 25.00 27.84
N GLY C 106 7.71 24.93 26.76
CA GLY C 106 7.40 25.75 25.60
C GLY C 106 8.32 26.95 25.39
N THR C 107 8.65 27.16 24.13
CA THR C 107 9.36 28.34 23.66
C THR C 107 8.42 29.18 22.83
N LYS C 108 8.22 30.43 23.24
CA LYS C 108 7.30 31.32 22.56
C LYS C 108 8.05 32.04 21.45
N LEU C 109 7.79 31.65 20.20
CA LEU C 109 8.45 32.30 19.08
C LEU C 109 7.73 33.60 18.87
N GLU C 110 8.45 34.71 18.96
CA GLU C 110 7.81 35.99 18.73
C GLU C 110 8.46 36.57 17.49
N ILE C 111 7.86 37.59 16.90
CA ILE C 111 8.42 38.12 15.66
C ILE C 111 8.84 39.57 15.93
N LYS C 112 10.08 39.91 15.58
CA LYS C 112 10.50 41.30 15.54
C LYS C 112 9.99 41.90 14.22
N ARG C 113 9.36 43.07 14.32
CA ARG C 113 8.64 43.70 13.24
C ARG C 113 8.99 45.17 13.19
N THR C 114 8.86 45.77 12.00
CA THR C 114 9.01 47.21 11.97
C THR C 114 7.89 47.76 12.84
N VAL C 115 8.27 48.64 13.78
CA VAL C 115 7.34 49.20 14.76
C VAL C 115 6.19 49.90 14.07
N ALA C 116 4.99 49.76 14.63
CA ALA C 116 3.82 50.42 14.07
C ALA C 116 2.92 50.93 15.19
N ALA C 117 2.73 52.26 15.24
CA ALA C 117 1.87 52.86 16.22
C ALA C 117 0.46 52.27 16.09
N PRO C 118 -0.35 52.38 17.13
CA PRO C 118 -1.68 51.79 17.08
C PRO C 118 -2.75 52.68 16.49
N SER C 119 -3.58 52.08 15.66
CA SER C 119 -4.85 52.71 15.35
C SER C 119 -5.71 52.62 16.60
N VAL C 120 -6.41 53.70 16.93
CA VAL C 120 -7.22 53.71 18.14
C VAL C 120 -8.65 54.09 17.81
N PHE C 121 -9.57 53.35 18.38
CA PHE C 121 -10.99 53.51 18.18
C PHE C 121 -11.66 53.51 19.55
N ILE C 122 -12.74 54.28 19.68
CA ILE C 122 -13.45 54.36 20.95
C ILE C 122 -14.93 54.11 20.67
N PHE C 123 -15.58 53.31 21.53
CA PHE C 123 -16.97 52.86 21.37
C PHE C 123 -17.87 53.31 22.51
N PRO C 124 -18.97 54.02 22.21
CA PRO C 124 -20.01 54.29 23.23
C PRO C 124 -20.93 53.09 23.41
N PRO C 125 -21.42 52.87 24.63
CA PRO C 125 -22.33 51.75 24.91
C PRO C 125 -23.64 51.81 24.14
N SER C 126 -24.12 50.65 23.69
CA SER C 126 -25.32 50.57 22.86
C SER C 126 -26.55 50.86 23.70
N ASP C 127 -27.65 51.11 22.98
CA ASP C 127 -28.93 51.35 23.66
C ASP C 127 -29.42 50.12 24.42
N GLU C 128 -29.17 48.91 23.89
CA GLU C 128 -29.53 47.70 24.63
C GLU C 128 -28.79 47.56 25.97
N GLN C 129 -27.53 48.05 26.05
CA GLN C 129 -26.82 48.07 27.35
C GLN C 129 -27.37 49.13 28.31
N LEU C 130 -27.72 50.30 27.78
CA LEU C 130 -28.27 51.34 28.64
C LEU C 130 -29.62 50.92 29.24
N LYS C 131 -30.48 50.25 28.45
CA LYS C 131 -31.76 49.74 28.96
C LYS C 131 -31.56 48.74 30.09
N SER C 132 -30.50 47.95 30.04
CA SER C 132 -30.22 47.01 31.12
C SER C 132 -29.71 47.68 32.38
N GLY C 133 -29.36 48.96 32.33
CA GLY C 133 -28.89 49.67 33.51
C GLY C 133 -27.40 49.67 33.71
N THR C 134 -26.64 48.95 32.91
CA THR C 134 -25.20 49.07 32.98
C THR C 134 -24.69 49.77 31.72
N ALA C 135 -23.42 50.17 31.76
CA ALA C 135 -22.82 50.88 30.63
C ALA C 135 -21.35 50.55 30.54
N SER C 136 -20.95 50.00 29.39
CA SER C 136 -19.56 49.65 29.10
C SER C 136 -19.02 50.52 27.97
N VAL C 137 -17.83 51.10 28.16
CA VAL C 137 -17.17 51.87 27.11
C VAL C 137 -15.87 51.19 26.72
N VAL C 138 -15.70 50.99 25.41
CA VAL C 138 -14.63 50.17 24.85
C VAL C 138 -13.68 51.05 24.05
N CYS C 139 -12.40 50.88 24.30
CA CYS C 139 -11.33 51.52 23.54
C CYS C 139 -10.53 50.41 22.87
N LEU C 140 -10.40 50.46 21.54
CA LEU C 140 -9.65 49.47 20.80
C LEU C 140 -8.35 50.06 20.29
N LEU C 141 -7.27 49.33 20.48
CA LEU C 141 -5.96 49.68 19.96
C LEU C 141 -5.64 48.65 18.90
N ASN C 142 -5.47 49.06 17.64
CA ASN C 142 -5.51 48.09 16.55
C ASN C 142 -4.17 47.91 15.86
N ASN C 143 -3.79 46.64 15.67
CA ASN C 143 -2.72 46.23 14.75
C ASN C 143 -1.49 47.11 14.90
N PHE C 144 -0.86 46.96 16.08
CA PHE C 144 0.34 47.69 16.47
C PHE C 144 1.45 46.74 16.93
N TYR C 145 2.68 47.29 16.98
CA TYR C 145 3.91 46.63 17.41
C TYR C 145 4.86 47.67 17.98
N PRO C 146 5.66 47.36 19.04
CA PRO C 146 5.64 46.17 19.91
C PRO C 146 4.48 46.19 20.89
N ARG C 147 4.38 45.10 21.64
CA ARG C 147 3.20 44.83 22.46
C ARG C 147 2.97 45.89 23.51
N GLU C 148 4.05 46.49 24.02
CA GLU C 148 3.97 47.36 25.17
C GLU C 148 3.05 48.56 24.92
N ALA C 149 1.99 48.70 25.71
CA ALA C 149 1.05 49.79 25.52
C ALA C 149 0.36 50.20 26.83
N LYS C 150 0.11 51.51 26.95
CA LYS C 150 -0.44 52.12 28.15
C LYS C 150 -1.75 52.82 27.82
N VAL C 151 -2.86 52.19 28.11
CA VAL C 151 -4.15 52.83 27.89
C VAL C 151 -4.44 53.66 29.12
N GLN C 152 -4.98 54.83 28.89
CA GLN C 152 -5.39 55.72 29.96
C GLN C 152 -6.85 56.03 29.73
N TRP C 153 -7.67 55.79 30.73
CA TRP C 153 -9.09 56.11 30.64
C TRP C 153 -9.33 57.44 31.35
N LYS C 154 -9.97 58.38 30.65
CA LYS C 154 -10.30 59.69 31.19
C LYS C 154 -11.77 60.01 30.89
N VAL C 155 -12.59 60.07 31.94
CA VAL C 155 -13.98 60.50 31.85
C VAL C 155 -14.00 61.96 32.27
N ASP C 156 -14.31 62.84 31.32
CA ASP C 156 -14.37 64.26 31.62
C ASP C 156 -13.08 64.69 32.30
N ASN C 157 -11.95 64.35 31.66
CA ASN C 157 -10.58 64.64 32.11
C ASN C 157 -10.19 63.93 33.41
N ALA C 158 -10.93 62.88 33.81
CA ALA C 158 -10.65 62.18 35.06
C ALA C 158 -9.97 60.85 34.78
N LEU C 159 -8.67 60.79 35.02
CA LEU C 159 -7.94 59.54 34.88
C LEU C 159 -8.57 58.55 35.85
N GLN C 160 -8.64 57.29 35.44
CA GLN C 160 -9.23 56.27 36.27
C GLN C 160 -8.26 55.10 36.42
N SER C 161 -8.51 54.30 37.46
CA SER C 161 -7.79 53.05 37.64
C SER C 161 -8.70 52.14 38.45
N GLY C 162 -8.64 50.84 38.17
CA GLY C 162 -9.39 49.84 38.89
C GLY C 162 -10.82 49.61 38.44
N ASN C 163 -11.37 50.43 37.54
CA ASN C 163 -12.67 50.18 36.92
C ASN C 163 -12.50 49.87 35.44
N SER C 164 -11.31 49.44 35.05
CA SER C 164 -10.94 49.15 33.69
C SER C 164 -10.31 47.76 33.63
N GLN C 165 -10.71 46.98 32.63
CA GLN C 165 -10.07 45.70 32.31
C GLN C 165 -9.55 45.77 30.89
N GLU C 166 -8.40 45.17 30.62
CA GLU C 166 -7.91 45.16 29.25
C GLU C 166 -7.40 43.77 28.90
N SER C 167 -7.49 43.45 27.62
CA SER C 167 -7.17 42.14 27.06
C SER C 167 -6.25 42.35 25.86
N VAL C 168 -5.34 41.43 25.62
CA VAL C 168 -4.45 41.57 24.49
C VAL C 168 -4.48 40.33 23.61
N THR C 169 -4.46 40.54 22.29
CA THR C 169 -4.34 39.36 21.44
C THR C 169 -2.89 38.93 21.36
N GLU C 170 -2.74 37.72 20.84
CA GLU C 170 -1.51 37.10 20.47
C GLU C 170 -1.01 37.72 19.18
N GLN C 171 0.26 37.52 18.86
CA GLN C 171 0.74 38.02 17.58
C GLN C 171 -0.08 37.45 16.43
N ASP C 172 -0.42 38.31 15.50
CA ASP C 172 -1.24 37.91 14.39
C ASP C 172 -0.35 37.23 13.37
N SER C 173 -0.86 36.14 12.79
CA SER C 173 -0.08 35.31 11.90
C SER C 173 0.25 35.99 10.58
N LYS C 174 -0.60 36.88 10.08
CA LYS C 174 -0.27 37.52 8.82
C LYS C 174 0.81 38.59 8.97
N ASP C 175 0.68 39.47 9.97
CA ASP C 175 1.57 40.63 10.05
C ASP C 175 2.43 40.68 11.31
N SER C 176 2.21 39.78 12.28
CA SER C 176 3.01 39.75 13.49
C SER C 176 2.87 41.06 14.26
N THR C 177 1.63 41.52 14.39
CA THR C 177 1.18 42.68 15.16
C THR C 177 0.24 42.24 16.28
N TYR C 178 -0.10 43.18 17.15
CA TYR C 178 -1.06 42.96 18.22
C TYR C 178 -2.24 43.90 18.12
N SER C 179 -3.29 43.55 18.86
CA SER C 179 -4.42 44.41 19.11
C SER C 179 -4.67 44.35 20.61
N LEU C 180 -5.40 45.33 21.16
CA LEU C 180 -5.68 45.35 22.60
C LEU C 180 -7.03 46.01 22.85
N SER C 181 -7.93 45.34 23.57
CA SER C 181 -9.22 45.96 23.90
C SER C 181 -9.24 46.22 25.40
N SER C 182 -9.43 47.49 25.77
CA SER C 182 -9.48 47.94 27.16
C SER C 182 -10.88 48.45 27.44
N THR C 183 -11.49 47.94 28.51
CA THR C 183 -12.90 48.23 28.78
C THR C 183 -13.04 48.93 30.13
N LEU C 184 -13.61 50.12 30.11
CA LEU C 184 -13.96 50.84 31.33
C LEU C 184 -15.42 50.60 31.63
N THR C 185 -15.73 50.42 32.90
CA THR C 185 -17.06 50.03 33.35
C THR C 185 -17.69 51.06 34.30
N LEU C 186 -18.96 51.41 34.04
CA LEU C 186 -19.76 52.29 34.90
C LEU C 186 -21.25 51.91 34.86
N SER C 187 -22.02 52.51 35.79
CA SER C 187 -23.48 52.37 35.86
C SER C 187 -24.22 53.35 34.96
N LYS C 188 -25.41 52.94 34.48
CA LYS C 188 -26.17 53.79 33.56
C LYS C 188 -26.50 55.12 34.20
N ALA C 189 -26.89 55.11 35.48
CA ALA C 189 -27.06 56.37 36.17
C ALA C 189 -25.78 57.20 36.14
N ASP C 190 -24.62 56.56 36.45
CA ASP C 190 -23.33 57.27 36.52
C ASP C 190 -22.76 57.69 35.17
N TYR C 191 -23.10 56.98 34.09
CA TYR C 191 -22.68 57.40 32.75
C TYR C 191 -23.40 58.69 32.31
N GLU C 192 -24.72 58.75 32.52
CA GLU C 192 -25.50 59.93 32.17
C GLU C 192 -25.04 61.16 32.97
N LYS C 193 -24.31 60.92 34.08
CA LYS C 193 -23.75 62.00 34.89
C LYS C 193 -22.72 62.82 34.13
N HIS C 194 -22.05 62.21 33.16
CA HIS C 194 -21.00 62.85 32.41
C HIS C 194 -21.33 62.83 30.92
N LYS C 195 -20.55 63.58 30.15
CA LYS C 195 -20.83 63.83 28.74
C LYS C 195 -19.61 63.55 27.84
N VAL C 196 -18.39 63.76 28.36
CA VAL C 196 -17.13 63.63 27.62
C VAL C 196 -16.40 62.37 28.08
N TYR C 197 -16.10 61.48 27.12
CA TYR C 197 -15.30 60.28 27.38
C TYR C 197 -14.13 60.21 26.40
N ALA C 198 -12.93 60.11 26.92
CA ALA C 198 -11.76 60.01 26.08
C ALA C 198 -10.88 58.84 26.54
N CYS C 199 -10.04 58.38 25.61
CA CYS C 199 -9.05 57.33 25.84
C CYS C 199 -7.69 57.86 25.42
N GLU C 200 -6.70 57.81 26.31
CA GLU C 200 -5.35 58.31 26.03
C GLU C 200 -4.36 57.15 25.87
N VAL C 201 -3.96 56.92 24.63
CA VAL C 201 -3.13 55.80 24.27
C VAL C 201 -1.69 56.29 24.21
N THR C 202 -0.80 55.61 24.93
CA THR C 202 0.63 55.93 24.94
C THR C 202 1.42 54.79 24.36
N HIS C 203 2.18 55.06 23.28
CA HIS C 203 2.95 53.97 22.69
C HIS C 203 4.26 54.47 22.08
N GLN C 204 5.26 53.55 22.07
CA GLN C 204 6.58 53.79 21.47
C GLN C 204 6.54 54.48 20.11
N GLY C 205 5.74 53.94 19.21
CA GLY C 205 5.53 54.47 17.91
C GLY C 205 4.71 55.74 17.88
N LEU C 206 4.08 56.10 18.99
CA LEU C 206 3.51 57.43 19.12
C LEU C 206 4.45 58.29 19.98
N SER C 207 5.12 59.27 19.35
CA SER C 207 6.06 60.11 20.10
C SER C 207 5.32 61.07 21.05
N SER C 208 4.01 61.17 20.89
CA SER C 208 3.09 61.86 21.75
C SER C 208 1.90 60.94 22.01
N PRO C 209 1.43 60.84 23.27
CA PRO C 209 0.20 60.09 23.52
C PRO C 209 -0.97 60.65 22.72
N VAL C 210 -1.78 59.75 22.16
CA VAL C 210 -2.88 60.13 21.29
C VAL C 210 -4.19 59.89 22.05
N THR C 211 -5.18 60.75 21.82
CA THR C 211 -6.49 60.65 22.47
C THR C 211 -7.59 60.60 21.43
N LYS C 212 -8.57 59.71 21.65
CA LYS C 212 -9.81 59.66 20.87
C LYS C 212 -10.96 59.82 21.85
N SER C 213 -12.00 60.56 21.45
CA SER C 213 -13.05 60.93 22.40
C SER C 213 -14.40 61.05 21.70
N PHE C 214 -15.46 61.11 22.51
CA PHE C 214 -16.83 61.25 22.02
C PHE C 214 -17.63 62.03 23.09
N ASN C 215 -18.81 62.54 22.69
CA ASN C 215 -19.73 63.19 23.64
C ASN C 215 -21.08 62.51 23.60
N ARG C 216 -21.67 62.31 24.79
CA ARG C 216 -22.87 61.48 24.91
C ARG C 216 -24.08 61.99 24.12
N GLU D 6 -2.55 -71.68 -28.99
CA GLU D 6 -2.57 -71.32 -27.58
C GLU D 6 -3.32 -69.98 -27.31
N PRO D 7 -4.28 -70.05 -26.37
CA PRO D 7 -5.15 -68.89 -26.07
C PRO D 7 -4.41 -67.72 -25.41
N ILE D 8 -4.62 -66.51 -25.94
CA ILE D 8 -3.88 -65.35 -25.46
C ILE D 8 -4.12 -65.10 -23.97
N ALA D 9 -5.34 -65.32 -23.49
CA ALA D 9 -5.55 -65.14 -22.06
C ALA D 9 -4.62 -66.06 -21.25
N ILE D 10 -4.32 -67.25 -21.78
CA ILE D 10 -3.41 -68.18 -21.13
C ILE D 10 -1.96 -67.73 -21.27
N ILE D 11 -1.56 -67.35 -22.49
CA ILE D 11 -0.21 -66.82 -22.70
C ILE D 11 0.04 -65.59 -21.85
N CYS D 12 -0.95 -64.69 -21.75
CA CYS D 12 -0.80 -63.53 -20.89
C CYS D 12 -0.83 -63.90 -19.42
N ASP D 13 -1.58 -64.93 -19.06
CA ASP D 13 -1.44 -65.45 -17.72
C ASP D 13 -0.04 -66.03 -17.51
N GLY D 14 0.54 -66.56 -18.58
CA GLY D 14 1.81 -67.26 -18.50
C GLY D 14 3.01 -66.36 -18.28
N ILE D 15 2.98 -65.14 -18.79
CA ILE D 15 4.08 -64.21 -18.63
C ILE D 15 3.71 -63.05 -17.74
N GLU D 16 2.61 -63.17 -17.00
CA GLU D 16 2.14 -62.03 -16.22
C GLU D 16 3.20 -61.60 -15.23
N GLY D 17 3.95 -62.57 -14.70
CA GLY D 17 5.00 -62.26 -13.74
C GLY D 17 6.09 -61.41 -14.35
N ASN D 18 6.63 -61.84 -15.50
CA ASN D 18 7.66 -61.05 -16.17
C ASN D 18 7.14 -59.64 -16.45
N MET D 19 5.90 -59.55 -16.94
CA MET D 19 5.30 -58.27 -17.27
C MET D 19 5.27 -57.36 -16.07
N LYS D 20 4.79 -57.88 -14.95
CA LYS D 20 4.73 -57.06 -13.74
C LYS D 20 6.12 -56.53 -13.36
N GLN D 21 7.20 -57.28 -13.67
CA GLN D 21 8.56 -56.78 -13.47
C GLN D 21 8.87 -55.63 -14.41
N LEU D 22 8.44 -55.73 -15.67
CA LEU D 22 8.67 -54.65 -16.63
C LEU D 22 7.98 -53.36 -16.21
N PHE D 23 6.76 -53.46 -15.70
CA PHE D 23 6.03 -52.24 -15.37
C PHE D 23 6.69 -51.52 -14.21
N SER D 24 7.37 -52.27 -13.33
CA SER D 24 7.97 -51.70 -12.13
C SER D 24 9.27 -50.96 -12.40
N VAL D 25 9.95 -51.25 -13.53
CA VAL D 25 11.22 -50.61 -13.87
C VAL D 25 11.05 -49.37 -14.74
N LEU D 26 9.75 -49.02 -15.17
CA LEU D 26 9.26 -47.97 -16.05
C LEU D 26 8.82 -46.70 -15.30
N PRO D 27 8.96 -45.55 -15.96
CA PRO D 27 8.38 -44.31 -15.42
C PRO D 27 6.91 -44.54 -15.13
N PRO D 28 6.36 -43.85 -14.14
CA PRO D 28 4.96 -44.15 -13.73
C PRO D 28 3.93 -44.07 -14.86
N ASP D 29 3.96 -43.00 -15.67
CA ASP D 29 3.05 -42.88 -16.83
C ASP D 29 3.24 -44.02 -17.82
N CYS D 30 4.47 -44.42 -18.04
CA CYS D 30 4.72 -45.47 -18.99
C CYS D 30 4.13 -46.77 -18.46
N ALA D 31 4.27 -47.00 -17.16
CA ALA D 31 3.75 -48.22 -16.55
C ALA D 31 2.24 -48.27 -16.61
N ARG D 32 1.55 -47.17 -16.36
CA ARG D 32 0.10 -47.19 -16.45
C ARG D 32 -0.33 -47.54 -17.87
N GLU D 33 0.22 -46.82 -18.83
CA GLU D 33 -0.08 -46.99 -20.23
C GLU D 33 0.18 -48.41 -20.71
N CYS D 34 1.24 -49.05 -20.19
CA CYS D 34 1.55 -50.43 -20.57
C CYS D 34 0.71 -51.46 -19.87
N GLU D 35 0.21 -51.16 -18.68
CA GLU D 35 -0.74 -52.08 -18.05
C GLU D 35 -1.96 -52.24 -18.93
N VAL D 36 -2.52 -51.13 -19.42
CA VAL D 36 -3.69 -51.17 -20.30
C VAL D 36 -3.39 -52.04 -21.50
N LEU D 37 -2.22 -51.87 -22.11
CA LEU D 37 -1.91 -52.62 -23.31
C LEU D 37 -1.86 -54.11 -23.02
N PHE D 38 -1.38 -54.50 -21.85
CA PHE D 38 -1.38 -55.92 -21.50
C PHE D 38 -2.79 -56.43 -21.17
N ASP D 39 -3.64 -55.61 -20.51
CA ASP D 39 -5.04 -56.02 -20.33
C ASP D 39 -5.75 -56.12 -21.67
N ASP D 40 -5.45 -55.20 -22.59
CA ASP D 40 -6.03 -55.28 -23.91
C ASP D 40 -5.54 -56.51 -24.67
N ILE D 41 -4.25 -56.86 -24.55
CA ILE D 41 -3.75 -58.05 -25.22
C ILE D 41 -4.38 -59.30 -24.62
N ARG D 42 -4.41 -59.41 -23.30
CA ARG D 42 -5.04 -60.57 -22.68
C ARG D 42 -6.43 -60.76 -23.25
N ASN D 43 -7.15 -59.67 -23.44
CA ASN D 43 -8.57 -59.69 -23.72
C ASN D 43 -8.87 -59.58 -25.21
N SER D 44 -7.84 -59.63 -26.07
CA SER D 44 -8.07 -59.40 -27.49
C SER D 44 -8.96 -60.49 -28.07
N PRO D 45 -9.81 -60.14 -29.02
CA PRO D 45 -10.59 -61.16 -29.72
C PRO D 45 -9.80 -61.92 -30.76
N THR D 46 -8.88 -61.25 -31.47
CA THR D 46 -8.15 -61.84 -32.60
C THR D 46 -6.62 -61.77 -32.39
N HIS D 47 -5.87 -62.69 -33.04
CA HIS D 47 -4.40 -62.53 -33.10
C HIS D 47 -4.01 -61.27 -33.84
N SER D 48 -4.86 -60.81 -34.75
CA SER D 48 -4.56 -59.56 -35.43
C SER D 48 -4.69 -58.38 -34.47
N THR D 49 -5.76 -58.35 -33.67
CA THR D 49 -5.92 -57.29 -32.68
C THR D 49 -4.84 -57.38 -31.60
N ALA D 50 -4.52 -58.59 -31.12
CA ALA D 50 -3.51 -58.72 -30.09
C ALA D 50 -2.15 -58.24 -30.62
N TRP D 51 -1.76 -58.72 -31.80
CA TRP D 51 -0.46 -58.36 -32.34
C TRP D 51 -0.31 -56.85 -32.46
N LYS D 52 -1.39 -56.15 -32.79
CA LYS D 52 -1.28 -54.71 -33.00
C LYS D 52 -0.98 -54.00 -31.69
N HIS D 53 -1.61 -54.46 -30.59
CA HIS D 53 -1.30 -53.94 -29.26
C HIS D 53 0.08 -54.33 -28.78
N ALA D 54 0.48 -55.59 -28.99
CA ALA D 54 1.83 -55.99 -28.63
C ALA D 54 2.85 -55.08 -29.30
N LEU D 55 2.69 -54.81 -30.60
CA LEU D 55 3.56 -53.87 -31.28
C LEU D 55 3.60 -52.53 -30.60
N ARG D 56 2.50 -52.10 -30.05
CA ARG D 56 2.56 -50.85 -29.33
C ARG D 56 3.29 -51.02 -27.99
N LEU D 57 3.03 -52.11 -27.25
CA LEU D 57 3.63 -52.29 -25.92
C LEU D 57 5.15 -52.40 -26.03
N LYS D 58 5.64 -53.03 -27.08
CA LYS D 58 7.07 -53.08 -27.37
C LYS D 58 7.66 -51.69 -27.48
N GLY D 59 7.09 -50.86 -28.36
CA GLY D 59 7.59 -49.51 -28.52
C GLY D 59 7.34 -48.66 -27.30
N THR D 60 6.14 -48.75 -26.73
CA THR D 60 5.84 -47.96 -25.55
C THR D 60 6.74 -48.32 -24.38
N ALA D 61 6.98 -49.61 -24.14
CA ALA D 61 7.89 -50.01 -23.06
C ALA D 61 9.30 -49.52 -23.31
N TYR D 62 9.80 -49.70 -24.55
CA TYR D 62 11.19 -49.36 -24.86
C TYR D 62 11.49 -47.88 -24.66
N GLU D 63 10.61 -46.96 -25.12
CA GLU D 63 10.89 -45.55 -24.83
C GLU D 63 10.93 -45.30 -23.35
N GLY D 64 10.11 -46.01 -22.59
CA GLY D 64 10.07 -45.82 -21.15
C GLY D 64 11.37 -46.18 -20.48
N LEU D 65 11.97 -47.29 -20.92
CA LEU D 65 13.29 -47.72 -20.47
C LEU D 65 14.36 -46.74 -20.92
N PHE D 66 14.28 -46.29 -22.18
CA PHE D 66 15.28 -45.36 -22.71
C PHE D 66 15.20 -44.03 -21.98
N ALA D 67 13.99 -43.51 -21.78
CA ALA D 67 13.81 -42.28 -21.01
C ALA D 67 14.34 -42.47 -19.60
N ASN D 68 14.15 -43.65 -19.04
CA ASN D 68 14.57 -43.91 -17.67
C ASN D 68 16.09 -43.92 -17.59
N CYS D 69 16.77 -44.43 -18.63
CA CYS D 69 18.21 -44.62 -18.62
C CYS D 69 19.01 -43.32 -18.68
N TYR D 70 18.43 -42.21 -19.17
CA TYR D 70 19.18 -40.96 -19.35
C TYR D 70 18.61 -39.78 -18.59
N GLY D 71 17.72 -40.02 -17.63
CA GLY D 71 17.14 -38.94 -16.85
C GLY D 71 15.95 -38.23 -17.49
N TRP D 72 15.44 -38.71 -18.61
CA TRP D 72 14.36 -38.03 -19.31
C TRP D 72 13.04 -38.59 -18.82
N GLN D 73 11.96 -37.86 -19.11
CA GLN D 73 10.65 -38.29 -18.64
C GLN D 73 9.81 -38.81 -19.80
N TYR D 74 9.24 -40.00 -19.60
CA TYR D 74 8.41 -40.61 -20.62
C TYR D 74 7.24 -39.69 -20.91
N ILE D 75 7.16 -39.19 -22.13
CA ILE D 75 6.09 -38.26 -22.53
C ILE D 75 5.08 -39.05 -23.36
N PRO D 76 3.87 -39.34 -22.84
CA PRO D 76 2.93 -40.19 -23.61
C PRO D 76 2.59 -39.57 -24.95
N GLU D 77 2.22 -40.45 -25.91
CA GLU D 77 2.10 -40.08 -27.33
C GLU D 77 1.20 -38.86 -27.60
N ASP D 78 0.01 -38.82 -27.01
CA ASP D 78 -0.94 -37.77 -27.37
C ASP D 78 -0.49 -36.39 -26.92
N ILE D 79 0.34 -36.30 -25.87
CA ILE D 79 0.78 -35.01 -25.35
C ILE D 79 2.23 -34.71 -25.70
N LYS D 80 2.85 -35.51 -26.57
CA LYS D 80 4.23 -35.21 -26.97
C LYS D 80 4.23 -33.86 -27.69
N PRO D 81 5.13 -32.96 -27.35
CA PRO D 81 5.10 -31.65 -27.99
C PRO D 81 5.45 -31.77 -29.46
N SER D 82 4.81 -30.91 -30.27
CA SER D 82 5.02 -30.84 -31.70
C SER D 82 6.12 -29.83 -32.00
N LEU D 83 6.41 -29.63 -33.29
CA LEU D 83 7.36 -28.58 -33.63
C LEU D 83 6.75 -27.21 -33.35
N THR D 84 5.53 -26.98 -33.81
CA THR D 84 4.90 -25.68 -33.59
C THR D 84 4.74 -25.39 -32.11
N MET D 85 4.35 -26.38 -31.31
CA MET D 85 4.30 -26.16 -29.87
C MET D 85 5.70 -25.89 -29.32
N LEU D 86 6.70 -26.66 -29.77
CA LEU D 86 8.07 -26.42 -29.31
C LEU D 86 8.53 -25.03 -29.70
N ILE D 87 8.32 -24.67 -30.97
CA ILE D 87 8.70 -23.34 -31.43
C ILE D 87 7.99 -22.27 -30.62
N GLN D 88 6.65 -22.34 -30.54
CA GLN D 88 5.87 -21.28 -29.90
C GLN D 88 6.20 -21.16 -28.42
N THR D 89 6.35 -22.29 -27.73
CA THR D 89 6.57 -22.18 -26.29
C THR D 89 7.96 -21.62 -26.02
N LEU D 90 8.99 -22.24 -26.62
CA LEU D 90 10.36 -21.89 -26.26
C LEU D 90 10.80 -20.57 -26.88
N PHE D 91 10.36 -20.26 -28.10
CA PHE D 91 10.78 -19.07 -28.83
C PHE D 91 9.58 -18.33 -29.37
N PRO D 92 8.89 -17.53 -28.52
CA PRO D 92 7.72 -16.80 -29.02
C PRO D 92 8.05 -15.80 -30.11
N ASP D 93 9.12 -15.02 -29.95
CA ASP D 93 9.50 -13.99 -30.92
C ASP D 93 9.72 -14.59 -32.31
N LYS D 94 10.42 -15.72 -32.36
CA LYS D 94 10.73 -16.40 -33.60
C LYS D 94 9.52 -17.16 -34.13
N PHE D 95 8.46 -17.31 -33.33
CA PHE D 95 7.30 -18.10 -33.73
C PHE D 95 6.67 -17.54 -35.00
N GLU D 96 6.61 -16.22 -35.10
CA GLU D 96 6.01 -15.59 -36.27
C GLU D 96 6.88 -15.81 -37.51
N ASP D 97 8.20 -15.74 -37.36
CA ASP D 97 9.09 -16.02 -38.49
C ASP D 97 9.02 -17.50 -38.88
N PHE D 98 8.97 -18.40 -37.91
CA PHE D 98 8.88 -19.84 -38.17
C PHE D 98 7.65 -20.16 -39.01
N LEU D 99 6.51 -19.56 -38.64
CA LEU D 99 5.28 -19.84 -39.35
C LEU D 99 5.45 -19.58 -40.84
N ASP D 100 6.28 -18.58 -41.19
CA ASP D 100 6.49 -18.23 -42.59
C ASP D 100 7.30 -19.27 -43.34
N ARG D 101 8.45 -19.69 -42.78
CA ARG D 101 9.37 -20.59 -43.50
C ARG D 101 8.65 -21.87 -43.89
N THR D 102 7.74 -22.29 -43.04
CA THR D 102 6.99 -23.53 -43.15
C THR D 102 5.67 -23.37 -43.87
N GLN D 103 5.43 -22.23 -44.52
CA GLN D 103 4.14 -22.01 -45.18
C GLN D 103 3.99 -22.96 -46.38
N LEU D 104 5.08 -23.18 -47.12
CA LEU D 104 5.10 -24.15 -48.21
C LEU D 104 5.25 -25.57 -47.71
N HIS D 105 5.79 -25.75 -46.51
CA HIS D 105 5.88 -27.05 -45.85
C HIS D 105 5.04 -27.01 -44.57
N PRO D 106 3.71 -26.94 -44.65
CA PRO D 106 2.91 -27.00 -43.42
C PRO D 106 3.02 -28.34 -42.69
N GLU D 107 3.50 -29.39 -43.36
CA GLU D 107 3.74 -30.68 -42.70
C GLU D 107 4.87 -30.62 -41.68
N PHE D 108 5.89 -29.77 -41.90
CA PHE D 108 6.95 -29.62 -40.90
C PHE D 108 6.44 -29.06 -39.59
N ARG D 109 5.31 -28.35 -39.59
CA ARG D 109 4.86 -27.64 -38.40
C ARG D 109 4.57 -28.59 -37.24
N ASP D 110 4.17 -29.82 -37.53
CA ASP D 110 3.66 -30.74 -36.53
C ASP D 110 4.60 -31.91 -36.19
N LEU D 111 5.78 -32.00 -36.80
CA LEU D 111 6.67 -33.15 -36.56
C LEU D 111 6.99 -33.27 -35.07
N THR D 112 6.89 -34.49 -34.54
CA THR D 112 6.98 -34.73 -33.09
C THR D 112 8.06 -35.75 -32.71
N PRO D 113 9.23 -35.28 -32.32
CA PRO D 113 10.23 -36.20 -31.77
C PRO D 113 9.73 -36.96 -30.56
N ASP D 114 10.23 -38.19 -30.44
CA ASP D 114 9.94 -39.00 -29.26
C ASP D 114 10.34 -38.23 -28.03
N PHE D 115 11.53 -37.68 -28.05
CA PHE D 115 12.03 -36.84 -26.98
C PHE D 115 12.38 -35.48 -27.57
N SER D 116 11.93 -34.43 -26.90
CA SER D 116 12.25 -33.06 -27.22
C SER D 116 12.84 -32.44 -25.96
N LEU D 117 14.16 -32.29 -25.92
CA LEU D 117 14.90 -31.89 -24.73
C LEU D 117 15.32 -30.42 -24.78
N THR D 118 15.55 -29.84 -23.60
CA THR D 118 16.20 -28.52 -23.56
C THR D 118 17.02 -28.33 -22.29
N GLN D 119 18.07 -27.50 -22.40
CA GLN D 119 18.97 -27.25 -21.28
C GLN D 119 18.30 -26.36 -20.26
N LYS D 120 18.30 -26.78 -18.98
CA LYS D 120 17.72 -25.97 -17.91
C LYS D 120 18.35 -24.60 -17.90
N VAL D 121 17.54 -23.54 -17.95
CA VAL D 121 18.04 -22.17 -18.04
C VAL D 121 17.69 -21.44 -16.75
N HIS D 122 18.67 -20.70 -16.22
CA HIS D 122 18.51 -19.69 -15.19
C HIS D 122 19.26 -18.45 -15.67
N PHE D 123 18.69 -17.27 -15.43
CA PHE D 123 19.41 -16.06 -15.85
C PHE D 123 20.22 -15.49 -14.68
N VAL D 151 5.99 -29.26 -4.37
CA VAL D 151 5.94 -28.15 -3.43
C VAL D 151 4.43 -27.77 -3.31
N THR D 152 4.03 -26.48 -3.24
CA THR D 152 2.61 -26.07 -3.29
C THR D 152 2.31 -25.10 -4.44
N GLU D 153 2.81 -25.45 -5.61
CA GLU D 153 2.53 -24.71 -6.82
C GLU D 153 1.17 -25.09 -7.32
N ARG D 154 0.76 -24.35 -8.36
CA ARG D 154 -0.39 -24.68 -9.19
C ARG D 154 -0.25 -26.12 -9.70
N LYS D 155 -1.29 -26.92 -9.51
CA LYS D 155 -1.20 -28.31 -9.91
C LYS D 155 -2.21 -28.75 -10.97
N MET D 156 -3.31 -28.04 -11.16
CA MET D 156 -4.32 -28.39 -12.15
C MET D 156 -4.41 -27.33 -13.24
N PHE D 157 -4.54 -27.80 -14.47
CA PHE D 157 -4.55 -26.96 -15.62
C PHE D 157 -5.72 -27.35 -16.52
N PRO D 158 -6.55 -26.39 -16.94
CA PRO D 158 -7.77 -26.77 -17.68
C PRO D 158 -7.52 -27.37 -19.07
N LEU D 159 -6.52 -26.87 -19.79
CA LEU D 159 -5.81 -27.20 -21.02
C LEU D 159 -4.46 -27.82 -20.72
N PRO D 160 -3.97 -28.69 -21.61
CA PRO D 160 -2.63 -29.24 -21.40
C PRO D 160 -1.60 -28.13 -21.49
N GLU D 161 -0.56 -28.23 -20.66
CA GLU D 161 0.59 -27.35 -20.81
C GLU D 161 1.61 -28.10 -21.65
N THR D 162 1.97 -27.51 -22.78
CA THR D 162 2.96 -28.09 -23.66
C THR D 162 4.23 -28.42 -22.86
N PRO D 163 4.60 -29.71 -22.73
CA PRO D 163 5.58 -30.14 -21.71
C PRO D 163 7.03 -29.80 -22.03
N LEU D 164 7.81 -29.52 -20.95
CA LEU D 164 9.22 -29.12 -21.05
C LEU D 164 10.12 -30.20 -20.48
N ASN D 165 10.79 -30.94 -21.36
CA ASN D 165 11.70 -31.99 -20.94
C ASN D 165 13.02 -31.30 -20.73
N GLU D 166 13.41 -31.12 -19.47
CA GLU D 166 14.61 -30.36 -19.16
C GLU D 166 15.76 -31.26 -18.77
N VAL D 167 16.92 -31.01 -19.41
CA VAL D 167 18.15 -31.79 -19.25
C VAL D 167 19.25 -30.82 -18.85
N HIS D 168 20.24 -31.34 -18.10
CA HIS D 168 21.24 -30.46 -17.52
C HIS D 168 22.22 -29.92 -18.55
N SER D 169 22.60 -30.72 -19.53
CA SER D 169 23.42 -30.22 -20.61
C SER D 169 23.10 -31.02 -21.86
N ILE D 170 22.72 -30.32 -22.94
CA ILE D 170 22.62 -31.03 -24.20
C ILE D 170 24.00 -31.54 -24.61
N GLU D 171 25.05 -30.73 -24.38
CA GLU D 171 26.38 -31.14 -24.85
C GLU D 171 26.86 -32.42 -24.17
N ARG D 172 26.76 -32.49 -22.84
CA ARG D 172 27.23 -33.67 -22.13
C ARG D 172 26.44 -34.91 -22.56
N ILE D 173 25.14 -34.75 -22.79
CA ILE D 173 24.32 -35.82 -23.35
C ILE D 173 24.73 -36.08 -24.80
N MET D 174 25.14 -35.04 -25.52
CA MET D 174 25.67 -35.21 -26.86
C MET D 174 26.98 -35.98 -26.84
N GLU D 175 27.86 -35.65 -25.89
CA GLU D 175 29.16 -36.33 -25.79
C GLU D 175 28.97 -37.82 -25.57
N ASN D 176 28.19 -38.20 -24.57
CA ASN D 176 28.05 -39.61 -24.28
C ASN D 176 27.52 -40.38 -25.48
N PHE D 177 26.78 -39.72 -26.38
CA PHE D 177 26.29 -40.41 -27.57
C PHE D 177 27.35 -40.51 -28.67
N THR D 178 28.22 -39.51 -28.81
CA THR D 178 29.25 -39.66 -29.84
C THR D 178 30.31 -40.70 -29.41
N ARG D 179 30.73 -40.65 -28.13
CA ARG D 179 31.68 -41.64 -27.63
C ARG D 179 31.23 -43.05 -27.92
N LEU D 180 29.97 -43.34 -27.61
CA LEU D 180 29.53 -44.71 -27.73
C LEU D 180 29.46 -45.15 -29.18
N MET D 181 29.65 -44.25 -30.14
CA MET D 181 29.73 -44.69 -31.53
C MET D 181 31.15 -44.98 -31.98
N HIS D 182 32.17 -44.71 -31.12
CA HIS D 182 33.57 -44.93 -31.49
C HIS D 182 34.38 -45.68 -30.41
N GLY D 183 33.70 -46.35 -29.46
CA GLY D 183 34.30 -47.27 -28.49
C GLY D 183 34.85 -46.68 -27.20
N GLY D 184 35.19 -45.39 -27.17
CA GLY D 184 35.75 -44.76 -25.98
C GLY D 184 36.98 -43.91 -26.21
N ASP D 217 26.45 -52.64 -34.79
CA ASP D 217 26.89 -51.88 -33.62
C ASP D 217 26.63 -50.37 -33.63
N TYR D 218 27.08 -49.75 -32.55
CA TYR D 218 26.64 -48.41 -32.18
C TYR D 218 26.84 -47.41 -33.31
N GLY D 219 27.97 -47.45 -34.00
CA GLY D 219 28.13 -46.55 -35.13
C GLY D 219 27.12 -46.80 -36.23
N GLU D 220 26.67 -48.05 -36.36
CA GLU D 220 25.71 -48.40 -37.39
C GLU D 220 24.24 -48.16 -37.00
N ARG D 221 23.93 -48.13 -35.69
CA ARG D 221 22.57 -48.09 -35.17
C ARG D 221 22.10 -46.68 -34.81
N GLY D 222 22.79 -45.65 -35.26
CA GLY D 222 22.39 -44.30 -34.92
C GLY D 222 22.93 -43.29 -35.90
N ILE D 223 22.51 -42.05 -35.69
CA ILE D 223 23.10 -40.85 -36.28
C ILE D 223 23.08 -39.76 -35.20
N VAL D 224 24.13 -38.95 -35.15
CA VAL D 224 24.13 -37.70 -34.37
C VAL D 224 24.43 -36.54 -35.32
N GLU D 225 23.57 -35.52 -35.30
CA GLU D 225 23.63 -34.41 -36.23
C GLU D 225 23.38 -33.14 -35.42
N GLY D 226 24.15 -32.10 -35.62
CA GLY D 226 23.91 -30.83 -34.94
C GLY D 226 23.84 -29.74 -35.98
N ASN D 227 22.91 -28.82 -35.80
CA ASN D 227 22.85 -27.70 -36.74
C ASN D 227 23.98 -26.75 -36.37
N HIS D 228 24.63 -26.21 -37.40
CA HIS D 228 25.96 -25.66 -37.22
C HIS D 228 25.98 -24.35 -36.45
N MET D 229 24.84 -23.79 -36.09
CA MET D 229 24.83 -22.49 -35.45
C MET D 229 25.69 -22.48 -34.19
N ARG D 230 26.32 -21.33 -33.97
CA ARG D 230 27.24 -21.09 -32.88
C ARG D 230 26.50 -20.57 -31.64
N PHE D 231 26.83 -21.13 -30.49
CA PHE D 231 26.44 -20.67 -29.16
C PHE D 231 27.65 -20.54 -28.26
N SER D 232 27.70 -19.39 -27.60
CA SER D 232 28.72 -18.98 -26.67
C SER D 232 28.52 -19.71 -25.35
N GLU D 233 29.51 -19.58 -24.45
CA GLU D 233 29.40 -20.25 -23.15
C GLU D 233 28.34 -19.59 -22.27
N GLU D 234 28.17 -18.26 -22.41
CA GLU D 234 26.98 -17.57 -21.88
C GLU D 234 25.74 -17.87 -22.72
N ASP D 235 25.87 -17.87 -24.05
CA ASP D 235 24.73 -18.16 -24.91
C ASP D 235 24.12 -19.55 -24.68
N GLN D 236 24.92 -20.55 -24.28
CA GLN D 236 24.29 -21.83 -23.96
C GLN D 236 23.54 -21.75 -22.61
N LEU D 237 24.03 -20.94 -21.68
CA LEU D 237 23.41 -20.75 -20.36
C LEU D 237 22.45 -19.55 -20.30
N GLU D 238 22.33 -18.77 -21.38
CA GLU D 238 21.43 -17.64 -21.57
C GLU D 238 20.15 -18.03 -22.31
N THR D 239 20.28 -18.93 -23.27
CA THR D 239 19.31 -19.15 -24.33
C THR D 239 18.88 -20.61 -24.33
N ARG D 240 17.71 -20.85 -24.91
CA ARG D 240 17.17 -22.20 -25.04
C ARG D 240 17.85 -22.91 -26.20
N GLN D 241 18.16 -24.19 -26.00
CA GLN D 241 18.62 -25.10 -27.04
C GLN D 241 17.66 -26.26 -27.17
N LEU D 242 17.78 -27.01 -28.26
CA LEU D 242 16.90 -28.14 -28.52
C LEU D 242 17.69 -29.40 -28.94
N LEU D 243 17.53 -30.47 -28.17
CA LEU D 243 17.88 -31.85 -28.52
C LEU D 243 16.63 -32.68 -28.80
N LEU D 244 16.49 -33.15 -30.04
CA LEU D 244 15.38 -33.96 -30.48
C LEU D 244 15.87 -35.38 -30.69
N VAL D 245 15.20 -36.37 -30.10
CA VAL D 245 15.69 -37.74 -30.11
C VAL D 245 14.61 -38.67 -30.68
N GLU D 246 15.01 -39.61 -31.54
CA GLU D 246 14.12 -40.67 -31.97
C GLU D 246 14.69 -42.01 -31.53
N VAL D 247 13.88 -42.81 -30.84
CA VAL D 247 14.37 -44.11 -30.41
C VAL D 247 13.42 -45.17 -30.94
N GLY D 248 13.99 -46.36 -31.17
CA GLY D 248 13.24 -47.44 -31.76
C GLY D 248 13.74 -48.75 -31.22
N PHE D 249 12.89 -49.77 -31.37
CA PHE D 249 13.20 -51.17 -31.14
C PHE D 249 12.74 -51.94 -32.37
N GLN D 250 12.76 -51.28 -33.52
CA GLN D 250 12.26 -51.86 -34.75
C GLN D 250 13.22 -52.92 -35.29
N THR D 251 12.71 -53.74 -36.23
CA THR D 251 13.55 -54.77 -36.81
C THR D 251 14.59 -54.16 -37.77
N ASP D 252 14.14 -53.37 -38.75
CA ASP D 252 14.98 -52.68 -39.74
C ASP D 252 15.61 -51.44 -39.08
N ILE D 253 16.87 -51.54 -38.67
CA ILE D 253 17.48 -50.50 -37.85
C ILE D 253 17.79 -49.24 -38.67
N ASP D 254 18.63 -49.36 -39.71
CA ASP D 254 18.98 -48.20 -40.56
C ASP D 254 17.78 -47.51 -41.22
N GLY D 255 16.56 -48.03 -41.01
CA GLY D 255 15.38 -47.33 -41.47
C GLY D 255 15.03 -46.13 -40.60
N LYS D 256 14.90 -46.34 -39.28
CA LYS D 256 14.64 -45.25 -38.32
C LYS D 256 15.56 -44.06 -38.60
N ILE D 257 16.85 -44.35 -38.69
CA ILE D 257 17.83 -43.30 -38.72
C ILE D 257 17.85 -42.64 -40.10
N ARG D 258 17.63 -43.41 -41.18
CA ARG D 258 17.58 -42.80 -42.51
C ARG D 258 16.23 -42.15 -42.83
N THR D 259 15.10 -42.76 -42.44
CA THR D 259 13.79 -42.12 -42.68
C THR D 259 13.74 -40.74 -42.05
N ASP D 260 14.09 -40.68 -40.76
CA ASP D 260 14.11 -39.42 -40.05
C ASP D 260 15.16 -38.48 -40.64
N HIS D 261 16.27 -39.01 -41.16
CA HIS D 261 17.34 -38.15 -41.65
C HIS D 261 16.87 -37.29 -42.81
N LYS D 262 16.02 -37.87 -43.66
CA LYS D 262 15.52 -37.14 -44.82
C LYS D 262 14.84 -35.84 -44.38
N LYS D 263 13.86 -35.98 -43.50
CA LYS D 263 13.15 -34.85 -42.92
C LYS D 263 14.09 -33.97 -42.08
N TRP D 264 15.01 -34.60 -41.32
CA TRP D 264 15.68 -33.94 -40.19
C TRP D 264 16.91 -33.15 -40.57
N LYS D 265 17.65 -33.54 -41.61
CA LYS D 265 18.70 -32.64 -42.07
C LYS D 265 18.11 -31.30 -42.48
N ASP D 266 16.95 -31.35 -43.19
CA ASP D 266 16.25 -30.15 -43.66
C ASP D 266 15.67 -29.33 -42.51
N ILE D 267 15.19 -30.00 -41.46
CA ILE D 267 14.60 -29.26 -40.35
C ILE D 267 15.69 -28.54 -39.57
N LEU D 268 16.83 -29.22 -39.33
CA LEU D 268 17.94 -28.58 -38.64
C LEU D 268 18.41 -27.36 -39.40
N LYS D 269 18.40 -27.45 -40.73
CA LYS D 269 18.70 -26.30 -41.60
C LYS D 269 17.79 -25.13 -41.28
N LEU D 270 16.47 -25.38 -41.30
CA LEU D 270 15.47 -24.35 -41.13
C LEU D 270 15.56 -23.72 -39.73
N LEU D 271 15.80 -24.54 -38.70
CA LEU D 271 15.99 -24.02 -37.36
C LEU D 271 17.24 -23.16 -37.23
N GLU D 272 18.24 -23.42 -38.06
CA GLU D 272 19.41 -22.55 -38.02
C GLU D 272 19.15 -21.24 -38.76
N LEU D 273 18.38 -21.25 -39.87
CA LEU D 273 17.93 -19.99 -40.51
C LEU D 273 17.19 -19.09 -39.55
N LEU D 274 16.44 -19.67 -38.63
CA LEU D 274 15.62 -18.92 -37.69
C LEU D 274 16.36 -18.62 -36.40
N GLY D 275 17.63 -18.99 -36.31
CA GLY D 275 18.42 -18.59 -35.17
C GLY D 275 18.26 -19.43 -33.92
N ILE D 276 17.91 -20.70 -34.07
CA ILE D 276 17.71 -21.61 -32.93
C ILE D 276 18.78 -22.68 -33.00
N LYS D 277 19.48 -22.89 -31.88
CA LYS D 277 20.32 -24.07 -31.77
C LYS D 277 19.46 -25.32 -31.59
N CYS D 278 19.65 -26.31 -32.44
CA CYS D 278 18.90 -27.55 -32.36
C CYS D 278 19.84 -28.70 -32.65
N SER D 279 19.71 -29.75 -31.84
CA SER D 279 20.57 -30.92 -31.84
C SER D 279 19.70 -32.16 -32.08
N PHE D 280 20.24 -33.21 -32.70
CA PHE D 280 19.45 -34.37 -33.10
C PHE D 280 20.12 -35.70 -32.73
N VAL D 281 19.30 -36.69 -32.41
CA VAL D 281 19.73 -38.09 -32.25
C VAL D 281 18.64 -39.01 -32.79
N ALA D 282 19.06 -40.00 -33.59
CA ALA D 282 18.22 -41.12 -33.98
C ALA D 282 18.99 -42.37 -33.60
N CYS D 283 18.30 -43.33 -33.02
CA CYS D 283 18.96 -44.60 -32.79
C CYS D 283 17.91 -45.70 -32.68
N ALA D 284 18.40 -46.92 -32.75
CA ALA D 284 17.57 -48.11 -32.77
C ALA D 284 18.37 -49.26 -32.20
N ASP D 285 17.65 -50.24 -31.66
CA ASP D 285 18.14 -51.56 -31.26
C ASP D 285 17.34 -52.63 -31.98
N CYS D 286 17.94 -53.80 -32.14
CA CYS D 286 17.17 -54.93 -32.62
C CYS D 286 17.53 -56.12 -31.77
N SER D 287 16.68 -57.14 -31.85
CA SER D 287 16.76 -58.31 -30.98
C SER D 287 18.14 -58.97 -31.03
N SER D 288 18.79 -58.94 -32.19
CA SER D 288 20.00 -59.71 -32.44
C SER D 288 21.27 -59.07 -31.87
N THR D 289 21.17 -57.89 -31.26
CA THR D 289 22.31 -57.27 -30.60
C THR D 289 22.70 -58.03 -29.34
N PRO D 290 23.99 -58.12 -29.02
CA PRO D 290 24.42 -58.64 -27.71
C PRO D 290 23.84 -57.80 -26.60
N PRO D 291 23.37 -58.45 -25.52
CA PRO D 291 22.82 -57.74 -24.36
C PRO D 291 23.72 -56.65 -23.77
N ASP D 292 25.03 -56.76 -23.87
CA ASP D 292 25.91 -55.73 -23.32
C ASP D 292 25.99 -54.50 -24.21
N ARG D 293 25.29 -54.51 -25.34
CA ARG D 293 25.45 -53.50 -26.39
C ARG D 293 24.15 -52.82 -26.81
N TRP D 294 23.16 -52.78 -25.93
CA TRP D 294 21.98 -52.00 -26.25
C TRP D 294 22.20 -50.54 -25.84
N TRP D 295 21.37 -49.65 -26.38
CA TRP D 295 21.47 -48.27 -25.94
C TRP D 295 20.99 -48.12 -24.51
N ILE D 296 20.22 -49.08 -24.00
CA ILE D 296 19.80 -49.11 -22.60
C ILE D 296 20.62 -50.19 -21.89
N THR D 297 20.78 -49.99 -20.58
CA THR D 297 21.73 -50.81 -19.82
C THR D 297 21.31 -52.27 -19.89
N GLU D 298 22.30 -53.15 -19.74
CA GLU D 298 22.11 -54.56 -20.03
C GLU D 298 21.05 -55.17 -19.13
N ASP D 299 20.98 -54.75 -17.86
CA ASP D 299 19.98 -55.30 -16.94
C ASP D 299 18.56 -54.98 -17.41
N ARG D 300 18.37 -53.80 -18.03
CA ARG D 300 17.06 -53.45 -18.56
C ARG D 300 16.69 -54.37 -19.72
N VAL D 301 17.62 -54.54 -20.67
CA VAL D 301 17.39 -55.39 -21.84
C VAL D 301 17.06 -56.82 -21.42
N ARG D 302 17.53 -57.22 -20.23
CA ARG D 302 17.15 -58.50 -19.66
C ARG D 302 15.63 -58.60 -19.48
N ILE D 303 15.01 -57.49 -19.05
CA ILE D 303 13.57 -57.46 -18.77
C ILE D 303 12.74 -57.31 -20.06
N LEU D 304 13.15 -56.43 -21.00
CA LEU D 304 12.37 -56.20 -22.22
C LEU D 304 12.32 -57.45 -23.10
N LYS D 305 13.42 -58.18 -23.23
CA LYS D 305 13.38 -59.42 -24.00
C LYS D 305 12.55 -60.49 -23.33
N ASN D 306 12.62 -60.57 -21.99
CA ASN D 306 11.85 -61.54 -21.20
C ASN D 306 10.36 -61.23 -21.11
N SER D 307 9.96 -60.01 -21.45
CA SER D 307 8.57 -59.61 -21.33
C SER D 307 7.96 -59.44 -22.72
N VAL D 308 8.38 -58.41 -23.44
CA VAL D 308 7.71 -57.94 -24.64
C VAL D 308 8.13 -58.74 -25.86
N SER D 309 9.44 -58.98 -26.02
CA SER D 309 9.87 -59.81 -27.14
C SER D 309 9.41 -61.25 -26.99
N PHE D 310 9.34 -61.77 -25.75
CA PHE D 310 8.72 -63.08 -25.56
C PHE D 310 7.27 -63.07 -26.02
N LEU D 311 6.57 -61.94 -25.84
CA LEU D 311 5.14 -61.88 -26.17
C LEU D 311 4.92 -61.87 -27.67
N PHE D 312 5.83 -61.24 -28.42
CA PHE D 312 5.84 -61.41 -29.85
C PHE D 312 6.11 -62.85 -30.24
N ASN D 313 7.11 -63.45 -29.59
CA ASN D 313 7.61 -64.74 -30.05
C ASN D 313 6.50 -65.79 -30.03
N LYS D 314 5.64 -65.77 -28.99
CA LYS D 314 4.48 -66.66 -28.93
C LYS D 314 3.39 -66.25 -29.92
N LEU D 315 3.31 -64.94 -30.25
CA LEU D 315 2.29 -64.35 -31.12
C LEU D 315 2.60 -64.51 -32.61
N SER D 316 3.83 -64.87 -32.96
CA SER D 316 4.14 -65.38 -34.28
C SER D 316 3.93 -66.90 -34.39
N ARG D 317 4.02 -67.62 -33.25
CA ARG D 317 3.89 -69.09 -33.24
C ARG D 317 2.45 -69.58 -33.43
N ASN D 318 1.43 -68.85 -32.92
CA ASN D 318 0.03 -69.29 -33.01
C ASN D 318 -0.73 -68.71 -34.21
N SER D 319 -0.21 -67.65 -34.83
CA SER D 319 -0.86 -67.00 -35.96
C SER D 319 -0.39 -67.55 -37.30
N GLU E 1 -16.96 -13.85 -29.86
CA GLU E 1 -16.40 -13.02 -28.80
C GLU E 1 -16.58 -13.66 -27.41
N VAL E 2 -15.50 -13.61 -26.62
CA VAL E 2 -15.51 -14.05 -25.23
C VAL E 2 -15.91 -12.89 -24.31
N MET E 3 -16.88 -13.16 -23.42
CA MET E 3 -17.51 -12.21 -22.48
C MET E 3 -17.97 -12.95 -21.24
N LEU E 4 -17.66 -12.36 -20.08
CA LEU E 4 -18.04 -12.89 -18.76
C LEU E 4 -18.89 -11.82 -18.06
N VAL E 5 -20.13 -12.16 -17.69
CA VAL E 5 -21.05 -11.16 -17.17
C VAL E 5 -21.43 -11.52 -15.74
N GLU E 6 -20.96 -10.73 -14.78
CA GLU E 6 -21.26 -10.95 -13.38
C GLU E 6 -22.42 -10.07 -12.95
N SER E 7 -23.41 -10.69 -12.30
CA SER E 7 -24.53 -10.00 -11.69
C SER E 7 -24.78 -10.63 -10.32
N GLY E 8 -25.19 -9.79 -9.37
CA GLY E 8 -25.47 -10.28 -8.03
C GLY E 8 -26.09 -9.18 -7.18
N ALA E 9 -26.48 -9.55 -5.96
CA ALA E 9 -27.05 -8.60 -5.03
C ALA E 9 -26.12 -7.40 -4.88
N GLU E 10 -26.61 -6.21 -5.25
CA GLU E 10 -25.78 -5.01 -5.24
C GLU E 10 -25.57 -4.50 -3.82
N LEU E 11 -26.53 -4.76 -2.90
CA LEU E 11 -26.43 -4.42 -1.47
C LEU E 11 -27.05 -5.49 -0.58
N VAL E 12 -26.37 -5.83 0.50
CA VAL E 12 -26.93 -6.75 1.51
C VAL E 12 -26.41 -6.34 2.87
N ARG E 13 -27.23 -6.54 3.88
CA ARG E 13 -26.86 -6.19 5.24
C ARG E 13 -25.74 -7.05 5.81
N PRO E 14 -25.05 -6.56 6.83
CA PRO E 14 -24.04 -7.38 7.50
C PRO E 14 -24.65 -8.67 8.04
N GLY E 15 -23.80 -9.67 8.23
CA GLY E 15 -24.23 -10.96 8.70
C GLY E 15 -24.95 -11.80 7.69
N ALA E 16 -25.46 -11.22 6.60
CA ALA E 16 -26.22 -12.00 5.63
C ALA E 16 -25.30 -12.82 4.75
N LEU E 17 -25.92 -13.25 3.66
CA LEU E 17 -25.36 -14.06 2.60
C LEU E 17 -25.60 -13.41 1.25
N VAL E 18 -24.74 -13.70 0.30
CA VAL E 18 -24.91 -13.20 -1.06
C VAL E 18 -24.44 -14.27 -2.06
N ASP E 19 -25.21 -14.45 -3.13
CA ASP E 19 -24.77 -15.19 -4.31
C ASP E 19 -24.53 -14.26 -5.47
N LEU E 20 -23.32 -14.26 -5.97
CA LEU E 20 -22.97 -13.68 -7.25
C LEU E 20 -22.88 -14.76 -8.32
N SER E 21 -23.30 -14.40 -9.52
CA SER E 21 -23.30 -15.30 -10.67
C SER E 21 -22.37 -14.75 -11.76
N CYS E 22 -21.96 -15.64 -12.67
CA CYS E 22 -21.02 -15.30 -13.74
C CYS E 22 -21.52 -15.95 -15.03
N LYS E 23 -22.19 -15.21 -15.91
CA LYS E 23 -22.66 -15.84 -17.13
C LYS E 23 -21.59 -15.77 -18.22
N ALA E 24 -21.20 -16.94 -18.69
CA ALA E 24 -20.22 -17.04 -19.75
C ALA E 24 -20.94 -17.13 -21.08
N SER E 25 -20.58 -16.25 -22.00
CA SER E 25 -21.03 -16.40 -23.39
C SER E 25 -19.80 -16.37 -24.29
N GLY E 26 -19.88 -17.10 -25.40
CA GLY E 26 -18.73 -17.20 -26.27
C GLY E 26 -17.80 -18.38 -26.02
N PHE E 27 -18.10 -19.25 -25.06
CA PHE E 27 -17.30 -20.44 -24.76
C PHE E 27 -18.07 -21.32 -23.79
N ASN E 28 -17.76 -22.60 -23.74
CA ASN E 28 -18.39 -23.41 -22.72
C ASN E 28 -17.42 -23.42 -21.53
N ILE E 29 -17.94 -23.20 -20.32
CA ILE E 29 -17.04 -23.21 -19.19
C ILE E 29 -16.66 -24.61 -18.74
N LYS E 30 -17.24 -25.67 -19.30
CA LYS E 30 -16.64 -26.98 -19.00
C LYS E 30 -15.19 -27.03 -19.46
N ASP E 31 -14.85 -26.26 -20.48
CA ASP E 31 -13.55 -26.28 -21.13
C ASP E 31 -12.53 -25.37 -20.47
N TYR E 32 -12.76 -24.91 -19.25
CA TYR E 32 -11.82 -24.00 -18.60
C TYR E 32 -12.01 -24.08 -17.09
N TYR E 33 -11.15 -23.38 -16.36
CA TYR E 33 -11.55 -23.12 -14.99
C TYR E 33 -12.03 -21.68 -14.91
N ILE E 34 -12.81 -21.40 -13.88
CA ILE E 34 -13.36 -20.08 -13.62
C ILE E 34 -12.87 -19.64 -12.26
N HIS E 35 -12.42 -18.39 -12.17
CA HIS E 35 -11.83 -17.86 -10.96
C HIS E 35 -12.69 -16.73 -10.49
N TRP E 36 -12.56 -16.39 -9.22
CA TRP E 36 -13.13 -15.16 -8.66
C TRP E 36 -11.99 -14.35 -8.07
N VAL E 37 -11.99 -13.06 -8.35
CA VAL E 37 -10.97 -12.13 -7.86
C VAL E 37 -11.69 -10.96 -7.24
N LYS E 38 -11.24 -10.54 -6.05
CA LYS E 38 -11.84 -9.44 -5.29
C LYS E 38 -10.97 -8.22 -5.50
N GLN E 39 -11.58 -7.05 -5.64
CA GLN E 39 -10.80 -5.83 -5.86
C GLN E 39 -11.29 -4.68 -5.00
N ARG E 40 -10.40 -4.13 -4.21
CA ARG E 40 -10.72 -3.02 -3.32
C ARG E 40 -9.78 -1.87 -3.59
N PRO E 41 -10.14 -0.66 -3.17
CA PRO E 41 -9.30 0.51 -3.48
C PRO E 41 -7.91 0.47 -2.86
N GLU E 42 -7.81 0.11 -1.59
CA GLU E 42 -6.50 -0.02 -0.96
C GLU E 42 -6.02 -1.47 -0.94
N GLN E 43 -6.92 -2.37 -0.54
CA GLN E 43 -6.63 -3.78 -0.38
C GLN E 43 -6.10 -4.39 -1.68
N GLY E 44 -6.48 -3.83 -2.82
CA GLY E 44 -5.87 -4.25 -4.05
C GLY E 44 -6.57 -5.45 -4.64
N LEU E 45 -5.97 -5.97 -5.70
CA LEU E 45 -6.50 -7.17 -6.29
C LEU E 45 -6.18 -8.35 -5.37
N GLU E 46 -7.19 -9.19 -5.09
CA GLU E 46 -7.06 -10.34 -4.17
C GLU E 46 -7.71 -11.55 -4.80
N TRP E 47 -6.93 -12.58 -5.09
CA TRP E 47 -7.52 -13.81 -5.61
C TRP E 47 -8.35 -14.53 -4.54
N ILE E 48 -9.37 -15.22 -5.00
CA ILE E 48 -10.21 -16.01 -4.11
C ILE E 48 -10.03 -17.48 -4.41
N GLY E 49 -10.69 -18.01 -5.43
CA GLY E 49 -10.57 -19.41 -5.75
C GLY E 49 -11.01 -19.70 -7.17
N TRP E 50 -10.82 -20.94 -7.60
CA TRP E 50 -11.24 -21.38 -8.92
C TRP E 50 -12.09 -22.62 -8.88
N ILE E 51 -12.96 -22.76 -9.86
CA ILE E 51 -13.74 -23.96 -9.99
C ILE E 51 -13.44 -24.64 -11.32
N ASP E 52 -13.36 -25.95 -11.29
CA ASP E 52 -13.24 -26.78 -12.47
C ASP E 52 -14.64 -27.34 -12.76
N PRO E 53 -15.36 -26.83 -13.76
CA PRO E 53 -16.69 -27.38 -14.04
C PRO E 53 -16.69 -28.78 -14.64
N LYS E 54 -15.57 -29.24 -15.19
CA LYS E 54 -15.59 -30.52 -15.88
C LYS E 54 -15.98 -31.64 -14.93
N ASN E 55 -15.31 -31.69 -13.76
CA ASN E 55 -15.58 -32.68 -12.73
C ASN E 55 -15.76 -32.06 -11.35
N VAL E 56 -15.96 -30.74 -11.28
CA VAL E 56 -16.38 -30.04 -10.07
C VAL E 56 -15.39 -30.20 -8.92
N ASN E 57 -14.18 -29.64 -9.06
CA ASN E 57 -13.20 -29.49 -7.97
C ASN E 57 -12.95 -28.00 -7.71
N THR E 58 -12.76 -27.60 -6.45
CA THR E 58 -12.49 -26.21 -6.15
C THR E 58 -11.27 -26.05 -5.26
N ILE E 59 -10.49 -25.01 -5.55
CA ILE E 59 -9.30 -24.63 -4.81
C ILE E 59 -9.35 -23.15 -4.45
N TYR E 60 -9.30 -22.84 -3.16
CA TYR E 60 -9.38 -21.47 -2.68
C TYR E 60 -8.08 -21.06 -2.00
N ASP E 61 -7.94 -19.75 -1.87
CA ASP E 61 -6.97 -19.15 -0.97
C ASP E 61 -7.43 -19.42 0.44
N PRO E 62 -6.57 -19.94 1.32
CA PRO E 62 -7.03 -20.33 2.65
C PRO E 62 -7.65 -19.19 3.43
N LYS E 63 -7.22 -17.94 3.21
CA LYS E 63 -7.84 -16.85 3.95
C LYS E 63 -9.33 -16.76 3.63
N PHE E 64 -9.74 -17.26 2.46
CA PHE E 64 -11.13 -17.21 2.06
C PHE E 64 -11.90 -18.50 2.33
N GLN E 65 -11.24 -19.61 2.67
CA GLN E 65 -12.00 -20.83 2.88
C GLN E 65 -12.94 -20.68 4.06
N GLY E 66 -14.21 -21.03 3.84
CA GLY E 66 -15.30 -20.71 4.76
C GLY E 66 -16.00 -19.39 4.48
N LYS E 67 -15.37 -18.47 3.76
CA LYS E 67 -16.04 -17.23 3.41
C LYS E 67 -16.66 -17.39 2.05
N ALA E 68 -15.94 -18.08 1.17
CA ALA E 68 -16.29 -18.21 -0.23
C ALA E 68 -16.73 -19.62 -0.48
N THR E 69 -17.57 -19.78 -1.51
CA THR E 69 -17.94 -21.11 -1.99
C THR E 69 -18.35 -20.99 -3.45
N ILE E 70 -17.48 -21.48 -4.32
CA ILE E 70 -17.73 -21.42 -5.74
C ILE E 70 -18.39 -22.71 -6.18
N THR E 71 -19.50 -22.54 -6.88
CA THR E 71 -20.31 -23.61 -7.42
C THR E 71 -20.52 -23.30 -8.89
N ALA E 72 -20.88 -24.30 -9.68
CA ALA E 72 -21.08 -24.04 -11.10
C ALA E 72 -22.22 -24.85 -11.69
N ASP E 73 -22.89 -24.27 -12.69
CA ASP E 73 -23.92 -24.94 -13.51
C ASP E 73 -23.50 -24.88 -14.98
N THR E 74 -22.94 -25.98 -15.50
CA THR E 74 -22.52 -26.00 -16.90
C THR E 74 -23.71 -26.03 -17.86
N SER E 75 -24.87 -26.54 -17.42
CA SER E 75 -26.02 -26.55 -18.32
C SER E 75 -26.48 -25.14 -18.66
N SER E 76 -26.50 -24.23 -17.68
CA SER E 76 -26.81 -22.83 -17.94
C SER E 76 -25.55 -21.97 -18.02
N ASN E 77 -24.39 -22.61 -18.08
CA ASN E 77 -23.13 -21.94 -18.39
C ASN E 77 -22.89 -20.77 -17.48
N THR E 78 -22.97 -21.02 -16.18
CA THR E 78 -22.75 -19.98 -15.20
C THR E 78 -22.01 -20.60 -14.03
N ALA E 79 -21.11 -19.82 -13.44
CA ALA E 79 -20.56 -20.12 -12.12
C ALA E 79 -21.09 -19.11 -11.13
N TYR E 80 -21.09 -19.52 -9.85
CA TYR E 80 -21.61 -18.72 -8.76
C TYR E 80 -20.52 -18.58 -7.72
N LEU E 81 -20.54 -17.44 -7.03
CA LEU E 81 -19.73 -17.22 -5.84
C LEU E 81 -20.68 -16.89 -4.70
N ARG E 82 -20.71 -17.75 -3.70
CA ARG E 82 -21.46 -17.40 -2.50
C ARG E 82 -20.46 -16.91 -1.47
N LEU E 83 -20.70 -15.70 -0.97
CA LEU E 83 -20.00 -15.13 0.18
C LEU E 83 -20.97 -15.04 1.34
N SER E 84 -20.60 -15.67 2.44
CA SER E 84 -21.46 -15.72 3.60
C SER E 84 -20.86 -14.88 4.72
N SER E 85 -21.68 -14.60 5.74
CA SER E 85 -21.20 -13.93 6.93
C SER E 85 -20.61 -12.57 6.55
N LEU E 86 -21.40 -11.79 5.83
CA LEU E 86 -20.89 -10.57 5.24
C LEU E 86 -20.50 -9.52 6.28
N THR E 87 -19.42 -8.80 5.97
CA THR E 87 -18.90 -7.71 6.77
C THR E 87 -18.56 -6.57 5.82
N SER E 88 -18.03 -5.48 6.39
CA SER E 88 -17.50 -4.40 5.57
C SER E 88 -16.25 -4.83 4.80
N GLU E 89 -15.48 -5.77 5.36
CA GLU E 89 -14.32 -6.24 4.65
C GLU E 89 -14.70 -6.92 3.35
N ASP E 90 -15.99 -7.17 3.15
CA ASP E 90 -16.48 -7.83 1.97
C ASP E 90 -17.05 -6.84 0.99
N THR E 91 -17.13 -5.55 1.36
CA THR E 91 -17.52 -4.50 0.42
C THR E 91 -16.39 -4.34 -0.58
N ALA E 92 -16.67 -4.66 -1.84
CA ALA E 92 -15.63 -4.77 -2.86
C ALA E 92 -16.29 -4.94 -4.20
N VAL E 93 -15.47 -4.75 -5.26
CA VAL E 93 -15.82 -5.22 -6.60
C VAL E 93 -15.39 -6.67 -6.70
N TYR E 94 -16.21 -7.49 -7.35
CA TYR E 94 -15.88 -8.88 -7.59
C TYR E 94 -15.91 -9.18 -9.08
N TYR E 95 -14.87 -9.87 -9.58
CA TYR E 95 -14.81 -10.35 -10.96
C TYR E 95 -14.75 -11.87 -11.06
N CYS E 96 -15.42 -12.42 -12.06
CA CYS E 96 -15.03 -13.76 -12.51
C CYS E 96 -14.15 -13.69 -13.76
N VAL E 97 -13.25 -14.67 -13.86
CA VAL E 97 -12.14 -14.64 -14.79
C VAL E 97 -12.03 -15.99 -15.51
N ARG E 98 -11.62 -15.97 -16.77
CA ARG E 98 -11.42 -17.25 -17.43
C ARG E 98 -10.01 -17.75 -17.26
N ASP E 99 -9.93 -19.02 -16.96
CA ASP E 99 -8.66 -19.70 -16.79
C ASP E 99 -8.43 -20.61 -17.98
N VAL E 100 -7.35 -20.30 -18.71
CA VAL E 100 -6.87 -21.07 -19.82
C VAL E 100 -5.51 -21.69 -19.49
N ASN E 101 -5.18 -21.86 -18.19
CA ASN E 101 -3.88 -22.15 -17.55
C ASN E 101 -3.24 -20.86 -17.05
N TYR E 102 -3.76 -19.74 -17.51
CA TYR E 102 -3.44 -18.44 -16.92
C TYR E 102 -4.71 -17.62 -17.03
N LEU E 103 -4.89 -16.66 -16.13
CA LEU E 103 -6.12 -15.88 -16.20
C LEU E 103 -6.02 -14.92 -17.36
N ASP E 104 -6.97 -15.01 -18.32
CA ASP E 104 -6.93 -14.14 -19.50
C ASP E 104 -8.15 -13.21 -19.61
N TYR E 105 -9.39 -13.67 -19.65
CA TYR E 105 -10.49 -12.71 -19.80
C TYR E 105 -11.23 -12.53 -18.47
N TRP E 106 -11.57 -11.27 -18.17
CA TRP E 106 -12.24 -10.84 -16.94
C TRP E 106 -13.61 -10.24 -17.26
N GLY E 107 -14.55 -10.31 -16.31
CA GLY E 107 -15.87 -9.71 -16.49
C GLY E 107 -15.93 -8.20 -16.22
N GLN E 108 -17.12 -7.61 -16.38
CA GLN E 108 -17.26 -6.19 -16.05
C GLN E 108 -17.12 -5.96 -14.56
N GLY E 109 -17.62 -6.90 -13.74
CA GLY E 109 -17.50 -6.87 -12.30
C GLY E 109 -18.78 -6.39 -11.66
N THR E 110 -19.17 -6.98 -10.54
CA THR E 110 -20.35 -6.55 -9.82
C THR E 110 -19.90 -5.95 -8.49
N THR E 111 -20.56 -4.88 -8.08
CA THR E 111 -20.20 -4.21 -6.86
C THR E 111 -21.04 -4.72 -5.70
N LEU E 112 -20.41 -4.90 -4.54
CA LEU E 112 -21.16 -5.27 -3.35
C LEU E 112 -20.79 -4.33 -2.21
N THR E 113 -21.79 -3.70 -1.59
CA THR E 113 -21.58 -2.85 -0.41
C THR E 113 -22.38 -3.49 0.72
N VAL E 114 -21.72 -3.79 1.83
CA VAL E 114 -22.41 -4.52 2.92
C VAL E 114 -22.73 -3.54 4.04
N SER E 115 -24.01 -3.22 4.19
CA SER E 115 -24.45 -2.24 5.23
C SER E 115 -25.96 -2.37 5.41
N SER E 116 -26.54 -1.60 6.34
CA SER E 116 -27.99 -1.70 6.64
C SER E 116 -28.72 -0.45 6.17
N ALA E 117 -27.99 0.53 5.66
CA ALA E 117 -28.62 1.82 5.30
C ALA E 117 -29.87 1.64 4.43
N SER E 118 -30.04 0.48 3.82
CA SER E 118 -31.21 0.20 2.95
C SER E 118 -31.04 0.96 1.64
N THR E 119 -31.80 0.66 0.62
CA THR E 119 -31.57 1.22 -0.73
C THR E 119 -32.09 2.64 -0.67
N LYS E 120 -31.75 3.45 -1.68
CA LYS E 120 -32.29 4.84 -1.76
C LYS E 120 -32.30 5.22 -3.24
N GLY E 121 -33.29 6.01 -3.66
CA GLY E 121 -33.44 6.33 -5.08
C GLY E 121 -32.77 7.64 -5.46
N PRO E 122 -32.02 7.67 -6.58
CA PRO E 122 -31.30 8.87 -6.99
C PRO E 122 -32.24 9.93 -7.57
N SER E 123 -32.04 11.19 -7.20
CA SER E 123 -32.83 12.27 -7.77
C SER E 123 -32.05 12.88 -8.93
N VAL E 124 -32.68 13.06 -10.07
CA VAL E 124 -31.98 13.41 -11.31
C VAL E 124 -32.37 14.84 -11.71
N PHE E 125 -31.40 15.74 -11.68
CA PHE E 125 -31.67 17.16 -11.91
C PHE E 125 -30.93 17.73 -13.12
N PRO E 126 -31.63 18.27 -14.11
CA PRO E 126 -30.95 18.84 -15.29
C PRO E 126 -30.00 19.99 -14.96
N LEU E 127 -28.82 19.94 -15.58
CA LEU E 127 -27.88 21.04 -15.64
C LEU E 127 -27.95 21.62 -17.05
N ALA E 128 -28.26 22.85 -17.17
CA ALA E 128 -28.59 23.32 -18.51
C ALA E 128 -27.49 24.19 -19.10
N PRO E 129 -27.55 24.45 -20.40
CA PRO E 129 -26.54 25.32 -21.07
C PRO E 129 -26.56 26.74 -20.55
N SER E 130 -25.53 27.48 -20.98
CA SER E 130 -25.46 28.96 -20.90
C SER E 130 -25.99 29.56 -19.60
N GLY E 137 -18.81 28.18 -31.24
CA GLY E 137 -18.73 28.08 -29.78
C GLY E 137 -19.22 26.77 -29.19
N THR E 138 -18.74 26.41 -27.97
CA THR E 138 -19.02 25.11 -27.34
C THR E 138 -19.71 25.28 -25.97
N ALA E 139 -20.75 24.45 -25.71
CA ALA E 139 -21.63 24.58 -24.53
C ALA E 139 -21.69 23.30 -23.71
N ALA E 140 -21.83 23.40 -22.39
CA ALA E 140 -21.78 22.25 -21.48
C ALA E 140 -23.10 21.96 -20.80
N LEU E 141 -23.52 20.70 -20.78
CA LEU E 141 -24.75 20.30 -20.08
C LEU E 141 -24.46 19.11 -19.18
N GLY E 142 -25.46 18.62 -18.46
CA GLY E 142 -25.19 17.59 -17.48
C GLY E 142 -26.44 17.00 -16.85
N CYS E 143 -26.21 16.25 -15.76
CA CYS E 143 -27.25 15.66 -14.93
C CYS E 143 -26.65 15.46 -13.54
N LEU E 144 -27.10 16.20 -12.53
CA LEU E 144 -26.71 15.91 -11.15
C LEU E 144 -27.54 14.75 -10.64
N VAL E 145 -26.89 13.67 -10.22
CA VAL E 145 -27.60 12.47 -9.76
C VAL E 145 -27.40 12.37 -8.24
N LYS E 146 -28.45 12.71 -7.47
CA LYS E 146 -28.31 13.09 -6.06
C LYS E 146 -29.03 12.15 -5.09
N ASP E 147 -28.42 11.98 -3.92
CA ASP E 147 -29.01 11.37 -2.72
C ASP E 147 -29.55 9.95 -2.98
N TYR E 148 -28.59 9.02 -3.11
CA TYR E 148 -28.91 7.59 -3.27
C TYR E 148 -27.92 6.86 -2.37
N PHE E 149 -28.22 5.63 -1.93
CA PHE E 149 -27.28 4.99 -0.98
C PHE E 149 -26.40 3.91 -1.60
N PRO E 150 -26.95 2.83 -2.22
CA PRO E 150 -26.08 1.77 -2.72
C PRO E 150 -25.08 2.49 -3.63
N GLU E 151 -23.80 2.12 -3.57
CA GLU E 151 -22.79 2.91 -4.29
C GLU E 151 -22.85 2.87 -5.82
N PRO E 152 -23.01 1.72 -6.50
CA PRO E 152 -22.94 1.70 -7.97
C PRO E 152 -24.12 2.41 -8.65
N VAL E 153 -23.82 3.38 -9.53
CA VAL E 153 -24.82 4.05 -10.39
C VAL E 153 -24.33 4.05 -11.86
N THR E 154 -25.26 4.10 -12.81
CA THR E 154 -24.96 4.11 -14.24
C THR E 154 -25.57 5.30 -14.98
N VAL E 155 -24.72 6.13 -15.58
CA VAL E 155 -25.17 7.23 -16.41
C VAL E 155 -24.79 6.93 -17.85
N SER E 156 -25.72 7.14 -18.75
CA SER E 156 -25.46 7.01 -20.17
C SER E 156 -26.03 8.25 -20.83
N TRP E 157 -25.68 8.53 -22.10
CA TRP E 157 -26.27 9.72 -22.74
C TRP E 157 -26.82 9.43 -24.12
N ASN E 158 -28.04 9.94 -24.37
CA ASN E 158 -28.86 9.54 -25.53
C ASN E 158 -28.83 8.03 -25.67
N SER E 159 -28.86 7.36 -24.51
CA SER E 159 -28.86 5.90 -24.46
C SER E 159 -27.62 5.34 -25.16
N GLY E 160 -26.48 5.95 -24.92
CA GLY E 160 -25.24 5.51 -25.49
C GLY E 160 -24.90 6.09 -26.85
N ALA E 161 -25.81 6.80 -27.49
CA ALA E 161 -25.46 7.34 -28.80
C ALA E 161 -24.50 8.51 -28.67
N LEU E 162 -24.50 9.18 -27.53
CA LEU E 162 -23.56 10.23 -27.28
C LEU E 162 -22.64 9.73 -26.19
N THR E 163 -21.34 9.65 -26.51
CA THR E 163 -20.32 9.22 -25.57
C THR E 163 -19.14 10.21 -25.61
N SER E 164 -18.85 10.77 -26.79
CA SER E 164 -17.69 11.63 -26.85
C SER E 164 -17.95 12.95 -26.12
N GLY E 165 -16.93 13.44 -25.41
CA GLY E 165 -17.01 14.67 -24.66
C GLY E 165 -17.63 14.56 -23.29
N VAL E 166 -18.01 13.34 -22.89
CA VAL E 166 -18.80 13.03 -21.70
C VAL E 166 -17.88 12.70 -20.54
N HIS E 167 -18.22 13.20 -19.35
CA HIS E 167 -17.49 12.98 -18.09
C HIS E 167 -18.47 12.59 -16.98
N THR E 168 -18.20 11.48 -16.34
CA THR E 168 -18.96 11.06 -15.16
C THR E 168 -18.04 11.07 -13.96
N PHE E 169 -18.34 11.95 -13.01
CA PHE E 169 -17.37 12.08 -11.94
C PHE E 169 -17.59 11.00 -10.90
N PRO E 170 -16.53 10.56 -10.25
CA PRO E 170 -16.71 9.56 -9.20
C PRO E 170 -17.65 10.12 -8.16
N ALA E 171 -18.47 9.23 -7.59
CA ALA E 171 -19.46 9.65 -6.60
C ALA E 171 -18.76 10.41 -5.47
N VAL E 172 -19.49 11.30 -4.82
CA VAL E 172 -19.01 11.89 -3.57
C VAL E 172 -19.89 11.38 -2.44
N LEU E 173 -19.27 11.10 -1.31
CA LEU E 173 -20.02 10.64 -0.17
C LEU E 173 -20.30 11.85 0.70
N GLN E 174 -21.53 12.33 0.65
CA GLN E 174 -21.91 13.54 1.34
C GLN E 174 -21.90 13.31 2.84
N SER E 175 -21.99 14.43 3.58
CA SER E 175 -22.13 14.36 5.02
C SER E 175 -23.47 13.74 5.43
N SER E 176 -24.52 13.85 4.58
CA SER E 176 -25.74 13.12 4.92
C SER E 176 -25.55 11.62 4.81
N GLY E 177 -24.41 11.15 4.32
CA GLY E 177 -24.16 9.72 4.16
C GLY E 177 -24.75 9.09 2.90
N LEU E 178 -25.47 9.87 2.09
CA LEU E 178 -25.89 9.45 0.77
C LEU E 178 -24.82 9.84 -0.25
N TYR E 179 -24.76 9.10 -1.36
CA TYR E 179 -23.79 9.46 -2.39
C TYR E 179 -24.36 10.50 -3.34
N SER E 180 -23.47 11.21 -4.01
CA SER E 180 -23.92 12.09 -5.08
C SER E 180 -22.88 12.18 -6.19
N LEU E 181 -23.33 12.17 -7.45
CA LEU E 181 -22.38 12.30 -8.55
C LEU E 181 -22.88 13.25 -9.63
N SER E 182 -21.91 13.67 -10.41
CA SER E 182 -22.08 14.53 -11.55
C SER E 182 -21.81 13.79 -12.86
N SER E 183 -22.53 14.18 -13.92
CA SER E 183 -22.29 13.67 -15.29
C SER E 183 -22.43 14.81 -16.28
N VAL E 184 -21.33 15.24 -16.90
CA VAL E 184 -21.44 16.36 -17.84
C VAL E 184 -20.95 15.95 -19.23
N VAL E 185 -21.43 16.67 -20.23
CA VAL E 185 -21.03 16.50 -21.63
C VAL E 185 -20.89 17.86 -22.27
N THR E 186 -19.84 18.04 -23.07
CA THR E 186 -19.64 19.23 -23.89
C THR E 186 -19.99 18.94 -25.36
N VAL E 187 -20.85 19.79 -25.93
CA VAL E 187 -21.28 19.62 -27.33
C VAL E 187 -21.18 20.98 -28.04
N PRO E 188 -21.17 20.96 -29.37
CA PRO E 188 -21.12 22.23 -30.10
C PRO E 188 -22.35 23.05 -29.78
N SER E 189 -22.16 24.33 -29.58
CA SER E 189 -23.31 25.07 -29.12
C SER E 189 -24.37 25.15 -30.23
N SER E 190 -23.96 25.25 -31.49
CA SER E 190 -24.95 25.32 -32.56
C SER E 190 -25.80 24.05 -32.68
N SER E 191 -25.38 22.95 -32.07
CA SER E 191 -26.21 21.74 -32.00
C SER E 191 -27.30 21.85 -30.98
N LEU E 192 -27.06 22.66 -29.95
CA LEU E 192 -27.91 22.76 -28.78
C LEU E 192 -29.30 23.21 -29.20
N GLY E 193 -30.32 22.48 -28.74
CA GLY E 193 -31.68 22.82 -29.16
C GLY E 193 -32.08 22.30 -30.54
N THR E 194 -31.14 21.72 -31.27
CA THR E 194 -31.36 20.99 -32.52
C THR E 194 -31.35 19.51 -32.30
N GLN E 195 -30.62 19.10 -31.28
CA GLN E 195 -30.39 17.73 -30.92
C GLN E 195 -30.98 17.57 -29.54
N THR E 196 -31.52 16.41 -29.24
CA THR E 196 -32.03 16.23 -27.89
C THR E 196 -30.99 15.48 -27.07
N TYR E 197 -30.89 15.87 -25.79
CA TYR E 197 -29.87 15.36 -24.87
C TYR E 197 -30.61 14.81 -23.67
N ILE E 198 -30.61 13.48 -23.53
CA ILE E 198 -31.28 12.78 -22.44
C ILE E 198 -30.21 12.02 -21.70
N CYS E 199 -30.11 12.21 -20.41
CA CYS E 199 -29.19 11.35 -19.69
C CYS E 199 -30.01 10.22 -19.12
N ASN E 200 -29.54 9.01 -19.31
CA ASN E 200 -30.27 7.83 -18.87
C ASN E 200 -29.50 7.33 -17.66
N VAL E 201 -30.11 7.43 -16.48
CA VAL E 201 -29.43 6.96 -15.27
C VAL E 201 -30.08 5.67 -14.81
N ASN E 202 -29.27 4.79 -14.24
CA ASN E 202 -29.78 3.58 -13.62
C ASN E 202 -29.09 3.37 -12.28
N HIS E 203 -29.89 3.14 -11.25
CA HIS E 203 -29.45 2.72 -9.92
C HIS E 203 -30.10 1.37 -9.64
N LYS E 204 -29.40 0.28 -9.95
CA LYS E 204 -30.04 -1.03 -9.84
C LYS E 204 -30.55 -1.33 -8.42
N PRO E 205 -29.80 -1.05 -7.33
CA PRO E 205 -30.24 -1.49 -5.99
C PRO E 205 -31.54 -0.93 -5.48
N SER E 206 -32.05 0.15 -6.06
CA SER E 206 -33.38 0.67 -5.75
C SER E 206 -34.34 0.45 -6.92
N ASN E 207 -33.89 -0.26 -7.95
CA ASN E 207 -34.64 -0.58 -9.18
C ASN E 207 -35.25 0.67 -9.79
N THR E 208 -34.47 1.76 -9.65
CA THR E 208 -34.72 3.09 -10.19
C THR E 208 -34.16 3.21 -11.60
N LYS E 209 -34.97 3.67 -12.55
CA LYS E 209 -34.49 4.04 -13.87
C LYS E 209 -35.06 5.40 -14.23
N VAL E 210 -34.20 6.33 -14.63
CA VAL E 210 -34.65 7.68 -14.99
C VAL E 210 -34.01 8.10 -16.31
N ASP E 211 -34.83 8.59 -17.23
CA ASP E 211 -34.32 9.17 -18.47
C ASP E 211 -34.76 10.62 -18.40
N LYS E 212 -33.93 11.49 -17.84
CA LYS E 212 -34.29 12.89 -17.77
C LYS E 212 -33.77 13.66 -18.99
N LYS E 213 -34.65 14.41 -19.64
CA LYS E 213 -34.20 15.32 -20.68
C LYS E 213 -33.59 16.56 -20.07
N VAL E 214 -32.47 16.99 -20.62
CA VAL E 214 -31.81 18.20 -20.21
C VAL E 214 -31.87 19.17 -21.37
N GLU E 215 -32.41 20.38 -21.13
CA GLU E 215 -32.55 21.38 -22.17
C GLU E 215 -32.41 22.78 -21.57
N PRO E 216 -32.04 23.81 -22.38
CA PRO E 216 -31.84 25.20 -22.01
C PRO E 216 -32.80 25.75 -20.93
N ASP F 1 2.09 -17.56 0.24
CA ASP F 1 1.71 -16.23 -0.26
C ASP F 1 2.82 -15.43 -0.92
N ILE F 2 3.11 -15.72 -2.20
CA ILE F 2 4.15 -15.00 -2.91
C ILE F 2 3.81 -13.52 -2.84
N LYS F 3 4.78 -12.71 -2.45
CA LYS F 3 4.52 -11.27 -2.44
C LYS F 3 4.92 -10.71 -3.79
N MET F 4 4.04 -9.93 -4.38
CA MET F 4 4.32 -9.32 -5.65
C MET F 4 4.52 -7.83 -5.38
N THR F 5 5.68 -7.31 -5.78
CA THR F 5 6.12 -5.95 -5.49
C THR F 5 6.40 -5.18 -6.80
N GLN F 6 5.69 -4.07 -7.02
CA GLN F 6 5.78 -3.31 -8.26
C GLN F 6 6.42 -1.96 -8.00
N SER F 7 7.37 -1.59 -8.84
CA SER F 7 7.96 -0.28 -8.73
C SER F 7 8.05 0.24 -10.16
N PRO F 8 7.85 1.56 -10.37
CA PRO F 8 7.56 2.59 -9.36
C PRO F 8 6.09 2.54 -9.05
N LEU F 9 5.55 3.19 -8.02
CA LEU F 9 4.10 3.13 -7.87
C LEU F 9 3.40 3.98 -8.91
N SER F 10 4.06 5.07 -9.30
CA SER F 10 3.56 6.01 -10.29
C SER F 10 4.62 6.24 -11.36
N LEU F 11 4.19 6.28 -12.61
CA LEU F 11 5.08 6.45 -13.77
C LEU F 11 4.59 7.53 -14.72
N PRO F 12 4.96 8.79 -14.51
CA PRO F 12 4.65 9.82 -15.51
C PRO F 12 5.58 9.69 -16.71
N VAL F 13 5.00 9.49 -17.89
CA VAL F 13 5.73 9.40 -19.16
C VAL F 13 5.10 10.35 -20.16
N SER F 14 5.90 10.80 -21.12
CA SER F 14 5.41 11.68 -22.17
C SER F 14 5.07 10.83 -23.40
N LEU F 15 4.09 11.25 -24.18
CA LEU F 15 3.67 10.37 -25.30
C LEU F 15 4.86 10.09 -26.21
N GLY F 16 4.95 8.87 -26.75
CA GLY F 16 6.05 8.48 -27.66
C GLY F 16 7.31 8.07 -26.95
N ASP F 17 7.30 8.08 -25.62
CA ASP F 17 8.51 7.77 -24.82
C ASP F 17 8.43 6.29 -24.46
N GLN F 18 9.46 5.76 -23.81
CA GLN F 18 9.45 4.38 -23.35
C GLN F 18 9.24 4.34 -21.84
N ALA F 19 8.47 3.37 -21.41
CA ALA F 19 8.11 3.18 -20.01
C ALA F 19 8.63 1.83 -19.57
N SER F 20 9.13 1.78 -18.35
CA SER F 20 9.64 0.52 -17.82
C SER F 20 8.92 0.28 -16.50
N ILE F 21 8.31 -0.90 -16.37
CA ILE F 21 7.62 -1.27 -15.14
C ILE F 21 8.20 -2.59 -14.62
N SER F 22 8.58 -2.60 -13.34
CA SER F 22 9.31 -3.71 -12.73
C SER F 22 8.43 -4.46 -11.76
N CYS F 23 8.46 -5.79 -11.86
CA CYS F 23 7.76 -6.68 -10.96
C CYS F 23 8.78 -7.68 -10.41
N ARG F 24 8.81 -7.78 -9.08
CA ARG F 24 9.70 -8.64 -8.31
C ARG F 24 8.84 -9.49 -7.38
N SER F 25 9.22 -10.75 -7.18
CA SER F 25 8.40 -11.66 -6.41
C SER F 25 9.15 -12.22 -5.22
N SER F 26 8.38 -12.68 -4.24
CA SER F 26 8.93 -13.23 -3.02
C SER F 26 9.75 -14.48 -3.27
N GLN F 27 9.33 -15.32 -4.21
CA GLN F 27 10.07 -16.55 -4.49
C GLN F 27 10.19 -16.69 -5.99
N SER F 28 10.97 -17.66 -6.44
CA SER F 28 10.99 -17.89 -7.87
C SER F 28 9.61 -18.30 -8.38
N LEU F 29 9.24 -17.76 -9.52
CA LEU F 29 7.97 -18.03 -10.18
C LEU F 29 8.07 -19.18 -11.19
N VAL F 30 9.21 -19.85 -11.23
CA VAL F 30 9.39 -20.99 -12.11
C VAL F 30 8.70 -22.22 -11.57
N HIS F 31 7.87 -22.80 -12.41
CA HIS F 31 7.16 -24.01 -12.09
C HIS F 31 8.10 -25.19 -12.30
N SER F 32 7.88 -26.26 -11.54
CA SER F 32 8.62 -27.48 -11.82
C SER F 32 8.41 -27.97 -13.25
N ASN F 33 7.31 -27.59 -13.90
CA ASN F 33 7.10 -28.03 -15.26
C ASN F 33 7.99 -27.28 -16.22
N GLY F 34 8.73 -26.28 -15.73
CA GLY F 34 9.62 -25.49 -16.55
C GLY F 34 9.03 -24.20 -17.07
N HIS F 35 7.75 -23.93 -16.83
CA HIS F 35 7.15 -22.67 -17.24
C HIS F 35 7.21 -21.65 -16.11
N THR F 36 6.95 -20.38 -16.47
CA THR F 36 6.88 -19.26 -15.53
C THR F 36 5.51 -18.60 -15.60
N TYR F 37 4.81 -18.50 -14.48
CA TYR F 37 3.45 -17.98 -14.48
C TYR F 37 3.42 -16.60 -13.84
N LEU F 38 4.04 -15.67 -14.54
CA LEU F 38 3.94 -14.25 -14.27
C LEU F 38 3.34 -13.53 -15.46
N HIS F 39 2.32 -12.69 -15.20
CA HIS F 39 1.51 -12.04 -16.24
C HIS F 39 1.30 -10.54 -15.93
N TRP F 40 1.07 -9.77 -17.00
CA TRP F 40 0.83 -8.32 -16.92
C TRP F 40 -0.61 -7.97 -17.36
N TYR F 41 -1.29 -7.19 -16.53
CA TYR F 41 -2.64 -6.75 -16.81
C TYR F 41 -2.63 -5.23 -16.78
N LEU F 42 -3.49 -4.63 -17.58
CA LEU F 42 -3.75 -3.19 -17.56
C LEU F 42 -5.24 -2.98 -17.37
N GLN F 43 -5.57 -2.27 -16.30
CA GLN F 43 -6.92 -1.88 -15.97
C GLN F 43 -7.00 -0.40 -16.27
N LYS F 44 -7.71 -0.05 -17.33
CA LYS F 44 -7.93 1.37 -17.61
C LYS F 44 -8.88 1.93 -16.56
N PRO F 45 -8.98 3.24 -16.43
CA PRO F 45 -9.85 3.78 -15.39
C PRO F 45 -11.23 3.20 -15.57
N GLY F 46 -11.77 2.68 -14.47
CA GLY F 46 -13.16 2.28 -14.52
C GLY F 46 -13.48 1.18 -15.50
N GLN F 47 -12.46 0.44 -15.94
CA GLN F 47 -12.70 -0.74 -16.71
C GLN F 47 -12.18 -1.93 -15.93
N SER F 48 -12.47 -3.10 -16.41
CA SER F 48 -11.94 -4.28 -15.79
C SER F 48 -10.50 -4.50 -16.25
N PRO F 49 -9.71 -5.31 -15.51
CA PRO F 49 -8.35 -5.61 -15.96
C PRO F 49 -8.36 -6.38 -17.26
N LYS F 50 -7.46 -6.01 -18.17
CA LYS F 50 -7.33 -6.71 -19.44
C LYS F 50 -5.92 -7.26 -19.55
N LEU F 51 -5.80 -8.49 -20.10
CA LEU F 51 -4.54 -9.22 -20.18
C LEU F 51 -3.63 -8.72 -21.29
N LEU F 52 -2.39 -8.36 -20.94
CA LEU F 52 -1.41 -7.92 -21.94
C LEU F 52 -0.45 -9.04 -22.32
N ILE F 53 0.37 -9.49 -21.36
CA ILE F 53 1.46 -10.40 -21.57
C ILE F 53 1.30 -11.55 -20.59
N TYR F 54 1.25 -12.76 -21.11
CA TYR F 54 1.13 -13.93 -20.26
C TYR F 54 2.40 -14.77 -20.28
N LYS F 55 2.73 -15.31 -19.11
CA LYS F 55 3.94 -16.12 -18.97
C LYS F 55 5.16 -15.36 -19.50
N VAL F 56 5.53 -14.35 -18.72
CA VAL F 56 6.76 -13.55 -18.91
C VAL F 56 6.79 -12.69 -20.18
N SER F 57 6.59 -13.31 -21.33
CA SER F 57 6.97 -12.64 -22.56
C SER F 57 6.03 -12.86 -23.76
N ASN F 58 4.84 -13.42 -23.55
CA ASN F 58 3.89 -13.68 -24.64
C ASN F 58 2.80 -12.60 -24.73
N ARG F 59 2.67 -11.96 -25.89
CA ARG F 59 1.63 -10.97 -26.08
C ARG F 59 0.32 -11.68 -26.19
N PHE F 60 -0.70 -11.10 -25.57
CA PHE F 60 -2.05 -11.62 -25.71
C PHE F 60 -2.62 -11.15 -27.04
N SER F 61 -3.53 -11.95 -27.60
CA SER F 61 -4.14 -11.64 -28.89
C SER F 61 -4.66 -10.22 -28.95
N GLY F 62 -4.35 -9.51 -30.03
CA GLY F 62 -4.81 -8.15 -30.20
C GLY F 62 -4.01 -7.11 -29.48
N VAL F 63 -2.95 -7.51 -28.77
CA VAL F 63 -2.13 -6.60 -27.96
C VAL F 63 -1.03 -6.06 -28.86
N PRO F 64 -0.78 -4.76 -28.84
CA PRO F 64 0.19 -4.18 -29.75
C PRO F 64 1.56 -4.68 -29.44
N ASP F 65 2.42 -4.55 -30.41
CA ASP F 65 3.78 -4.99 -30.21
C ASP F 65 4.61 -3.97 -29.44
N ARG F 66 4.12 -2.77 -29.15
CA ARG F 66 5.02 -1.92 -28.38
C ARG F 66 5.11 -2.36 -26.93
N PHE F 67 4.27 -3.35 -26.57
CA PHE F 67 4.25 -4.00 -25.25
C PHE F 67 5.09 -5.28 -25.30
N SER F 68 6.08 -5.36 -24.40
CA SER F 68 7.03 -6.45 -24.39
C SER F 68 7.30 -6.87 -22.94
N GLY F 69 7.35 -8.18 -22.70
CA GLY F 69 7.55 -8.71 -21.37
C GLY F 69 8.89 -9.45 -21.28
N SER F 70 9.62 -9.16 -20.22
CA SER F 70 10.96 -9.68 -20.03
C SER F 70 11.08 -10.17 -18.60
N GLY F 71 12.15 -10.90 -18.32
CA GLY F 71 12.41 -11.37 -16.97
C GLY F 71 12.59 -12.88 -16.90
N SER F 72 12.93 -13.31 -15.69
CA SER F 72 13.16 -14.70 -15.34
C SER F 72 13.31 -14.80 -13.83
N GLY F 73 13.06 -15.99 -13.31
CA GLY F 73 13.29 -16.18 -11.88
C GLY F 73 12.36 -15.39 -11.00
N THR F 74 12.87 -14.31 -10.41
CA THR F 74 12.03 -13.38 -9.68
C THR F 74 12.05 -11.95 -10.19
N ASP F 75 12.85 -11.63 -11.21
CA ASP F 75 12.88 -10.25 -11.70
C ASP F 75 12.31 -10.16 -13.10
N PHE F 76 11.29 -9.31 -13.24
CA PHE F 76 10.53 -9.13 -14.45
C PHE F 76 10.38 -7.66 -14.77
N THR F 77 10.41 -7.39 -16.06
CA THR F 77 10.29 -6.03 -16.54
C THR F 77 9.31 -6.05 -17.71
N LEU F 78 8.32 -5.17 -17.60
CA LEU F 78 7.40 -4.80 -18.68
C LEU F 78 7.83 -3.45 -19.26
N LYS F 79 7.91 -3.39 -20.60
CA LYS F 79 8.34 -2.20 -21.32
C LYS F 79 7.33 -1.87 -22.40
N ILE F 80 7.01 -0.57 -22.50
CA ILE F 80 6.10 0.04 -23.49
C ILE F 80 6.99 0.86 -24.41
N SER F 81 7.19 0.42 -25.67
CA SER F 81 8.22 1.09 -26.47
C SER F 81 7.80 2.52 -26.83
N ARG F 82 6.54 2.74 -27.20
CA ARG F 82 6.06 4.11 -27.48
C ARG F 82 4.76 4.36 -26.73
N VAL F 83 4.89 5.04 -25.60
CA VAL F 83 3.75 5.43 -24.77
C VAL F 83 2.73 6.12 -25.65
N GLU F 84 1.47 5.70 -25.54
CA GLU F 84 0.37 6.39 -26.21
C GLU F 84 -0.65 6.91 -25.20
N ALA F 85 -1.57 7.74 -25.68
CA ALA F 85 -2.50 8.35 -24.74
C ALA F 85 -3.48 7.32 -24.21
N GLU F 86 -3.92 6.38 -25.07
CA GLU F 86 -4.89 5.38 -24.62
C GLU F 86 -4.32 4.43 -23.59
N ASP F 87 -3.01 4.44 -23.39
CA ASP F 87 -2.35 3.48 -22.53
C ASP F 87 -2.46 3.83 -21.05
N LEU F 88 -3.28 4.82 -20.69
CA LEU F 88 -3.47 5.20 -19.29
C LEU F 88 -3.97 4.04 -18.45
N GLY F 89 -3.57 4.02 -17.20
CA GLY F 89 -4.21 3.06 -16.33
C GLY F 89 -3.23 2.54 -15.31
N ILE F 90 -3.72 1.60 -14.52
CA ILE F 90 -2.91 0.93 -13.52
C ILE F 90 -2.48 -0.41 -14.09
N TYR F 91 -1.16 -0.67 -14.12
CA TYR F 91 -0.60 -1.94 -14.60
C TYR F 91 -0.34 -2.85 -13.43
N PHE F 92 -0.92 -4.03 -13.48
CA PHE F 92 -0.73 -5.03 -12.46
C PHE F 92 0.10 -6.17 -13.07
N CYS F 93 1.03 -6.72 -12.29
CA CYS F 93 1.62 -8.03 -12.55
C CYS F 93 1.01 -9.07 -11.61
N SER F 94 1.05 -10.32 -12.05
CA SER F 94 0.43 -11.41 -11.30
C SER F 94 1.20 -12.69 -11.52
N GLN F 95 1.37 -13.46 -10.44
CA GLN F 95 1.89 -14.82 -10.58
C GLN F 95 0.73 -15.80 -10.44
N SER F 96 0.68 -16.80 -11.37
CA SER F 96 -0.28 -17.90 -11.31
C SER F 96 0.46 -19.23 -11.25
N THR F 97 1.65 -19.18 -10.64
CA THR F 97 2.43 -20.37 -10.37
C THR F 97 1.98 -21.03 -9.10
N HIS F 98 1.77 -20.22 -8.07
CA HIS F 98 1.45 -20.71 -6.75
C HIS F 98 0.09 -20.28 -6.26
N VAL F 99 -0.54 -21.19 -5.53
CA VAL F 99 -1.80 -20.88 -4.89
C VAL F 99 -1.45 -20.36 -3.51
N PRO F 100 -1.98 -19.21 -3.13
CA PRO F 100 -2.94 -18.42 -3.90
C PRO F 100 -2.29 -17.50 -4.92
N PHE F 101 -2.91 -17.31 -6.09
CA PHE F 101 -2.47 -16.28 -7.02
C PHE F 101 -2.35 -14.96 -6.29
N THR F 102 -1.36 -14.19 -6.65
CA THR F 102 -1.19 -12.88 -6.07
C THR F 102 -0.87 -11.82 -7.12
N PHE F 103 -1.33 -10.62 -6.83
CA PHE F 103 -1.20 -9.50 -7.74
C PHE F 103 -0.39 -8.41 -7.04
N GLY F 104 0.36 -7.67 -7.85
CA GLY F 104 1.04 -6.49 -7.36
C GLY F 104 0.07 -5.45 -6.80
N SER F 105 0.65 -4.40 -6.22
CA SER F 105 -0.16 -3.29 -5.75
C SER F 105 -0.53 -2.35 -6.87
N GLY F 106 0.16 -2.41 -8.01
CA GLY F 106 -0.15 -1.58 -9.15
C GLY F 106 0.79 -0.42 -9.44
N THR F 107 1.06 -0.21 -10.73
CA THR F 107 1.78 0.96 -11.24
C THR F 107 0.79 1.84 -12.00
N LYS F 108 0.67 3.11 -11.56
CA LYS F 108 -0.22 4.09 -12.17
C LYS F 108 0.51 4.79 -13.32
N LEU F 109 0.14 4.48 -14.55
CA LEU F 109 0.75 5.12 -15.70
C LEU F 109 0.00 6.40 -16.00
N GLU F 110 0.74 7.49 -16.05
CA GLU F 110 0.15 8.77 -16.32
C GLU F 110 0.72 9.30 -17.60
N ILE F 111 0.13 10.35 -18.14
CA ILE F 111 0.63 10.97 -19.36
C ILE F 111 1.01 12.39 -19.06
N LYS F 112 2.23 12.76 -19.48
CA LYS F 112 2.68 14.14 -19.49
C LYS F 112 2.14 14.84 -20.74
N ARG F 113 1.57 16.04 -20.55
CA ARG F 113 0.85 16.77 -21.59
C ARG F 113 1.20 18.26 -21.56
N THR F 114 1.06 18.91 -22.71
CA THR F 114 1.22 20.37 -22.76
C THR F 114 0.18 20.98 -21.83
N VAL F 115 0.57 22.01 -21.07
CA VAL F 115 -0.37 22.58 -20.12
C VAL F 115 -1.61 23.04 -20.87
N ALA F 116 -2.76 22.88 -20.22
CA ALA F 116 -4.02 23.33 -20.78
C ALA F 116 -4.81 23.99 -19.68
N ALA F 117 -5.10 25.28 -19.84
CA ALA F 117 -5.94 25.97 -18.87
C ALA F 117 -7.30 25.28 -18.81
N PRO F 118 -8.09 25.50 -17.76
CA PRO F 118 -9.42 24.89 -17.70
C PRO F 118 -10.57 25.72 -18.24
N SER F 119 -11.45 25.14 -19.07
CA SER F 119 -12.73 25.80 -19.31
C SER F 119 -13.56 25.61 -18.06
N VAL F 120 -14.36 26.63 -17.73
CA VAL F 120 -15.16 26.58 -16.52
C VAL F 120 -16.62 26.91 -16.87
N PHE F 121 -17.54 26.14 -16.28
CA PHE F 121 -18.97 26.26 -16.49
C PHE F 121 -19.61 26.30 -15.12
N ILE F 122 -20.66 27.11 -14.97
CA ILE F 122 -21.33 27.27 -13.70
C ILE F 122 -22.80 27.01 -13.92
N PHE F 123 -23.35 26.13 -13.08
CA PHE F 123 -24.69 25.57 -13.22
C PHE F 123 -25.62 25.95 -12.06
N PRO F 124 -26.69 26.68 -12.33
CA PRO F 124 -27.69 26.95 -11.30
C PRO F 124 -28.61 25.75 -11.11
N PRO F 125 -29.01 25.50 -9.87
CA PRO F 125 -29.93 24.40 -9.56
C PRO F 125 -31.27 24.56 -10.24
N SER F 126 -31.81 23.43 -10.67
CA SER F 126 -33.05 23.38 -11.42
C SER F 126 -34.24 23.75 -10.54
N ASP F 127 -35.36 24.08 -11.19
CA ASP F 127 -36.57 24.35 -10.43
C ASP F 127 -37.04 23.12 -9.66
N GLU F 128 -36.83 21.94 -10.24
CA GLU F 128 -37.17 20.70 -9.56
C GLU F 128 -36.40 20.55 -8.25
N GLN F 129 -35.13 20.98 -8.24
CA GLN F 129 -34.38 20.91 -6.99
C GLN F 129 -34.86 21.97 -6.00
N LEU F 130 -35.25 23.14 -6.51
CA LEU F 130 -35.79 24.18 -5.64
C LEU F 130 -37.10 23.75 -5.01
N LYS F 131 -38.02 23.17 -5.81
CA LYS F 131 -39.28 22.66 -5.26
C LYS F 131 -39.06 21.55 -4.22
N SER F 132 -38.01 20.73 -4.39
CA SER F 132 -37.64 19.72 -3.40
C SER F 132 -37.04 20.34 -2.15
N GLY F 133 -36.75 21.63 -2.18
CA GLY F 133 -36.28 22.29 -1.01
C GLY F 133 -34.78 22.37 -0.86
N THR F 134 -34.02 21.71 -1.72
CA THR F 134 -32.57 21.93 -1.71
C THR F 134 -32.17 22.71 -2.95
N ALA F 135 -30.93 23.14 -2.94
CA ALA F 135 -30.40 23.89 -4.07
C ALA F 135 -28.92 23.55 -4.17
N SER F 136 -28.55 22.94 -5.30
CA SER F 136 -27.16 22.59 -5.56
C SER F 136 -26.67 23.38 -6.76
N VAL F 137 -25.52 24.03 -6.60
CA VAL F 137 -24.89 24.79 -7.67
C VAL F 137 -23.59 24.08 -8.02
N VAL F 138 -23.35 23.94 -9.32
CA VAL F 138 -22.27 23.10 -9.82
C VAL F 138 -21.25 23.98 -10.55
N CYS F 139 -19.97 23.73 -10.28
CA CYS F 139 -18.90 24.35 -11.07
C CYS F 139 -18.16 23.25 -11.81
N LEU F 140 -18.08 23.41 -13.13
CA LEU F 140 -17.41 22.45 -13.97
C LEU F 140 -16.13 23.06 -14.47
N LEU F 141 -15.04 22.35 -14.27
CA LEU F 141 -13.73 22.69 -14.80
C LEU F 141 -13.45 21.62 -15.83
N ASN F 142 -13.32 21.99 -17.12
CA ASN F 142 -13.35 20.97 -18.16
C ASN F 142 -12.02 20.85 -18.86
N ASN F 143 -11.60 19.61 -19.11
CA ASN F 143 -10.46 19.20 -19.95
C ASN F 143 -9.24 20.11 -19.77
N PHE F 144 -8.53 19.95 -18.65
CA PHE F 144 -7.30 20.67 -18.35
C PHE F 144 -6.16 19.70 -17.94
N TYR F 145 -4.94 20.22 -17.93
CA TYR F 145 -3.73 19.52 -17.48
C TYR F 145 -2.80 20.58 -16.90
N PRO F 146 -2.01 20.26 -15.88
CA PRO F 146 -2.02 19.11 -14.97
C PRO F 146 -3.12 19.16 -13.90
N ARG F 147 -3.28 18.08 -13.13
CA ARG F 147 -4.44 17.86 -12.27
C ARG F 147 -4.61 18.91 -11.18
N GLU F 148 -3.52 19.49 -10.67
CA GLU F 148 -3.65 20.42 -9.54
C GLU F 148 -4.58 21.57 -9.89
N ALA F 149 -5.67 21.71 -9.16
CA ALA F 149 -6.57 22.81 -9.47
C ALA F 149 -7.26 23.29 -8.20
N LYS F 150 -7.53 24.60 -8.16
CA LYS F 150 -8.01 25.25 -6.94
C LYS F 150 -9.38 25.89 -7.19
N VAL F 151 -10.41 25.25 -6.70
CA VAL F 151 -11.74 25.82 -6.80
C VAL F 151 -11.97 26.70 -5.59
N GLN F 152 -12.58 27.86 -5.83
CA GLN F 152 -13.05 28.74 -4.77
C GLN F 152 -14.53 29.00 -5.00
N TRP F 153 -15.33 28.69 -3.99
CA TRP F 153 -16.75 28.97 -4.04
C TRP F 153 -16.96 30.29 -3.32
N LYS F 154 -17.55 31.27 -4.01
CA LYS F 154 -17.80 32.59 -3.41
C LYS F 154 -19.23 33.04 -3.70
N VAL F 155 -20.08 33.09 -2.67
CA VAL F 155 -21.44 33.57 -2.79
C VAL F 155 -21.46 35.03 -2.35
N ASP F 156 -21.74 35.92 -3.31
CA ASP F 156 -21.81 37.36 -3.04
C ASP F 156 -20.50 37.81 -2.36
N ASN F 157 -19.39 37.51 -3.05
CA ASN F 157 -18.00 37.85 -2.70
C ASN F 157 -17.56 37.22 -1.39
N ALA F 158 -18.29 36.24 -0.88
CA ALA F 158 -18.00 35.60 0.40
C ALA F 158 -17.40 34.22 0.19
N LEU F 159 -16.07 34.11 0.37
CA LEU F 159 -15.41 32.82 0.29
C LEU F 159 -15.92 31.90 1.39
N GLN F 160 -16.17 30.63 1.05
CA GLN F 160 -16.70 29.64 1.99
C GLN F 160 -15.80 28.42 2.03
N SER F 161 -16.05 27.58 3.04
CA SER F 161 -15.39 26.29 3.16
C SER F 161 -16.29 25.34 3.93
N GLY F 162 -16.21 24.06 3.59
CA GLY F 162 -16.93 23.03 4.32
C GLY F 162 -18.37 22.78 3.89
N ASN F 163 -18.90 23.57 2.95
CA ASN F 163 -20.20 23.31 2.34
C ASN F 163 -20.03 22.95 0.87
N SER F 164 -18.83 22.51 0.50
CA SER F 164 -18.44 22.19 -0.87
C SER F 164 -17.80 20.81 -0.94
N GLN F 165 -18.20 20.03 -1.93
CA GLN F 165 -17.50 18.78 -2.23
C GLN F 165 -17.00 18.82 -3.68
N GLU F 166 -15.87 18.18 -3.91
CA GLU F 166 -15.39 18.13 -5.29
C GLU F 166 -14.92 16.72 -5.61
N SER F 167 -15.01 16.37 -6.90
CA SER F 167 -14.60 15.09 -7.44
C SER F 167 -13.84 15.39 -8.72
N VAL F 168 -12.82 14.60 -9.02
CA VAL F 168 -11.98 14.78 -10.21
C VAL F 168 -11.95 13.50 -11.03
N THR F 169 -11.89 13.66 -12.33
CA THR F 169 -11.80 12.48 -13.18
C THR F 169 -10.38 11.93 -13.23
N GLU F 170 -10.30 10.69 -13.71
CA GLU F 170 -9.07 10.06 -14.12
C GLU F 170 -8.69 10.58 -15.51
N GLN F 171 -7.41 10.46 -15.87
CA GLN F 171 -6.95 11.00 -17.14
C GLN F 171 -7.73 10.46 -18.31
N ASP F 172 -8.03 11.33 -19.24
CA ASP F 172 -8.87 10.92 -20.34
C ASP F 172 -7.99 10.15 -21.34
N SER F 173 -8.58 9.09 -21.89
CA SER F 173 -7.87 8.17 -22.77
C SER F 173 -7.52 8.83 -24.08
N LYS F 174 -8.32 9.80 -24.54
CA LYS F 174 -8.07 10.48 -25.81
C LYS F 174 -7.00 11.58 -25.70
N ASP F 175 -7.14 12.46 -24.71
CA ASP F 175 -6.30 13.64 -24.62
C ASP F 175 -5.45 13.70 -23.37
N SER F 176 -5.68 12.80 -22.41
CA SER F 176 -4.91 12.75 -21.16
C SER F 176 -5.02 14.05 -20.35
N THR F 177 -6.24 14.54 -20.24
CA THR F 177 -6.62 15.71 -19.46
C THR F 177 -7.60 15.31 -18.36
N TYR F 178 -7.83 16.24 -17.43
CA TYR F 178 -8.73 16.01 -16.34
C TYR F 178 -9.92 16.94 -16.37
N SER F 179 -10.97 16.58 -15.63
CA SER F 179 -12.10 17.45 -15.40
C SER F 179 -12.38 17.46 -13.90
N LEU F 180 -13.11 18.46 -13.42
CA LEU F 180 -13.37 18.52 -11.98
C LEU F 180 -14.71 19.18 -11.72
N SER F 181 -15.55 18.49 -10.97
CA SER F 181 -16.88 18.95 -10.60
C SER F 181 -16.85 19.27 -9.14
N SER F 182 -17.08 20.53 -8.80
CA SER F 182 -17.11 20.95 -7.42
C SER F 182 -18.50 21.47 -7.16
N THR F 183 -19.11 20.96 -6.10
CA THR F 183 -20.53 21.14 -5.83
C THR F 183 -20.67 21.86 -4.49
N LEU F 184 -21.31 23.01 -4.51
CA LEU F 184 -21.63 23.76 -3.30
C LEU F 184 -23.06 23.43 -2.91
N THR F 185 -23.32 23.31 -1.60
CA THR F 185 -24.62 22.88 -1.10
C THR F 185 -25.26 23.93 -0.17
N LEU F 186 -26.53 24.28 -0.42
CA LEU F 186 -27.28 25.28 0.39
C LEU F 186 -28.74 24.87 0.54
N SER F 187 -29.43 25.56 1.48
CA SER F 187 -30.88 25.44 1.69
C SER F 187 -31.64 26.39 0.74
N LYS F 188 -32.86 26.00 0.34
CA LYS F 188 -33.59 26.79 -0.67
C LYS F 188 -33.83 28.21 -0.20
N ALA F 189 -34.13 28.37 1.08
CA ALA F 189 -34.21 29.71 1.65
C ALA F 189 -32.87 30.44 1.50
N ASP F 190 -31.75 29.77 1.84
CA ASP F 190 -30.45 30.45 1.85
C ASP F 190 -29.94 30.77 0.45
N TYR F 191 -30.35 30.00 -0.58
CA TYR F 191 -30.06 30.38 -1.97
C TYR F 191 -30.87 31.61 -2.39
N GLU F 192 -32.18 31.62 -2.12
CA GLU F 192 -33.01 32.77 -2.44
C GLU F 192 -32.56 34.01 -1.67
N LYS F 193 -31.79 33.82 -0.56
CA LYS F 193 -31.23 34.90 0.25
C LYS F 193 -30.23 35.75 -0.52
N HIS F 194 -29.55 35.16 -1.49
CA HIS F 194 -28.51 35.87 -2.18
C HIS F 194 -28.84 35.86 -3.68
N LYS F 195 -28.12 36.66 -4.49
CA LYS F 195 -28.48 36.82 -5.89
C LYS F 195 -27.29 36.53 -6.82
N VAL F 196 -26.05 36.81 -6.37
CA VAL F 196 -24.81 36.66 -7.17
C VAL F 196 -24.02 35.44 -6.70
N TYR F 197 -23.78 34.51 -7.62
CA TYR F 197 -23.01 33.29 -7.37
C TYR F 197 -21.88 33.15 -8.38
N ALA F 198 -20.64 33.00 -7.88
CA ALA F 198 -19.46 32.89 -8.72
C ALA F 198 -18.58 31.68 -8.33
N CYS F 199 -17.79 31.24 -9.32
CA CYS F 199 -16.81 30.18 -9.13
C CYS F 199 -15.45 30.73 -9.56
N GLU F 200 -14.48 30.72 -8.63
CA GLU F 200 -13.14 31.24 -8.88
C GLU F 200 -12.15 30.11 -9.01
N VAL F 201 -11.66 29.91 -10.23
CA VAL F 201 -10.76 28.81 -10.52
C VAL F 201 -9.33 29.33 -10.53
N THR F 202 -8.45 28.64 -9.82
CA THR F 202 -7.03 28.89 -9.83
C THR F 202 -6.30 27.66 -10.35
N HIS F 203 -5.55 27.84 -11.43
CA HIS F 203 -4.81 26.75 -12.04
C HIS F 203 -3.53 27.30 -12.64
N GLN F 204 -2.52 26.41 -12.65
CA GLN F 204 -1.21 26.67 -13.24
C GLN F 204 -1.27 27.33 -14.60
N GLY F 205 -2.10 26.80 -15.50
CA GLY F 205 -2.24 27.34 -16.84
C GLY F 205 -3.00 28.65 -16.96
N LEU F 206 -3.76 29.05 -15.95
CA LEU F 206 -4.34 30.38 -15.90
C LEU F 206 -3.44 31.28 -15.05
N SER F 207 -2.86 32.32 -15.67
CA SER F 207 -1.93 33.17 -14.95
C SER F 207 -2.64 34.06 -13.94
N SER F 208 -3.94 34.25 -14.11
CA SER F 208 -4.76 34.97 -13.19
C SER F 208 -5.90 34.01 -12.89
N PRO F 209 -6.29 33.90 -11.63
CA PRO F 209 -7.48 33.11 -11.33
C PRO F 209 -8.68 33.65 -12.11
N VAL F 210 -9.42 32.72 -12.69
CA VAL F 210 -10.51 33.01 -13.60
C VAL F 210 -11.79 32.77 -12.85
N THR F 211 -12.80 33.60 -13.12
CA THR F 211 -14.06 33.56 -12.40
C THR F 211 -15.22 33.39 -13.38
N LYS F 212 -16.16 32.49 -13.02
CA LYS F 212 -17.44 32.30 -13.71
C LYS F 212 -18.59 32.43 -12.69
N SER F 213 -19.68 33.12 -13.09
CA SER F 213 -20.73 33.53 -12.16
C SER F 213 -22.11 33.64 -12.82
N PHE F 214 -23.15 33.74 -11.98
CA PHE F 214 -24.53 33.92 -12.45
C PHE F 214 -25.37 34.67 -11.40
N ASN F 215 -26.52 35.20 -11.82
CA ASN F 215 -27.46 35.83 -10.91
C ASN F 215 -28.83 35.18 -10.96
N ARG F 216 -29.39 34.97 -9.78
CA ARG F 216 -30.65 34.30 -9.62
C ARG F 216 -31.80 35.06 -10.31
#